data_2K7I
#
_entry.id   2K7I
#
_cell.length_a   1.000
_cell.length_b   1.000
_cell.length_c   1.000
_cell.angle_alpha   90.00
_cell.angle_beta   90.00
_cell.angle_gamma   90.00
#
_symmetry.space_group_name_H-M   'P 1'
#
_entity_poly.entity_id   1
_entity_poly.type   'polypeptide(L)'
_entity_poly.pdbx_seq_one_letter_code
;MGSSHHHHHHSSGRENLYFQGMYKFEIYQDKAGEYRFRFKASNGETMFSSEGYKAKASAIHAIESIKRNSAGADTVDLTT
MTA
;
_entity_poly.pdbx_strand_id   A,B
#
# COMPACT_ATOMS: atom_id res chain seq x y z
N MET A 22 4.32 -15.31 8.31
CA MET A 22 5.20 -14.34 7.62
C MET A 22 4.52 -12.96 7.59
N TYR A 23 3.73 -12.70 6.53
CA TYR A 23 2.95 -11.44 6.35
C TYR A 23 2.03 -11.56 5.14
N LYS A 24 1.02 -10.68 5.08
CA LYS A 24 -0.03 -10.70 4.05
C LYS A 24 -0.82 -9.39 4.02
N PHE A 25 -1.81 -9.33 3.12
CA PHE A 25 -2.73 -8.20 2.96
C PHE A 25 -4.06 -8.53 3.65
N GLU A 26 -4.37 -7.79 4.72
CA GLU A 26 -5.63 -7.92 5.46
C GLU A 26 -6.62 -6.87 4.92
N ILE A 27 -7.70 -7.33 4.25
CA ILE A 27 -8.66 -6.45 3.57
C ILE A 27 -9.87 -6.28 4.46
N TYR A 28 -10.09 -5.07 4.93
CA TYR A 28 -11.22 -4.76 5.80
C TYR A 28 -11.89 -3.47 5.31
N GLN A 29 -13.06 -3.16 5.83
CA GLN A 29 -13.69 -1.86 5.61
C GLN A 29 -13.69 -1.12 6.96
N ASP A 30 -13.46 0.19 6.89
CA ASP A 30 -13.46 1.07 8.06
C ASP A 30 -14.91 1.37 8.48
N LYS A 31 -15.09 1.87 9.72
CA LYS A 31 -16.39 2.31 10.30
C LYS A 31 -17.19 3.22 9.32
N ALA A 32 -16.44 4.03 8.54
CA ALA A 32 -16.97 4.93 7.50
C ALA A 32 -17.44 4.15 6.23
N GLY A 33 -17.46 2.81 6.30
CA GLY A 33 -17.77 1.94 5.16
C GLY A 33 -16.65 1.94 4.12
N GLU A 34 -15.43 2.30 4.56
CA GLU A 34 -14.29 2.53 3.64
C GLU A 34 -13.44 1.28 3.47
N TYR A 35 -13.73 0.52 2.40
CA TYR A 35 -12.91 -0.62 1.97
C TYR A 35 -11.44 -0.19 1.80
N ARG A 36 -10.56 -0.99 2.39
CA ARG A 36 -9.13 -0.74 2.49
C ARG A 36 -8.39 -2.05 2.73
N PHE A 37 -7.07 -2.00 2.67
CA PHE A 37 -6.20 -3.15 2.94
C PHE A 37 -4.91 -2.66 3.59
N ARG A 38 -4.45 -3.40 4.59
CA ARG A 38 -3.16 -3.18 5.25
C ARG A 38 -2.19 -4.28 4.82
N PHE A 39 -0.91 -4.06 5.07
CA PHE A 39 0.13 -5.09 4.86
C PHE A 39 0.94 -5.23 6.15
N LYS A 40 1.31 -6.47 6.46
CA LYS A 40 2.01 -6.82 7.70
C LYS A 40 3.52 -6.96 7.45
N ALA A 41 4.22 -7.33 8.53
CA ALA A 41 5.66 -7.63 8.52
C ALA A 41 5.89 -8.93 9.31
N SER A 42 7.06 -9.57 9.10
CA SER A 42 7.43 -10.86 9.74
C SER A 42 7.36 -10.83 11.29
N ASN A 43 7.54 -9.63 11.89
CA ASN A 43 7.44 -9.42 13.35
C ASN A 43 5.96 -9.15 13.78
N GLY A 44 5.00 -9.47 12.88
CA GLY A 44 3.57 -9.36 13.15
C GLY A 44 3.12 -7.93 13.42
N GLU A 45 3.50 -7.01 12.54
CA GLU A 45 3.22 -5.58 12.70
C GLU A 45 2.84 -4.98 11.34
N THR A 46 1.84 -4.09 11.35
CA THR A 46 1.38 -3.38 10.15
C THR A 46 2.34 -2.21 9.84
N MET A 47 2.57 -2.01 8.54
CA MET A 47 3.51 -0.99 8.03
C MET A 47 2.80 0.03 7.12
N PHE A 48 1.62 -0.32 6.55
CA PHE A 48 0.75 0.67 5.89
C PHE A 48 -0.72 0.24 5.95
N SER A 49 -1.57 1.23 5.73
CA SER A 49 -3.00 1.08 5.45
C SER A 49 -3.31 1.92 4.22
N SER A 50 -4.18 1.41 3.35
CA SER A 50 -4.48 2.04 2.06
C SER A 50 -5.83 2.77 2.12
N GLU A 51 -6.14 3.46 1.02
CA GLU A 51 -7.46 4.04 0.78
C GLU A 51 -8.45 2.96 0.26
N GLY A 52 -7.89 1.80 -0.18
CA GLY A 52 -8.68 0.68 -0.75
C GLY A 52 -9.20 0.91 -2.17
N TYR A 53 -8.93 2.11 -2.72
CA TYR A 53 -9.12 2.50 -4.12
C TYR A 53 -10.59 2.93 -4.39
N LYS A 54 -11.57 2.07 -4.02
CA LYS A 54 -13.01 2.35 -4.20
C LYS A 54 -13.86 1.36 -3.39
N ALA A 55 -13.69 0.06 -3.65
CA ALA A 55 -14.58 -1.01 -3.15
C ALA A 55 -13.75 -2.26 -2.88
N LYS A 56 -14.40 -3.41 -2.57
CA LYS A 56 -13.72 -4.69 -2.34
C LYS A 56 -13.02 -5.18 -3.64
N ALA A 57 -13.78 -5.19 -4.74
CA ALA A 57 -13.28 -5.60 -6.06
C ALA A 57 -12.06 -4.76 -6.49
N SER A 58 -12.12 -3.45 -6.17
CA SER A 58 -11.04 -2.50 -6.44
C SER A 58 -9.85 -2.72 -5.48
N ALA A 59 -10.18 -3.21 -4.26
CA ALA A 59 -9.17 -3.50 -3.21
C ALA A 59 -8.28 -4.68 -3.64
N ILE A 60 -8.91 -5.83 -3.99
CA ILE A 60 -8.19 -7.02 -4.51
C ILE A 60 -7.39 -6.67 -5.78
N HIS A 61 -8.03 -5.96 -6.74
CA HIS A 61 -7.38 -5.54 -8.02
C HIS A 61 -6.13 -4.69 -7.76
N ALA A 62 -6.20 -3.82 -6.74
CA ALA A 62 -5.06 -3.03 -6.28
C ALA A 62 -3.95 -3.98 -5.80
N ILE A 63 -4.31 -4.89 -4.88
CA ILE A 63 -3.37 -5.88 -4.33
C ILE A 63 -2.77 -6.77 -5.46
N GLU A 64 -3.52 -6.95 -6.56
CA GLU A 64 -3.09 -7.75 -7.71
C GLU A 64 -1.84 -7.11 -8.34
N SER A 65 -1.81 -5.76 -8.41
CA SER A 65 -0.62 -5.00 -8.84
C SER A 65 0.62 -5.36 -8.01
N ILE A 66 0.42 -5.57 -6.70
CA ILE A 66 1.52 -5.82 -5.77
C ILE A 66 2.11 -7.20 -6.07
N LYS A 67 1.20 -8.16 -6.35
CA LYS A 67 1.55 -9.57 -6.61
C LYS A 67 2.43 -9.78 -7.84
N ARG A 68 2.39 -8.82 -8.74
CA ARG A 68 3.06 -8.90 -10.05
C ARG A 68 4.60 -8.81 -9.94
N ASN A 69 5.09 -7.67 -9.40
CA ASN A 69 6.55 -7.35 -9.41
C ASN A 69 6.87 -6.23 -8.40
N SER A 70 5.96 -5.97 -7.44
CA SER A 70 6.12 -4.84 -6.48
C SER A 70 7.34 -5.03 -5.55
N ALA A 71 7.66 -6.31 -5.24
CA ALA A 71 8.88 -6.67 -4.50
C ALA A 71 10.15 -6.31 -5.30
N GLY A 72 10.03 -6.20 -6.64
CA GLY A 72 11.11 -5.74 -7.50
C GLY A 72 10.94 -4.32 -8.02
N ALA A 73 9.75 -3.70 -7.77
CA ALA A 73 9.41 -2.34 -8.23
C ALA A 73 10.35 -1.29 -7.62
N ASP A 74 10.57 -0.17 -8.34
CA ASP A 74 11.45 0.91 -7.84
C ASP A 74 10.73 1.73 -6.75
N THR A 75 11.51 2.43 -5.93
CA THR A 75 10.99 3.35 -4.90
C THR A 75 11.49 4.77 -5.18
N VAL A 76 10.63 5.59 -5.80
CA VAL A 76 10.89 6.99 -6.16
C VAL A 76 10.26 7.92 -5.11
N ASP A 77 11.07 8.82 -4.53
CA ASP A 77 10.58 9.84 -3.60
C ASP A 77 10.39 11.20 -4.31
N LEU A 78 9.13 11.62 -4.46
CA LEU A 78 8.77 12.93 -5.03
C LEU A 78 8.92 14.08 -4.00
N THR A 79 8.72 13.79 -2.69
CA THR A 79 8.55 14.85 -1.64
C THR A 79 9.90 15.44 -1.14
N THR A 80 11.01 15.16 -1.85
CA THR A 80 12.30 15.84 -1.64
C THR A 80 12.25 17.24 -2.28
N MET A 81 11.45 18.14 -1.65
CA MET A 81 11.10 19.46 -2.19
C MET A 81 11.46 20.56 -1.18
N THR A 82 12.21 21.59 -1.64
CA THR A 82 12.63 22.73 -0.80
C THR A 82 11.40 23.60 -0.43
N ALA A 83 11.10 23.71 0.87
CA ALA A 83 9.95 24.44 1.39
C ALA A 83 10.33 25.14 2.72
N MET B 22 8.14 0.80 -15.83
CA MET B 22 7.16 -0.28 -15.62
C MET B 22 6.10 0.19 -14.60
N TYR B 23 6.45 0.13 -13.30
CA TYR B 23 5.67 0.71 -12.18
C TYR B 23 6.54 0.76 -10.92
N LYS B 24 6.18 1.65 -9.99
CA LYS B 24 7.00 1.98 -8.80
C LYS B 24 6.19 2.68 -7.70
N PHE B 25 6.87 2.98 -6.58
CA PHE B 25 6.30 3.69 -5.44
C PHE B 25 6.68 5.17 -5.48
N GLU B 26 5.69 6.04 -5.69
CA GLU B 26 5.88 7.50 -5.71
C GLU B 26 5.58 8.04 -4.30
N ILE B 27 6.60 8.55 -3.60
CA ILE B 27 6.49 8.99 -2.20
C ILE B 27 6.34 10.51 -2.18
N TYR B 28 5.20 10.97 -1.73
CA TYR B 28 4.90 12.40 -1.67
C TYR B 28 4.27 12.70 -0.30
N GLN B 29 4.16 13.99 0.02
CA GLN B 29 3.37 14.43 1.19
C GLN B 29 2.15 15.17 0.66
N ASP B 30 1.01 14.99 1.32
CA ASP B 30 -0.25 15.65 0.98
C ASP B 30 -0.21 17.09 1.50
N LYS B 31 -1.14 17.94 1.01
CA LYS B 31 -1.32 19.36 1.44
C LYS B 31 -1.40 19.50 2.98
N ALA B 32 -1.96 18.47 3.63
CA ALA B 32 -2.06 18.35 5.10
C ALA B 32 -0.70 18.02 5.78
N GLY B 33 0.39 18.05 4.99
CA GLY B 33 1.73 17.62 5.43
C GLY B 33 1.84 16.13 5.66
N GLU B 34 0.94 15.36 5.01
CA GLU B 34 0.78 13.92 5.26
C GLU B 34 1.65 13.09 4.31
N TYR B 35 2.84 12.71 4.78
CA TYR B 35 3.72 11.77 4.07
C TYR B 35 2.98 10.45 3.79
N ARG B 36 3.05 10.06 2.52
CA ARG B 36 2.32 8.93 1.91
C ARG B 36 3.12 8.40 0.71
N PHE B 37 2.67 7.26 0.18
CA PHE B 37 3.23 6.68 -1.04
C PHE B 37 2.12 5.98 -1.81
N ARG B 38 2.13 6.13 -3.12
CA ARG B 38 1.23 5.43 -4.03
C ARG B 38 2.02 4.36 -4.79
N PHE B 39 1.31 3.43 -5.44
CA PHE B 39 1.93 2.43 -6.33
C PHE B 39 1.20 2.48 -7.66
N LYS B 40 1.98 2.32 -8.75
CA LYS B 40 1.49 2.41 -10.12
C LYS B 40 1.23 1.02 -10.71
N ALA B 41 0.83 1.02 -11.99
CA ALA B 41 0.61 -0.19 -12.79
C ALA B 41 1.26 0.03 -14.16
N SER B 42 1.52 -1.07 -14.90
CA SER B 42 2.18 -1.06 -16.23
C SER B 42 1.50 -0.12 -17.25
N ASN B 43 0.18 0.08 -17.11
CA ASN B 43 -0.63 0.97 -17.98
C ASN B 43 -0.59 2.44 -17.46
N GLY B 44 0.40 2.74 -16.58
CA GLY B 44 0.65 4.09 -16.06
C GLY B 44 -0.50 4.66 -15.25
N GLU B 45 -1.01 3.86 -14.31
CA GLU B 45 -2.17 4.22 -13.48
C GLU B 45 -1.96 3.79 -12.03
N THR B 46 -2.37 4.65 -11.09
CA THR B 46 -2.28 4.37 -9.65
C THR B 46 -3.42 3.43 -9.22
N MET B 47 -3.09 2.52 -8.30
CA MET B 47 -4.01 1.49 -7.81
C MET B 47 -4.22 1.60 -6.29
N PHE B 48 -3.29 2.25 -5.55
CA PHE B 48 -3.53 2.62 -4.14
C PHE B 48 -2.72 3.87 -3.76
N SER B 49 -3.18 4.48 -2.67
CA SER B 49 -2.45 5.51 -1.91
C SER B 49 -2.51 5.11 -0.45
N SER B 50 -1.40 5.32 0.28
CA SER B 50 -1.27 4.86 1.66
C SER B 50 -1.47 6.03 2.63
N GLU B 51 -1.43 5.71 3.92
CA GLU B 51 -1.39 6.70 5.01
C GLU B 51 0.07 7.19 5.22
N GLY B 52 1.05 6.46 4.64
CA GLY B 52 2.49 6.76 4.78
C GLY B 52 3.10 6.41 6.13
N TYR B 53 2.25 5.90 7.04
CA TYR B 53 2.65 5.31 8.34
C TYR B 53 2.87 6.40 9.42
N LYS B 54 3.73 7.39 9.13
CA LYS B 54 4.06 8.49 10.08
C LYS B 54 4.80 9.63 9.35
N ALA B 55 5.94 9.30 8.73
CA ALA B 55 6.89 10.30 8.19
C ALA B 55 7.54 9.73 6.93
N LYS B 56 8.57 10.40 6.38
CA LYS B 56 9.31 9.94 5.20
C LYS B 56 10.08 8.64 5.51
N ALA B 57 10.82 8.66 6.63
CA ALA B 57 11.61 7.50 7.11
C ALA B 57 10.70 6.27 7.31
N SER B 58 9.48 6.53 7.83
CA SER B 58 8.45 5.51 8.06
C SER B 58 7.83 5.04 6.73
N ALA B 59 7.79 5.97 5.75
CA ALA B 59 7.24 5.72 4.41
C ALA B 59 8.13 4.72 3.65
N ILE B 60 9.44 5.01 3.55
CA ILE B 60 10.43 4.11 2.93
C ILE B 60 10.45 2.74 3.64
N HIS B 61 10.50 2.76 5.01
CA HIS B 61 10.51 1.52 5.84
C HIS B 61 9.28 0.63 5.56
N ALA B 62 8.13 1.28 5.36
CA ALA B 62 6.90 0.60 4.95
C ALA B 62 7.12 -0.07 3.59
N ILE B 63 7.57 0.72 2.61
CA ILE B 63 7.85 0.22 1.25
C ILE B 63 8.90 -0.92 1.28
N GLU B 64 9.79 -0.90 2.29
CA GLU B 64 10.83 -1.93 2.46
C GLU B 64 10.19 -3.30 2.68
N SER B 65 9.08 -3.33 3.47
CA SER B 65 8.25 -4.55 3.64
C SER B 65 7.78 -5.13 2.30
N ILE B 66 7.42 -4.23 1.38
CA ILE B 66 6.87 -4.64 0.08
C ILE B 66 7.97 -5.33 -0.74
N LYS B 67 9.19 -4.76 -0.66
CA LYS B 67 10.35 -5.23 -1.44
C LYS B 67 10.80 -6.65 -1.09
N ARG B 68 10.40 -7.09 0.10
CA ARG B 68 10.85 -8.36 0.68
C ARG B 68 10.23 -9.58 -0.05
N ASN B 69 8.88 -9.67 -0.02
CA ASN B 69 8.14 -10.88 -0.50
C ASN B 69 6.64 -10.55 -0.72
N SER B 70 6.29 -9.27 -0.84
CA SER B 70 4.88 -8.84 -0.97
C SER B 70 4.23 -9.35 -2.28
N ALA B 71 5.05 -9.46 -3.34
CA ALA B 71 4.63 -10.08 -4.62
C ALA B 71 4.27 -11.58 -4.44
N GLY B 72 4.82 -12.20 -3.38
CA GLY B 72 4.48 -13.58 -3.00
C GLY B 72 3.57 -13.68 -1.77
N ALA B 73 3.33 -12.54 -1.08
CA ALA B 73 2.51 -12.48 0.15
C ALA B 73 1.06 -12.91 -0.11
N ASP B 74 0.38 -13.46 0.89
CA ASP B 74 -1.03 -13.89 0.77
C ASP B 74 -1.98 -12.66 0.78
N THR B 75 -3.17 -12.84 0.24
CA THR B 75 -4.22 -11.82 0.26
C THR B 75 -5.46 -12.36 1.01
N VAL B 76 -5.57 -11.95 2.29
CA VAL B 76 -6.67 -12.35 3.20
C VAL B 76 -7.71 -11.22 3.27
N ASP B 77 -8.98 -11.54 2.99
CA ASP B 77 -10.10 -10.59 3.12
C ASP B 77 -10.85 -10.82 4.45
N LEU B 78 -10.71 -9.85 5.37
CA LEU B 78 -11.42 -9.82 6.66
C LEU B 78 -12.89 -9.35 6.50
N THR B 79 -13.17 -8.47 5.50
CA THR B 79 -14.46 -7.74 5.42
C THR B 79 -15.59 -8.61 4.79
N THR B 80 -15.29 -9.90 4.54
CA THR B 80 -16.30 -10.92 4.20
C THR B 80 -17.11 -11.26 5.47
N MET B 81 -16.42 -11.23 6.62
CA MET B 81 -17.04 -11.22 7.97
C MET B 81 -16.41 -10.05 8.76
N THR B 82 -16.89 -8.82 8.46
CA THR B 82 -16.24 -7.56 8.86
C THR B 82 -16.09 -7.41 10.39
N ALA B 83 -14.99 -6.76 10.81
CA ALA B 83 -14.59 -6.64 12.22
C ALA B 83 -14.36 -5.14 12.57
N MET A 22 4.59 -15.84 7.11
CA MET A 22 5.39 -14.61 6.93
C MET A 22 4.48 -13.38 7.11
N TYR A 23 3.73 -12.99 6.05
CA TYR A 23 2.79 -11.87 6.09
C TYR A 23 1.75 -11.93 4.95
N LYS A 24 0.77 -10.99 5.02
CA LYS A 24 -0.38 -10.97 4.11
C LYS A 24 -1.01 -9.55 4.04
N PHE A 25 -2.00 -9.40 3.15
CA PHE A 25 -2.81 -8.20 3.00
C PHE A 25 -4.16 -8.38 3.70
N GLU A 26 -4.45 -7.51 4.67
CA GLU A 26 -5.70 -7.52 5.44
C GLU A 26 -6.72 -6.60 4.78
N ILE A 27 -7.75 -7.19 4.13
CA ILE A 27 -8.79 -6.41 3.43
C ILE A 27 -10.03 -6.35 4.33
N TYR A 28 -10.34 -5.16 4.78
CA TYR A 28 -11.45 -4.92 5.68
C TYR A 28 -12.16 -3.66 5.25
N GLN A 29 -13.21 -3.33 5.98
CA GLN A 29 -13.81 -2.00 5.94
C GLN A 29 -13.63 -1.40 7.35
N ASP A 30 -13.34 -0.11 7.39
CA ASP A 30 -13.21 0.62 8.65
C ASP A 30 -14.62 0.92 9.18
N LYS A 31 -14.73 1.32 10.45
CA LYS A 31 -16.01 1.66 11.11
C LYS A 31 -16.85 2.68 10.29
N ALA A 32 -16.14 3.60 9.63
CA ALA A 32 -16.73 4.63 8.73
C ALA A 32 -17.22 4.02 7.36
N GLY A 33 -17.15 2.67 7.25
CA GLY A 33 -17.46 1.93 6.02
C GLY A 33 -16.36 2.06 4.97
N GLU A 34 -15.10 2.23 5.43
CA GLU A 34 -13.97 2.55 4.54
C GLU A 34 -13.25 1.26 4.10
N TYR A 35 -13.72 0.66 2.98
CA TYR A 35 -13.04 -0.50 2.36
C TYR A 35 -11.59 -0.15 1.96
N ARG A 36 -10.67 -0.98 2.47
CA ARG A 36 -9.23 -0.77 2.37
C ARG A 36 -8.45 -1.99 2.82
N PHE A 37 -7.15 -2.01 2.48
CA PHE A 37 -6.24 -3.10 2.81
C PHE A 37 -4.99 -2.58 3.52
N ARG A 38 -4.50 -3.37 4.47
CA ARG A 38 -3.21 -3.17 5.13
C ARG A 38 -2.24 -4.24 4.63
N PHE A 39 -0.95 -4.03 4.89
CA PHE A 39 0.08 -5.06 4.66
C PHE A 39 0.86 -5.24 5.97
N LYS A 40 1.14 -6.49 6.29
CA LYS A 40 1.75 -6.90 7.55
C LYS A 40 3.25 -7.16 7.41
N ALA A 41 3.86 -7.57 8.53
CA ALA A 41 5.26 -7.98 8.63
C ALA A 41 5.32 -9.32 9.38
N SER A 42 6.46 -10.02 9.24
CA SER A 42 6.74 -11.31 9.91
C SER A 42 6.55 -11.30 11.46
N ASN A 43 6.69 -10.12 12.10
CA ASN A 43 6.50 -9.95 13.56
C ASN A 43 5.01 -9.71 13.91
N GLY A 44 4.14 -9.65 12.89
CA GLY A 44 2.74 -9.27 13.05
C GLY A 44 2.55 -7.77 13.15
N GLU A 45 3.45 -7.01 12.50
CA GLU A 45 3.44 -5.53 12.51
C GLU A 45 2.89 -4.99 11.18
N THR A 46 1.85 -4.14 11.27
CA THR A 46 1.31 -3.43 10.09
C THR A 46 2.22 -2.24 9.73
N MET A 47 2.59 -2.17 8.46
CA MET A 47 3.52 -1.15 7.93
C MET A 47 2.80 -0.10 7.06
N PHE A 48 1.58 -0.41 6.57
CA PHE A 48 0.70 0.63 5.97
C PHE A 48 -0.78 0.22 6.00
N SER A 49 -1.61 1.24 5.80
CA SER A 49 -3.05 1.11 5.55
C SER A 49 -3.36 1.94 4.30
N SER A 50 -4.25 1.42 3.45
CA SER A 50 -4.57 2.03 2.14
C SER A 50 -5.90 2.80 2.23
N GLU A 51 -6.28 3.43 1.11
CA GLU A 51 -7.61 4.02 0.93
C GLU A 51 -8.55 3.00 0.24
N GLY A 52 -7.98 1.85 -0.20
CA GLY A 52 -8.73 0.75 -0.82
C GLY A 52 -9.12 0.99 -2.27
N TYR A 53 -8.66 2.14 -2.82
CA TYR A 53 -8.85 2.55 -4.22
C TYR A 53 -10.29 3.05 -4.47
N LYS A 54 -11.30 2.16 -4.29
CA LYS A 54 -12.72 2.50 -4.51
C LYS A 54 -13.65 1.61 -3.64
N ALA A 55 -13.41 0.30 -3.70
CA ALA A 55 -14.28 -0.72 -3.06
C ALA A 55 -13.45 -1.95 -2.69
N LYS A 56 -14.08 -3.05 -2.18
CA LYS A 56 -13.32 -4.25 -1.78
C LYS A 56 -12.77 -4.98 -3.01
N ALA A 57 -13.61 -5.17 -4.05
CA ALA A 57 -13.20 -5.82 -5.31
C ALA A 57 -12.05 -5.05 -5.96
N SER A 58 -12.17 -3.71 -5.91
CA SER A 58 -11.16 -2.77 -6.40
C SER A 58 -9.86 -2.87 -5.57
N ALA A 59 -10.03 -3.22 -4.28
CA ALA A 59 -8.91 -3.41 -3.34
C ALA A 59 -8.11 -4.68 -3.71
N ILE A 60 -8.80 -5.82 -4.00
CA ILE A 60 -8.15 -7.05 -4.54
C ILE A 60 -7.34 -6.74 -5.81
N HIS A 61 -7.97 -6.05 -6.79
CA HIS A 61 -7.33 -5.70 -8.10
C HIS A 61 -6.06 -4.86 -7.88
N ALA A 62 -6.12 -3.96 -6.87
CA ALA A 62 -4.98 -3.18 -6.44
C ALA A 62 -3.88 -4.11 -5.91
N ILE A 63 -4.24 -5.02 -5.01
CA ILE A 63 -3.28 -6.00 -4.44
C ILE A 63 -2.70 -6.92 -5.54
N GLU A 64 -3.44 -7.10 -6.65
CA GLU A 64 -2.99 -7.95 -7.77
C GLU A 64 -1.81 -7.29 -8.49
N SER A 65 -1.78 -5.93 -8.49
CA SER A 65 -0.62 -5.15 -8.94
C SER A 65 0.64 -5.50 -8.15
N ILE A 66 0.46 -5.72 -6.82
CA ILE A 66 1.57 -5.94 -5.90
C ILE A 66 2.23 -7.29 -6.23
N LYS A 67 1.36 -8.30 -6.51
CA LYS A 67 1.75 -9.68 -6.86
C LYS A 67 2.66 -9.77 -8.09
N ARG A 68 2.53 -8.82 -9.01
CA ARG A 68 3.18 -8.89 -10.33
C ARG A 68 4.71 -8.69 -10.26
N ASN A 69 5.16 -7.65 -9.52
CA ASN A 69 6.60 -7.25 -9.49
C ASN A 69 6.87 -6.12 -8.46
N SER A 70 5.93 -5.89 -7.52
CA SER A 70 6.05 -4.78 -6.56
C SER A 70 7.24 -4.97 -5.60
N ALA A 71 7.58 -6.23 -5.29
CA ALA A 71 8.80 -6.55 -4.54
C ALA A 71 10.07 -6.03 -5.26
N GLY A 72 10.07 -6.11 -6.61
CA GLY A 72 11.19 -5.64 -7.42
C GLY A 72 11.01 -4.21 -7.94
N ALA A 73 9.89 -3.55 -7.57
CA ALA A 73 9.56 -2.17 -8.01
C ALA A 73 10.57 -1.13 -7.50
N ASP A 74 10.64 0.01 -8.19
CA ASP A 74 11.51 1.13 -7.79
C ASP A 74 10.79 1.97 -6.72
N THR A 75 11.55 2.66 -5.87
CA THR A 75 11.00 3.53 -4.82
C THR A 75 11.45 4.99 -5.06
N VAL A 76 10.53 5.81 -5.64
CA VAL A 76 10.82 7.21 -6.02
C VAL A 76 10.15 8.18 -5.02
N ASP A 77 10.93 9.14 -4.52
CA ASP A 77 10.44 10.20 -3.62
C ASP A 77 10.19 11.49 -4.43
N LEU A 78 8.91 11.82 -4.62
CA LEU A 78 8.47 13.06 -5.29
C LEU A 78 8.59 14.28 -4.34
N THR A 79 8.76 14.02 -3.04
CA THR A 79 8.93 15.07 -2.01
C THR A 79 10.44 15.22 -1.64
N THR A 80 11.34 14.78 -2.56
CA THR A 80 12.81 14.96 -2.44
C THR A 80 13.16 16.45 -2.27
N MET A 81 13.64 16.82 -1.08
CA MET A 81 14.01 18.20 -0.76
C MET A 81 15.55 18.35 -0.89
N THR A 82 16.07 17.80 -1.99
CA THR A 82 17.51 17.70 -2.26
C THR A 82 18.12 19.08 -2.59
N ALA A 83 18.99 19.57 -1.69
CA ALA A 83 19.69 20.86 -1.83
C ALA A 83 20.91 20.87 -0.86
N MET B 22 8.65 -0.10 -15.67
CA MET B 22 7.38 -0.84 -15.42
C MET B 22 6.50 0.01 -14.48
N TYR B 23 6.87 0.06 -13.19
CA TYR B 23 6.18 0.88 -12.18
C TYR B 23 7.06 1.11 -10.93
N LYS B 24 6.57 1.97 -10.02
CA LYS B 24 7.31 2.42 -8.84
C LYS B 24 6.36 2.93 -7.73
N PHE B 25 6.96 3.26 -6.57
CA PHE B 25 6.27 3.87 -5.42
C PHE B 25 6.53 5.37 -5.40
N GLU B 26 5.46 6.17 -5.48
CA GLU B 26 5.52 7.63 -5.45
C GLU B 26 5.36 8.13 -4.01
N ILE B 27 6.46 8.62 -3.40
CA ILE B 27 6.45 9.10 -2.02
C ILE B 27 6.39 10.63 -2.04
N TYR B 28 5.30 11.15 -1.55
CA TYR B 28 5.03 12.58 -1.56
C TYR B 28 4.39 12.95 -0.22
N GLN B 29 4.12 14.23 -0.07
CA GLN B 29 3.21 14.73 0.96
C GLN B 29 2.03 15.36 0.22
N ASP B 30 0.83 15.16 0.77
CA ASP B 30 -0.40 15.76 0.23
C ASP B 30 -0.44 17.22 0.67
N LYS B 31 -1.31 18.04 0.05
CA LYS B 31 -1.51 19.47 0.37
C LYS B 31 -1.71 19.72 1.89
N ALA B 32 -2.39 18.77 2.54
CA ALA B 32 -2.65 18.79 4.00
C ALA B 32 -1.39 18.42 4.83
N GLY B 33 -0.24 18.28 4.14
CA GLY B 33 1.04 17.85 4.73
C GLY B 33 1.06 16.35 5.04
N GLU B 34 0.31 15.56 4.24
CA GLU B 34 0.10 14.13 4.52
C GLU B 34 1.15 13.28 3.79
N TYR B 35 2.30 13.02 4.45
CA TYR B 35 3.33 12.11 3.93
C TYR B 35 2.76 10.68 3.73
N ARG B 36 2.93 10.19 2.51
CA ARG B 36 2.35 8.94 2.03
C ARG B 36 2.93 8.53 0.69
N PHE B 37 2.68 7.26 0.33
CA PHE B 37 3.17 6.68 -0.92
C PHE B 37 2.03 6.04 -1.71
N ARG B 38 2.10 6.14 -3.03
CA ARG B 38 1.23 5.44 -3.97
C ARG B 38 2.04 4.34 -4.65
N PHE B 39 1.35 3.40 -5.31
CA PHE B 39 2.00 2.42 -6.19
C PHE B 39 1.31 2.49 -7.55
N LYS B 40 2.12 2.43 -8.60
CA LYS B 40 1.69 2.62 -9.99
C LYS B 40 1.50 1.28 -10.71
N ALA B 41 1.15 1.39 -12.00
CA ALA B 41 1.01 0.28 -12.93
C ALA B 41 1.76 0.62 -14.23
N SER B 42 2.05 -0.41 -15.05
CA SER B 42 2.75 -0.28 -16.35
C SER B 42 2.10 0.73 -17.34
N ASN B 43 0.78 0.97 -17.19
CA ASN B 43 0.04 1.98 -18.03
C ASN B 43 0.15 3.40 -17.46
N GLY B 44 0.83 3.55 -16.32
CA GLY B 44 0.90 4.82 -15.58
C GLY B 44 -0.35 5.04 -14.73
N GLU B 45 -0.98 3.94 -14.29
CA GLU B 45 -2.21 3.97 -13.49
C GLU B 45 -1.90 3.71 -12.00
N THR B 46 -2.31 4.62 -11.11
CA THR B 46 -2.21 4.43 -9.64
C THR B 46 -3.32 3.49 -9.16
N MET B 47 -2.93 2.47 -8.40
CA MET B 47 -3.83 1.42 -7.91
C MET B 47 -4.09 1.55 -6.39
N PHE B 48 -3.22 2.29 -5.64
CA PHE B 48 -3.54 2.70 -4.26
C PHE B 48 -2.76 3.94 -3.84
N SER B 49 -3.25 4.53 -2.74
CA SER B 49 -2.59 5.60 -1.99
C SER B 49 -2.61 5.17 -0.51
N SER B 50 -1.53 5.43 0.21
CA SER B 50 -1.34 4.98 1.59
C SER B 50 -1.61 6.13 2.56
N GLU B 51 -1.51 5.84 3.88
CA GLU B 51 -1.51 6.85 4.93
C GLU B 51 -0.05 7.25 5.28
N GLY B 52 0.93 6.51 4.69
CA GLY B 52 2.37 6.78 4.86
C GLY B 52 2.95 6.31 6.19
N TYR B 53 2.10 5.62 6.99
CA TYR B 53 2.45 5.01 8.29
C TYR B 53 2.59 6.09 9.40
N LYS B 54 3.56 7.01 9.25
CA LYS B 54 3.82 8.08 10.24
C LYS B 54 4.47 9.32 9.56
N ALA B 55 5.52 9.07 8.77
CA ALA B 55 6.35 10.14 8.17
C ALA B 55 6.95 9.63 6.85
N LYS B 56 7.82 10.41 6.17
CA LYS B 56 8.41 10.00 4.89
C LYS B 56 9.41 8.84 5.10
N ALA B 57 10.31 8.98 6.09
CA ALA B 57 11.29 7.92 6.44
C ALA B 57 10.58 6.62 6.80
N SER B 58 9.48 6.75 7.55
CA SER B 58 8.59 5.65 7.95
C SER B 58 7.89 5.04 6.72
N ALA B 59 7.66 5.89 5.69
CA ALA B 59 7.04 5.48 4.42
C ALA B 59 8.02 4.60 3.62
N ILE B 60 9.32 4.99 3.51
CA ILE B 60 10.38 4.13 2.90
C ILE B 60 10.44 2.76 3.59
N HIS B 61 10.51 2.75 4.95
CA HIS B 61 10.59 1.50 5.76
C HIS B 61 9.40 0.58 5.51
N ALA B 62 8.22 1.20 5.31
CA ALA B 62 7.01 0.50 4.92
C ALA B 62 7.22 -0.14 3.54
N ILE B 63 7.67 0.65 2.57
CA ILE B 63 7.93 0.14 1.20
C ILE B 63 9.03 -0.96 1.19
N GLU B 64 9.90 -0.95 2.20
CA GLU B 64 10.99 -1.96 2.31
C GLU B 64 10.38 -3.33 2.65
N SER B 65 9.24 -3.34 3.36
CA SER B 65 8.42 -4.56 3.58
C SER B 65 7.95 -5.16 2.25
N ILE B 66 7.60 -4.28 1.30
CA ILE B 66 7.02 -4.70 0.03
C ILE B 66 8.10 -5.44 -0.79
N LYS B 67 9.33 -4.88 -0.75
CA LYS B 67 10.52 -5.42 -1.44
C LYS B 67 10.87 -6.86 -1.06
N ARG B 68 10.53 -7.25 0.18
CA ARG B 68 10.99 -8.52 0.76
C ARG B 68 10.30 -9.75 0.11
N ASN B 69 8.97 -9.70 -0.04
CA ASN B 69 8.16 -10.88 -0.49
C ASN B 69 6.67 -10.52 -0.71
N SER B 70 6.35 -9.22 -0.81
CA SER B 70 4.95 -8.78 -0.93
C SER B 70 4.30 -9.22 -2.24
N ALA B 71 5.11 -9.36 -3.31
CA ALA B 71 4.65 -9.96 -4.57
C ALA B 71 4.15 -11.41 -4.36
N GLY B 72 4.84 -12.16 -3.47
CA GLY B 72 4.44 -13.53 -3.16
C GLY B 72 3.54 -13.66 -1.92
N ALA B 73 3.16 -12.50 -1.31
CA ALA B 73 2.32 -12.46 -0.08
C ALA B 73 0.90 -13.01 -0.33
N ASP B 74 0.23 -13.44 0.74
CA ASP B 74 -1.16 -13.92 0.68
C ASP B 74 -2.11 -12.71 0.73
N THR B 75 -3.30 -12.87 0.15
CA THR B 75 -4.34 -11.82 0.16
C THR B 75 -5.59 -12.31 0.92
N VAL B 76 -5.72 -11.87 2.20
CA VAL B 76 -6.82 -12.28 3.10
C VAL B 76 -7.86 -11.15 3.24
N ASP B 77 -9.14 -11.51 3.06
CA ASP B 77 -10.28 -10.60 3.25
C ASP B 77 -10.91 -10.83 4.63
N LEU B 78 -10.72 -9.86 5.53
CA LEU B 78 -11.32 -9.85 6.88
C LEU B 78 -12.78 -9.38 6.86
N THR B 79 -13.22 -8.66 5.78
CA THR B 79 -14.59 -8.07 5.72
C THR B 79 -15.61 -9.07 5.11
N THR B 80 -15.21 -10.36 4.99
CA THR B 80 -16.14 -11.47 4.66
C THR B 80 -16.88 -11.90 5.94
N MET B 81 -16.26 -11.60 7.10
CA MET B 81 -16.83 -11.85 8.43
C MET B 81 -16.98 -10.51 9.16
N THR B 82 -18.09 -9.81 8.88
CA THR B 82 -18.50 -8.61 9.61
C THR B 82 -19.69 -8.94 10.52
N ALA B 83 -19.48 -8.83 11.84
CA ALA B 83 -20.49 -9.13 12.86
C ALA B 83 -20.12 -8.35 14.15
N MET A 22 4.43 -16.71 6.90
CA MET A 22 4.77 -15.46 6.20
C MET A 22 3.64 -14.44 6.40
N TYR A 23 3.98 -13.14 6.29
CA TYR A 23 3.02 -12.02 6.32
C TYR A 23 2.05 -12.05 5.10
N LYS A 24 1.06 -11.16 5.15
CA LYS A 24 -0.05 -11.13 4.18
C LYS A 24 -0.78 -9.77 4.20
N PHE A 25 -1.80 -9.65 3.32
CA PHE A 25 -2.66 -8.48 3.19
C PHE A 25 -3.99 -8.74 3.92
N GLU A 26 -4.30 -7.91 4.92
CA GLU A 26 -5.59 -7.98 5.63
C GLU A 26 -6.55 -6.96 5.03
N ILE A 27 -7.60 -7.46 4.35
CA ILE A 27 -8.62 -6.63 3.70
C ILE A 27 -9.87 -6.64 4.57
N TYR A 28 -10.23 -5.49 5.09
CA TYR A 28 -11.37 -5.35 5.96
C TYR A 28 -12.10 -4.05 5.61
N GLN A 29 -13.16 -3.76 6.36
CA GLN A 29 -13.78 -2.43 6.38
C GLN A 29 -13.77 -1.90 7.81
N ASP A 30 -13.81 -0.60 7.90
CA ASP A 30 -13.92 0.14 9.15
C ASP A 30 -15.40 0.32 9.48
N LYS A 31 -15.68 0.59 10.78
CA LYS A 31 -17.03 0.88 11.34
C LYS A 31 -17.87 1.86 10.46
N ALA A 32 -17.16 2.82 9.83
CA ALA A 32 -17.76 3.82 8.91
C ALA A 32 -18.19 3.19 7.54
N GLY A 33 -18.07 1.84 7.40
CA GLY A 33 -18.31 1.14 6.14
C GLY A 33 -17.31 1.48 5.07
N GLU A 34 -16.05 1.70 5.50
CA GLU A 34 -14.96 2.18 4.60
C GLU A 34 -13.93 1.06 4.43
N TYR A 35 -13.55 0.75 3.20
CA TYR A 35 -12.67 -0.41 2.93
C TYR A 35 -11.21 0.01 3.10
N ARG A 36 -10.49 -0.75 3.92
CA ARG A 36 -9.04 -0.57 4.15
C ARG A 36 -8.39 -1.93 3.93
N PHE A 37 -7.26 -1.94 3.21
CA PHE A 37 -6.39 -3.11 3.14
C PHE A 37 -5.01 -2.70 3.63
N ARG A 38 -4.45 -3.49 4.54
CA ARG A 38 -3.15 -3.26 5.14
C ARG A 38 -2.19 -4.36 4.71
N PHE A 39 -0.91 -4.12 4.91
CA PHE A 39 0.14 -5.13 4.71
C PHE A 39 0.88 -5.31 6.04
N LYS A 40 1.08 -6.58 6.40
CA LYS A 40 1.65 -6.98 7.67
C LYS A 40 3.14 -7.30 7.52
N ALA A 41 3.77 -7.69 8.64
CA ALA A 41 5.19 -8.04 8.71
C ALA A 41 5.38 -9.37 9.45
N SER A 42 6.58 -9.97 9.27
CA SER A 42 6.99 -11.24 9.92
C SER A 42 6.83 -11.21 11.47
N ASN A 43 7.08 -10.04 12.08
CA ASN A 43 6.95 -9.85 13.55
C ASN A 43 5.49 -9.56 13.97
N GLY A 44 4.59 -9.46 12.97
CA GLY A 44 3.18 -9.17 13.18
C GLY A 44 2.90 -7.70 13.45
N GLU A 45 3.45 -6.83 12.58
CA GLU A 45 3.18 -5.38 12.63
C GLU A 45 2.68 -4.93 11.25
N THR A 46 1.92 -3.83 11.23
CA THR A 46 1.44 -3.21 9.98
C THR A 46 2.39 -2.07 9.59
N MET A 47 2.58 -1.92 8.28
CA MET A 47 3.51 -0.94 7.71
C MET A 47 2.80 0.06 6.78
N PHE A 48 1.71 -0.36 6.10
CA PHE A 48 0.82 0.59 5.39
C PHE A 48 -0.65 0.22 5.60
N SER A 49 -1.46 1.26 5.60
CA SER A 49 -2.91 1.19 5.57
C SER A 49 -3.36 1.99 4.35
N SER A 50 -4.27 1.42 3.55
CA SER A 50 -4.71 2.01 2.27
C SER A 50 -6.17 2.44 2.40
N GLU A 51 -6.61 3.28 1.44
CA GLU A 51 -8.00 3.77 1.36
C GLU A 51 -8.94 2.71 0.75
N GLY A 52 -8.42 1.51 0.43
CA GLY A 52 -9.22 0.38 -0.07
C GLY A 52 -9.52 0.47 -1.56
N TYR A 53 -9.15 1.62 -2.16
CA TYR A 53 -9.26 1.95 -3.58
C TYR A 53 -10.71 2.37 -3.95
N LYS A 54 -11.70 1.53 -3.59
CA LYS A 54 -13.14 1.82 -3.78
C LYS A 54 -14.00 0.85 -2.94
N ALA A 55 -13.82 -0.45 -3.19
CA ALA A 55 -14.63 -1.52 -2.59
C ALA A 55 -13.75 -2.75 -2.39
N LYS A 56 -14.33 -3.92 -2.04
CA LYS A 56 -13.57 -5.18 -1.89
C LYS A 56 -12.99 -5.62 -3.24
N ALA A 57 -13.83 -5.62 -4.29
CA ALA A 57 -13.42 -6.00 -5.66
C ALA A 57 -12.21 -5.16 -6.11
N SER A 58 -12.28 -3.86 -5.82
CA SER A 58 -11.21 -2.90 -6.16
C SER A 58 -9.99 -3.09 -5.24
N ALA A 59 -10.24 -3.59 -4.00
CA ALA A 59 -9.20 -3.83 -3.00
C ALA A 59 -8.26 -4.96 -3.45
N ILE A 60 -8.82 -6.15 -3.76
CA ILE A 60 -8.04 -7.31 -4.26
C ILE A 60 -7.34 -6.95 -5.57
N HIS A 61 -8.08 -6.36 -6.54
CA HIS A 61 -7.53 -5.98 -7.87
C HIS A 61 -6.33 -5.03 -7.72
N ALA A 62 -6.43 -4.09 -6.76
CA ALA A 62 -5.32 -3.21 -6.39
C ALA A 62 -4.14 -4.08 -5.95
N ILE A 63 -4.37 -4.93 -4.94
CA ILE A 63 -3.35 -5.84 -4.39
C ILE A 63 -2.76 -6.78 -5.48
N GLU A 64 -3.53 -7.02 -6.56
CA GLU A 64 -3.09 -7.87 -7.68
C GLU A 64 -1.92 -7.21 -8.42
N SER A 65 -1.89 -5.86 -8.41
CA SER A 65 -0.67 -5.10 -8.82
C SER A 65 0.58 -5.52 -8.03
N ILE A 66 0.40 -5.68 -6.69
CA ILE A 66 1.53 -5.92 -5.79
C ILE A 66 2.15 -7.30 -6.09
N LYS A 67 1.26 -8.27 -6.37
CA LYS A 67 1.63 -9.69 -6.59
C LYS A 67 2.55 -9.91 -7.79
N ARG A 68 2.53 -8.95 -8.71
CA ARG A 68 3.21 -9.08 -10.01
C ARG A 68 4.74 -8.85 -9.88
N ASN A 69 5.13 -7.63 -9.49
CA ASN A 69 6.56 -7.20 -9.54
C ASN A 69 6.87 -6.11 -8.49
N SER A 70 5.98 -5.92 -7.49
CA SER A 70 6.11 -4.82 -6.51
C SER A 70 7.33 -5.00 -5.57
N ALA A 71 7.67 -6.27 -5.26
CA ALA A 71 8.90 -6.60 -4.51
C ALA A 71 10.17 -6.17 -5.28
N GLY A 72 10.07 -6.09 -6.62
CA GLY A 72 11.14 -5.61 -7.49
C GLY A 72 10.91 -4.20 -8.05
N ALA A 73 9.72 -3.62 -7.75
CA ALA A 73 9.34 -2.26 -8.22
C ALA A 73 10.24 -1.20 -7.59
N ASP A 74 10.64 -0.18 -8.35
CA ASP A 74 11.55 0.87 -7.85
C ASP A 74 10.83 1.74 -6.80
N THR A 75 11.60 2.37 -5.90
CA THR A 75 11.05 3.24 -4.85
C THR A 75 11.54 4.69 -5.07
N VAL A 76 10.68 5.52 -5.67
CA VAL A 76 10.99 6.93 -6.01
C VAL A 76 10.39 7.87 -4.94
N ASP A 77 11.24 8.75 -4.39
CA ASP A 77 10.79 9.81 -3.47
C ASP A 77 10.76 11.16 -4.21
N LEU A 78 9.55 11.70 -4.40
CA LEU A 78 9.28 12.99 -5.03
C LEU A 78 9.34 14.17 -4.04
N THR A 79 9.20 13.89 -2.72
CA THR A 79 9.06 14.95 -1.68
C THR A 79 10.43 15.32 -1.08
N THR A 80 11.52 14.92 -1.76
CA THR A 80 12.88 15.44 -1.50
C THR A 80 13.06 16.82 -2.16
N MET A 81 11.99 17.33 -2.80
CA MET A 81 11.87 18.72 -3.23
C MET A 81 11.63 19.64 -2.02
N THR A 82 10.81 19.15 -1.07
CA THR A 82 10.41 19.90 0.13
C THR A 82 11.37 19.62 1.30
N ALA A 83 11.55 20.62 2.18
CA ALA A 83 12.38 20.52 3.38
C ALA A 83 11.76 21.42 4.48
N MET B 22 8.59 -0.56 -15.85
CA MET B 22 7.27 -1.17 -15.57
C MET B 22 6.44 -0.20 -14.68
N TYR B 23 6.75 -0.19 -13.37
CA TYR B 23 6.11 0.70 -12.38
C TYR B 23 7.00 0.91 -11.13
N LYS B 24 6.52 1.75 -10.19
CA LYS B 24 7.28 2.15 -8.99
C LYS B 24 6.38 2.77 -7.90
N PHE B 25 7.01 3.12 -6.77
CA PHE B 25 6.37 3.78 -5.62
C PHE B 25 6.69 5.29 -5.66
N GLU B 26 5.64 6.11 -5.74
CA GLU B 26 5.78 7.58 -5.69
C GLU B 26 5.53 8.06 -4.26
N ILE B 27 6.59 8.54 -3.60
CA ILE B 27 6.51 9.04 -2.22
C ILE B 27 6.52 10.56 -2.26
N TYR B 28 5.44 11.16 -1.81
CA TYR B 28 5.29 12.60 -1.80
C TYR B 28 4.60 13.01 -0.51
N GLN B 29 4.36 14.31 -0.38
CA GLN B 29 3.46 14.86 0.63
C GLN B 29 2.36 15.67 -0.06
N ASP B 30 1.22 15.77 0.61
CA ASP B 30 0.07 16.55 0.20
C ASP B 30 0.25 17.97 0.75
N LYS B 31 -0.48 18.93 0.14
CA LYS B 31 -0.52 20.37 0.53
C LYS B 31 -0.67 20.58 2.06
N ALA B 32 -1.41 19.67 2.71
CA ALA B 32 -1.63 19.65 4.18
C ALA B 32 -0.36 19.25 4.98
N GLY B 33 0.77 19.05 4.26
CA GLY B 33 2.03 18.55 4.84
C GLY B 33 1.91 17.11 5.31
N GLU B 34 1.12 16.31 4.58
CA GLU B 34 0.81 14.91 4.96
C GLU B 34 1.48 13.95 4.00
N TYR B 35 2.19 12.93 4.51
CA TYR B 35 2.99 12.04 3.65
C TYR B 35 2.08 10.93 3.09
N ARG B 36 2.12 10.78 1.77
CA ARG B 36 1.40 9.72 1.04
C ARG B 36 2.42 9.01 0.14
N PHE B 37 2.41 7.68 0.13
CA PHE B 37 3.13 6.92 -0.89
C PHE B 37 2.12 6.04 -1.63
N ARG B 38 2.19 6.09 -2.96
CA ARG B 38 1.31 5.34 -3.85
C ARG B 38 2.12 4.28 -4.58
N PHE B 39 1.41 3.33 -5.18
CA PHE B 39 2.01 2.34 -6.09
C PHE B 39 1.32 2.47 -7.45
N LYS B 40 2.15 2.50 -8.50
CA LYS B 40 1.72 2.71 -9.87
C LYS B 40 1.58 1.39 -10.63
N ALA B 41 1.21 1.49 -11.91
CA ALA B 41 1.00 0.35 -12.80
C ALA B 41 1.71 0.60 -14.14
N SER B 42 1.91 -0.50 -14.89
CA SER B 42 2.53 -0.49 -16.24
C SER B 42 1.85 0.49 -17.23
N ASN B 43 0.51 0.64 -17.11
CA ASN B 43 -0.29 1.56 -17.96
C ASN B 43 -0.24 3.02 -17.43
N GLY B 44 0.40 3.20 -16.26
CA GLY B 44 0.53 4.51 -15.62
C GLY B 44 -0.71 4.92 -14.85
N GLU B 45 -1.23 3.97 -14.03
CA GLU B 45 -2.37 4.22 -13.12
C GLU B 45 -1.96 3.88 -11.68
N THR B 46 -2.60 4.53 -10.70
CA THR B 46 -2.40 4.24 -9.28
C THR B 46 -3.47 3.25 -8.80
N MET B 47 -3.07 2.36 -7.89
CA MET B 47 -3.92 1.27 -7.38
C MET B 47 -4.10 1.36 -5.85
N PHE B 48 -3.08 1.87 -5.11
CA PHE B 48 -3.27 2.24 -3.69
C PHE B 48 -2.58 3.56 -3.37
N SER B 49 -3.19 4.25 -2.42
CA SER B 49 -2.65 5.44 -1.78
C SER B 49 -2.62 5.14 -0.27
N SER B 50 -1.49 5.43 0.38
CA SER B 50 -1.28 5.10 1.80
C SER B 50 -1.21 6.39 2.62
N GLU B 51 -1.34 6.23 3.95
CA GLU B 51 -1.26 7.36 4.91
C GLU B 51 0.20 7.79 5.17
N GLY B 52 1.18 7.15 4.47
CA GLY B 52 2.61 7.51 4.57
C GLY B 52 3.30 6.94 5.80
N TYR B 53 2.48 6.31 6.68
CA TYR B 53 2.89 5.61 7.91
C TYR B 53 3.18 6.61 9.05
N LYS B 54 4.04 7.62 8.79
CA LYS B 54 4.33 8.72 9.74
C LYS B 54 5.04 9.88 9.01
N ALA B 55 6.18 9.57 8.39
CA ALA B 55 7.06 10.57 7.75
C ALA B 55 7.70 9.94 6.51
N LYS B 56 8.70 10.59 5.89
CA LYS B 56 9.44 10.04 4.73
C LYS B 56 10.24 8.79 5.15
N ALA B 57 10.98 8.91 6.27
CA ALA B 57 11.79 7.80 6.82
C ALA B 57 10.91 6.55 7.04
N SER B 58 9.72 6.78 7.61
CA SER B 58 8.74 5.73 7.88
C SER B 58 8.08 5.22 6.59
N ALA B 59 8.00 6.12 5.56
CA ALA B 59 7.41 5.80 4.25
C ALA B 59 8.26 4.76 3.51
N ILE B 60 9.57 5.05 3.32
CA ILE B 60 10.51 4.11 2.67
C ILE B 60 10.59 2.79 3.45
N HIS B 61 10.76 2.88 4.79
CA HIS B 61 10.90 1.68 5.67
C HIS B 61 9.66 0.77 5.55
N ALA B 62 8.48 1.41 5.45
CA ALA B 62 7.22 0.71 5.18
C ALA B 62 7.35 -0.03 3.85
N ILE B 63 7.68 0.72 2.78
CA ILE B 63 7.86 0.16 1.42
C ILE B 63 8.94 -0.95 1.39
N GLU B 64 9.88 -0.92 2.35
CA GLU B 64 10.96 -1.92 2.44
C GLU B 64 10.38 -3.29 2.81
N SER B 65 9.24 -3.31 3.52
CA SER B 65 8.41 -4.53 3.68
C SER B 65 8.00 -5.13 2.32
N ILE B 66 7.59 -4.25 1.39
CA ILE B 66 7.02 -4.68 0.10
C ILE B 66 8.10 -5.38 -0.73
N LYS B 67 9.32 -4.80 -0.68
CA LYS B 67 10.47 -5.24 -1.49
C LYS B 67 10.92 -6.68 -1.19
N ARG B 68 10.56 -7.16 -0.01
CA ARG B 68 11.03 -8.45 0.52
C ARG B 68 10.29 -9.64 -0.16
N ASN B 69 8.97 -9.76 0.08
CA ASN B 69 8.18 -10.96 -0.30
C ASN B 69 6.70 -10.61 -0.58
N SER B 70 6.37 -9.32 -0.75
CA SER B 70 4.97 -8.86 -0.89
C SER B 70 4.30 -9.36 -2.19
N ALA B 71 5.10 -9.47 -3.26
CA ALA B 71 4.65 -10.09 -4.53
C ALA B 71 4.24 -11.58 -4.34
N GLY B 72 4.82 -12.23 -3.32
CA GLY B 72 4.46 -13.61 -2.95
C GLY B 72 3.62 -13.69 -1.67
N ALA B 73 3.39 -12.55 -1.00
CA ALA B 73 2.59 -12.46 0.25
C ALA B 73 1.13 -12.85 -0.01
N ASP B 74 0.52 -13.61 0.90
CA ASP B 74 -0.89 -14.07 0.74
C ASP B 74 -1.86 -12.87 0.81
N THR B 75 -3.04 -12.99 0.19
CA THR B 75 -4.07 -11.93 0.21
C THR B 75 -5.32 -12.45 0.93
N VAL B 76 -5.46 -12.06 2.21
CA VAL B 76 -6.58 -12.48 3.09
C VAL B 76 -7.65 -11.38 3.13
N ASP B 77 -8.91 -11.76 2.86
CA ASP B 77 -10.09 -10.88 3.01
C ASP B 77 -10.85 -11.25 4.30
N LEU B 78 -10.84 -10.33 5.26
CA LEU B 78 -11.53 -10.45 6.54
C LEU B 78 -12.99 -9.91 6.50
N THR B 79 -13.35 -9.04 5.53
CA THR B 79 -14.65 -8.30 5.57
C THR B 79 -15.79 -9.04 4.85
N THR B 80 -15.45 -10.00 3.95
CA THR B 80 -16.42 -10.73 3.06
C THR B 80 -17.64 -9.90 2.58
N MET B 81 -17.40 -8.63 2.24
CA MET B 81 -18.45 -7.69 1.82
C MET B 81 -17.97 -6.95 0.57
N THR B 82 -18.79 -6.95 -0.49
CA THR B 82 -18.43 -6.38 -1.79
C THR B 82 -18.38 -4.83 -1.74
N ALA B 83 -19.53 -4.20 -1.50
CA ALA B 83 -19.65 -2.73 -1.47
C ALA B 83 -20.85 -2.35 -0.57
N MET A 22 4.02 -16.39 6.34
CA MET A 22 4.94 -15.34 6.85
C MET A 22 4.13 -14.09 7.18
N TYR A 23 3.55 -13.47 6.14
CA TYR A 23 2.67 -12.30 6.28
C TYR A 23 1.72 -12.20 5.07
N LYS A 24 0.80 -11.22 5.11
CA LYS A 24 -0.28 -11.10 4.12
C LYS A 24 -0.92 -9.71 4.13
N PHE A 25 -1.91 -9.54 3.24
CA PHE A 25 -2.72 -8.32 3.11
C PHE A 25 -4.06 -8.49 3.82
N GLU A 26 -4.32 -7.63 4.81
CA GLU A 26 -5.61 -7.56 5.51
C GLU A 26 -6.51 -6.51 4.87
N ILE A 27 -7.56 -6.98 4.17
CA ILE A 27 -8.54 -6.11 3.51
C ILE A 27 -9.77 -6.03 4.41
N TYR A 28 -10.14 -4.83 4.78
CA TYR A 28 -11.38 -4.61 5.52
C TYR A 28 -11.89 -3.19 5.30
N GLN A 29 -12.99 -2.86 5.96
CA GLN A 29 -13.50 -1.49 5.97
C GLN A 29 -13.40 -0.94 7.39
N ASP A 30 -13.13 0.35 7.50
CA ASP A 30 -13.03 1.06 8.77
C ASP A 30 -14.46 1.37 9.27
N LYS A 31 -14.60 1.68 10.58
CA LYS A 31 -15.88 2.04 11.25
C LYS A 31 -16.65 3.11 10.44
N ALA A 32 -15.90 4.04 9.81
CA ALA A 32 -16.45 5.11 8.94
C ALA A 32 -16.93 4.57 7.56
N GLY A 33 -16.91 3.24 7.38
CA GLY A 33 -17.23 2.57 6.13
C GLY A 33 -16.11 2.63 5.11
N GLU A 34 -14.88 2.91 5.57
CA GLU A 34 -13.74 3.23 4.68
C GLU A 34 -12.92 1.98 4.34
N TYR A 35 -13.23 1.36 3.19
CA TYR A 35 -12.43 0.22 2.67
C TYR A 35 -10.95 0.60 2.54
N ARG A 36 -10.10 -0.32 3.03
CA ARG A 36 -8.66 -0.17 3.18
C ARG A 36 -8.02 -1.56 3.18
N PHE A 37 -6.88 -1.72 2.50
CA PHE A 37 -6.06 -2.94 2.62
C PHE A 37 -4.72 -2.57 3.25
N ARG A 38 -4.26 -3.42 4.15
CA ARG A 38 -3.03 -3.22 4.92
C ARG A 38 -2.07 -4.34 4.60
N PHE A 39 -0.78 -4.14 4.90
CA PHE A 39 0.24 -5.18 4.71
C PHE A 39 0.95 -5.42 6.03
N LYS A 40 1.09 -6.70 6.37
CA LYS A 40 1.59 -7.16 7.66
C LYS A 40 3.07 -7.56 7.60
N ALA A 41 3.58 -8.00 8.75
CA ALA A 41 4.95 -8.50 8.95
C ALA A 41 4.87 -9.78 9.77
N SER A 42 5.91 -10.63 9.67
CA SER A 42 5.96 -11.95 10.35
C SER A 42 5.68 -11.89 11.88
N ASN A 43 5.96 -10.72 12.49
CA ASN A 43 5.76 -10.48 13.94
C ASN A 43 4.35 -9.91 14.25
N GLY A 44 3.44 -9.97 13.26
CA GLY A 44 2.08 -9.41 13.37
C GLY A 44 2.05 -7.89 13.32
N GLU A 45 3.15 -7.28 12.87
CA GLU A 45 3.29 -5.82 12.72
C GLU A 45 2.64 -5.36 11.42
N THR A 46 2.21 -4.09 11.34
CA THR A 46 1.74 -3.48 10.09
C THR A 46 2.65 -2.31 9.72
N MET A 47 2.81 -2.09 8.42
CA MET A 47 3.70 -1.06 7.87
C MET A 47 2.95 -0.09 6.94
N PHE A 48 1.69 -0.42 6.53
CA PHE A 48 0.79 0.58 5.93
C PHE A 48 -0.68 0.16 6.00
N SER A 49 -1.52 1.18 5.84
CA SER A 49 -2.94 1.08 5.59
C SER A 49 -3.20 1.90 4.31
N SER A 50 -4.07 1.41 3.44
CA SER A 50 -4.37 2.08 2.16
C SER A 50 -5.68 2.87 2.32
N GLU A 51 -6.08 3.58 1.25
CA GLU A 51 -7.41 4.19 1.16
C GLU A 51 -8.39 3.22 0.42
N GLY A 52 -7.90 2.01 0.10
CA GLY A 52 -8.73 0.90 -0.40
C GLY A 52 -8.97 0.90 -1.90
N TYR A 53 -8.65 2.04 -2.55
CA TYR A 53 -8.74 2.27 -4.00
C TYR A 53 -10.18 2.64 -4.40
N LYS A 54 -11.13 1.75 -4.07
CA LYS A 54 -12.56 1.94 -4.39
C LYS A 54 -13.43 1.15 -3.41
N ALA A 55 -13.19 -0.17 -3.33
CA ALA A 55 -13.93 -1.10 -2.46
C ALA A 55 -13.07 -2.35 -2.19
N LYS A 56 -13.63 -3.41 -1.55
CA LYS A 56 -12.82 -4.58 -1.16
C LYS A 56 -12.41 -5.43 -2.38
N ALA A 57 -13.35 -5.64 -3.32
CA ALA A 57 -13.04 -6.36 -4.58
C ALA A 57 -11.96 -5.63 -5.39
N SER A 58 -12.10 -4.28 -5.44
CA SER A 58 -11.13 -3.38 -6.06
C SER A 58 -9.80 -3.39 -5.30
N ALA A 59 -9.87 -3.74 -4.00
CA ALA A 59 -8.69 -3.86 -3.13
C ALA A 59 -7.89 -5.10 -3.50
N ILE A 60 -8.57 -6.26 -3.79
CA ILE A 60 -7.88 -7.45 -4.36
C ILE A 60 -7.17 -7.07 -5.68
N HIS A 61 -7.91 -6.40 -6.59
CA HIS A 61 -7.38 -6.00 -7.92
C HIS A 61 -6.12 -5.12 -7.77
N ALA A 62 -6.16 -4.23 -6.77
CA ALA A 62 -5.04 -3.39 -6.41
C ALA A 62 -3.87 -4.27 -5.94
N ILE A 63 -4.15 -5.17 -5.00
CA ILE A 63 -3.16 -6.12 -4.48
C ILE A 63 -2.61 -7.04 -5.59
N GLU A 64 -3.38 -7.23 -6.68
CA GLU A 64 -2.94 -8.06 -7.82
C GLU A 64 -1.74 -7.38 -8.50
N SER A 65 -1.73 -6.03 -8.52
CA SER A 65 -0.54 -5.25 -8.96
C SER A 65 0.70 -5.61 -8.13
N ILE A 66 0.49 -5.79 -6.80
CA ILE A 66 1.59 -6.00 -5.88
C ILE A 66 2.26 -7.35 -6.17
N LYS A 67 1.42 -8.36 -6.48
CA LYS A 67 1.87 -9.76 -6.72
C LYS A 67 2.80 -9.88 -7.94
N ARG A 68 2.60 -8.96 -8.89
CA ARG A 68 3.25 -9.00 -10.21
C ARG A 68 4.76 -8.69 -10.17
N ASN A 69 5.13 -7.54 -9.56
CA ASN A 69 6.53 -7.05 -9.61
C ASN A 69 6.83 -5.96 -8.55
N SER A 70 5.95 -5.81 -7.55
CA SER A 70 6.08 -4.75 -6.52
C SER A 70 7.29 -5.00 -5.60
N ALA A 71 7.60 -6.29 -5.35
CA ALA A 71 8.82 -6.68 -4.63
C ALA A 71 10.10 -6.34 -5.42
N GLY A 72 9.95 -6.04 -6.73
CA GLY A 72 11.04 -5.52 -7.56
C GLY A 72 10.87 -4.05 -7.96
N ALA A 73 9.70 -3.46 -7.65
CA ALA A 73 9.34 -2.07 -8.05
C ALA A 73 10.17 -1.02 -7.31
N ASP A 74 10.76 -0.09 -8.06
CA ASP A 74 11.65 0.96 -7.52
C ASP A 74 10.92 1.89 -6.52
N THR A 75 11.68 2.51 -5.61
CA THR A 75 11.13 3.40 -4.59
C THR A 75 11.55 4.86 -4.86
N VAL A 76 10.63 5.65 -5.45
CA VAL A 76 10.86 7.08 -5.77
C VAL A 76 10.20 7.98 -4.70
N ASP A 77 11.00 8.88 -4.10
CA ASP A 77 10.53 9.90 -3.14
C ASP A 77 10.49 11.29 -3.83
N LEU A 78 9.27 11.79 -4.05
CA LEU A 78 8.99 13.08 -4.71
C LEU A 78 8.98 14.26 -3.71
N THR A 79 8.83 13.98 -2.39
CA THR A 79 8.64 15.04 -1.36
C THR A 79 9.99 15.50 -0.75
N THR A 80 11.10 15.24 -1.46
CA THR A 80 12.40 15.89 -1.18
C THR A 80 12.36 17.39 -1.54
N MET A 81 11.38 17.74 -2.41
CA MET A 81 11.04 19.13 -2.74
C MET A 81 10.48 19.82 -1.48
N THR A 82 11.39 20.45 -0.70
CA THR A 82 11.07 21.00 0.63
C THR A 82 10.18 22.26 0.51
N ALA A 83 10.25 22.92 -0.66
CA ALA A 83 9.35 24.03 -1.02
C ALA A 83 9.32 24.14 -2.56
N MET B 22 9.73 0.47 -16.00
CA MET B 22 8.96 -0.27 -14.97
C MET B 22 8.23 0.71 -14.04
N TYR B 23 7.10 0.25 -13.47
CA TYR B 23 6.38 1.00 -12.42
C TYR B 23 7.16 1.03 -11.09
N LYS B 24 6.69 1.87 -10.17
CA LYS B 24 7.40 2.22 -8.93
C LYS B 24 6.45 2.80 -7.88
N PHE B 25 7.04 3.13 -6.72
CA PHE B 25 6.36 3.74 -5.59
C PHE B 25 6.60 5.27 -5.58
N GLU B 26 5.51 6.05 -5.66
CA GLU B 26 5.56 7.51 -5.56
C GLU B 26 5.28 7.94 -4.10
N ILE B 27 6.32 8.40 -3.40
CA ILE B 27 6.21 8.88 -2.02
C ILE B 27 6.15 10.40 -2.05
N TYR B 28 5.10 10.94 -1.46
CA TYR B 28 4.99 12.39 -1.31
C TYR B 28 4.08 12.70 -0.12
N GLN B 29 3.85 14.00 0.10
CA GLN B 29 2.88 14.47 1.08
C GLN B 29 1.74 15.19 0.34
N ASP B 30 0.54 15.05 0.87
CA ASP B 30 -0.66 15.70 0.33
C ASP B 30 -0.67 17.16 0.78
N LYS B 31 -1.49 17.99 0.10
CA LYS B 31 -1.68 19.43 0.43
C LYS B 31 -1.97 19.67 1.93
N ALA B 32 -2.67 18.71 2.55
CA ALA B 32 -2.99 18.72 4.00
C ALA B 32 -1.77 18.33 4.89
N GLY B 33 -0.59 18.19 4.26
CA GLY B 33 0.65 17.75 4.90
C GLY B 33 0.69 16.25 5.14
N GLU B 34 -0.15 15.49 4.41
CA GLU B 34 -0.38 14.05 4.71
C GLU B 34 0.54 13.15 3.87
N TYR B 35 1.67 12.76 4.47
CA TYR B 35 2.60 11.78 3.85
C TYR B 35 1.87 10.48 3.48
N ARG B 36 2.10 10.05 2.24
CA ARG B 36 1.43 8.92 1.57
C ARG B 36 2.39 8.36 0.52
N PHE B 37 2.48 7.03 0.40
CA PHE B 37 3.16 6.40 -0.74
C PHE B 37 2.14 5.63 -1.58
N ARG B 38 2.28 5.75 -2.90
CA ARG B 38 1.36 5.16 -3.88
C ARG B 38 2.13 4.13 -4.70
N PHE B 39 1.42 3.24 -5.37
CA PHE B 39 2.04 2.25 -6.28
C PHE B 39 1.41 2.39 -7.67
N LYS B 40 2.28 2.44 -8.69
CA LYS B 40 1.91 2.73 -10.07
C LYS B 40 1.78 1.45 -10.92
N ALA B 41 1.46 1.65 -12.20
CA ALA B 41 1.34 0.61 -13.22
C ALA B 41 2.06 1.11 -14.47
N SER B 42 2.49 0.19 -15.34
CA SER B 42 3.27 0.47 -16.57
C SER B 42 2.61 1.56 -17.48
N ASN B 43 1.28 1.70 -17.37
CA ASN B 43 0.48 2.66 -18.17
C ASN B 43 0.33 4.02 -17.44
N GLY B 44 1.11 4.23 -16.37
CA GLY B 44 1.04 5.44 -15.52
C GLY B 44 -0.19 5.47 -14.62
N GLU B 45 -0.84 4.31 -14.47
CA GLU B 45 -2.05 4.15 -13.62
C GLU B 45 -1.63 4.00 -12.16
N THR B 46 -2.51 4.33 -11.22
CA THR B 46 -2.29 4.05 -9.78
C THR B 46 -3.39 3.10 -9.28
N MET B 47 -3.03 2.25 -8.32
CA MET B 47 -3.93 1.23 -7.76
C MET B 47 -4.08 1.36 -6.23
N PHE B 48 -3.21 2.17 -5.57
CA PHE B 48 -3.47 2.61 -4.19
C PHE B 48 -2.67 3.86 -3.81
N SER B 49 -3.18 4.49 -2.75
CA SER B 49 -2.52 5.53 -1.98
C SER B 49 -2.54 5.07 -0.53
N SER B 50 -1.46 5.29 0.21
CA SER B 50 -1.33 4.84 1.61
C SER B 50 -1.62 6.02 2.53
N GLU B 51 -1.60 5.78 3.84
CA GLU B 51 -1.65 6.84 4.86
C GLU B 51 -0.21 7.24 5.26
N GLY B 52 0.80 6.63 4.58
CA GLY B 52 2.22 7.01 4.70
C GLY B 52 2.98 6.39 5.85
N TYR B 53 2.21 5.79 6.79
CA TYR B 53 2.70 5.06 7.98
C TYR B 53 3.06 6.05 9.11
N LYS B 54 3.97 7.00 8.81
CA LYS B 54 4.41 8.01 9.79
C LYS B 54 4.91 9.27 9.05
N ALA B 55 5.88 9.08 8.15
CA ALA B 55 6.51 10.16 7.35
C ALA B 55 7.14 9.57 6.10
N LYS B 56 7.92 10.35 5.31
CA LYS B 56 8.45 9.86 4.02
C LYS B 56 9.57 8.84 4.21
N ALA B 57 10.49 9.08 5.18
CA ALA B 57 11.56 8.11 5.53
C ALA B 57 10.95 6.78 6.01
N SER B 58 9.91 6.90 6.85
CA SER B 58 9.12 5.77 7.35
C SER B 58 8.34 5.09 6.20
N ALA B 59 8.07 5.86 5.14
CA ALA B 59 7.39 5.35 3.94
C ALA B 59 8.34 4.46 3.15
N ILE B 60 9.65 4.83 3.01
CA ILE B 60 10.67 3.93 2.43
C ILE B 60 10.73 2.61 3.23
N HIS B 61 10.80 2.72 4.57
CA HIS B 61 10.91 1.56 5.49
C HIS B 61 9.71 0.61 5.32
N ALA B 62 8.53 1.22 5.14
CA ALA B 62 7.30 0.51 4.85
C ALA B 62 7.45 -0.22 3.51
N ILE B 63 7.84 0.52 2.47
CA ILE B 63 8.07 -0.03 1.13
C ILE B 63 9.16 -1.13 1.15
N GLU B 64 10.07 -1.10 2.15
CA GLU B 64 11.11 -2.12 2.28
C GLU B 64 10.48 -3.47 2.60
N SER B 65 9.37 -3.46 3.37
CA SER B 65 8.53 -4.68 3.56
C SER B 65 8.06 -5.26 2.23
N ILE B 66 7.68 -4.35 1.31
CA ILE B 66 7.08 -4.76 0.04
C ILE B 66 8.12 -5.51 -0.81
N LYS B 67 9.37 -5.01 -0.78
CA LYS B 67 10.48 -5.54 -1.60
C LYS B 67 10.84 -7.00 -1.22
N ARG B 68 10.56 -7.33 0.02
CA ARG B 68 10.99 -8.61 0.64
C ARG B 68 10.21 -9.84 0.08
N ASN B 69 8.87 -9.78 0.14
CA ASN B 69 8.02 -10.98 -0.17
C ASN B 69 6.54 -10.59 -0.42
N SER B 70 6.25 -9.30 -0.66
CA SER B 70 4.87 -8.82 -0.85
C SER B 70 4.26 -9.32 -2.17
N ALA B 71 5.12 -9.47 -3.20
CA ALA B 71 4.73 -10.09 -4.47
C ALA B 71 4.39 -11.59 -4.31
N GLY B 72 4.79 -12.18 -3.17
CA GLY B 72 4.38 -13.54 -2.79
C GLY B 72 3.39 -13.58 -1.62
N ALA B 73 3.13 -12.43 -0.97
CA ALA B 73 2.27 -12.32 0.23
C ALA B 73 0.80 -12.57 -0.08
N ASP B 74 0.17 -13.46 0.71
CA ASP B 74 -1.24 -13.88 0.53
C ASP B 74 -2.22 -12.69 0.67
N THR B 75 -3.39 -12.81 0.04
CA THR B 75 -4.42 -11.75 0.07
C THR B 75 -5.65 -12.23 0.88
N VAL B 76 -5.74 -11.77 2.14
CA VAL B 76 -6.85 -12.10 3.06
C VAL B 76 -7.88 -10.95 3.10
N ASP B 77 -9.15 -11.26 2.82
CA ASP B 77 -10.27 -10.31 2.95
C ASP B 77 -11.11 -10.62 4.22
N LEU B 78 -11.01 -9.72 5.20
CA LEU B 78 -11.72 -9.83 6.50
C LEU B 78 -13.14 -9.24 6.45
N THR B 79 -13.45 -8.38 5.46
CA THR B 79 -14.74 -7.67 5.41
C THR B 79 -15.73 -8.38 4.46
N THR B 80 -15.42 -9.64 4.11
CA THR B 80 -16.39 -10.54 3.44
C THR B 80 -17.35 -11.12 4.51
N MET B 81 -16.82 -11.33 5.73
CA MET B 81 -17.56 -11.90 6.86
C MET B 81 -18.10 -10.78 7.78
N THR B 82 -17.17 -9.96 8.31
CA THR B 82 -17.47 -8.87 9.26
C THR B 82 -17.16 -7.52 8.59
N ALA B 83 -16.93 -6.46 9.40
CA ALA B 83 -16.39 -5.18 8.92
C ALA B 83 -14.96 -5.00 9.49
N MET A 22 4.28 -16.39 6.04
CA MET A 22 5.17 -15.33 6.57
C MET A 22 4.32 -14.11 6.95
N TYR A 23 3.70 -13.50 5.94
CA TYR A 23 2.76 -12.36 6.11
C TYR A 23 1.78 -12.31 4.93
N LYS A 24 0.82 -11.36 5.01
CA LYS A 24 -0.28 -11.26 4.03
C LYS A 24 -0.92 -9.87 4.05
N PHE A 25 -1.88 -9.68 3.14
CA PHE A 25 -2.69 -8.46 3.02
C PHE A 25 -4.05 -8.68 3.68
N GLU A 26 -4.38 -7.88 4.69
CA GLU A 26 -5.68 -7.93 5.34
C GLU A 26 -6.60 -6.85 4.73
N ILE A 27 -7.65 -7.32 4.03
CA ILE A 27 -8.64 -6.44 3.37
C ILE A 27 -9.92 -6.51 4.20
N TYR A 28 -10.38 -5.37 4.67
CA TYR A 28 -11.63 -5.32 5.43
C TYR A 28 -12.20 -3.90 5.40
N GLN A 29 -13.30 -3.73 6.14
CA GLN A 29 -13.90 -2.41 6.38
C GLN A 29 -13.89 -2.17 7.90
N ASP A 30 -13.71 -0.91 8.29
CA ASP A 30 -13.61 -0.51 9.71
C ASP A 30 -14.93 0.15 10.14
N LYS A 31 -14.98 0.59 11.42
CA LYS A 31 -16.18 1.13 12.12
C LYS A 31 -17.02 2.13 11.28
N ALA A 32 -16.34 2.94 10.46
CA ALA A 32 -16.99 3.98 9.61
C ALA A 32 -17.63 3.37 8.33
N GLY A 33 -17.69 2.02 8.27
CA GLY A 33 -18.04 1.28 7.05
C GLY A 33 -17.06 1.52 5.92
N GLU A 34 -15.83 1.91 6.31
CA GLU A 34 -14.82 2.42 5.36
C GLU A 34 -13.86 1.31 4.99
N TYR A 35 -13.55 1.15 3.70
CA TYR A 35 -12.76 0.02 3.22
C TYR A 35 -11.27 0.41 3.20
N ARG A 36 -10.46 -0.48 3.80
CA ARG A 36 -9.01 -0.35 3.93
C ARG A 36 -8.38 -1.73 3.69
N PHE A 37 -7.28 -1.76 2.94
CA PHE A 37 -6.41 -2.93 2.84
C PHE A 37 -5.03 -2.56 3.36
N ARG A 38 -4.48 -3.42 4.21
CA ARG A 38 -3.20 -3.20 4.90
C ARG A 38 -2.28 -4.41 4.66
N PHE A 39 -0.97 -4.18 4.82
CA PHE A 39 0.04 -5.24 4.62
C PHE A 39 0.73 -5.47 5.96
N LYS A 40 0.84 -6.75 6.31
CA LYS A 40 1.32 -7.21 7.61
C LYS A 40 2.78 -7.63 7.56
N ALA A 41 3.28 -8.07 8.71
CA ALA A 41 4.67 -8.50 8.91
C ALA A 41 4.66 -9.84 9.64
N SER A 42 5.78 -10.58 9.53
CA SER A 42 5.99 -11.91 10.15
C SER A 42 5.52 -12.04 11.63
N ASN A 43 5.69 -10.99 12.45
CA ASN A 43 5.32 -11.02 13.90
C ASN A 43 3.99 -10.28 14.18
N GLY A 44 3.22 -10.03 13.11
CA GLY A 44 1.88 -9.43 13.21
C GLY A 44 1.84 -7.90 13.20
N GLU A 45 2.98 -7.27 12.84
CA GLU A 45 3.07 -5.80 12.71
C GLU A 45 2.42 -5.35 11.39
N THR A 46 2.02 -4.07 11.31
CA THR A 46 1.48 -3.45 10.07
C THR A 46 2.36 -2.27 9.68
N MET A 47 2.62 -2.14 8.37
CA MET A 47 3.54 -1.15 7.82
C MET A 47 2.81 -0.14 6.91
N PHE A 48 1.65 -0.52 6.33
CA PHE A 48 0.76 0.46 5.67
C PHE A 48 -0.70 0.07 5.82
N SER A 49 -1.52 1.11 5.74
CA SER A 49 -2.96 1.03 5.58
C SER A 49 -3.26 1.93 4.38
N SER A 50 -4.10 1.46 3.46
CA SER A 50 -4.41 2.21 2.23
C SER A 50 -5.67 3.05 2.46
N GLU A 51 -6.15 3.74 1.40
CA GLU A 51 -7.43 4.43 1.42
C GLU A 51 -8.56 3.46 0.99
N GLY A 52 -8.17 2.22 0.60
CA GLY A 52 -9.11 1.17 0.16
C GLY A 52 -9.35 1.15 -1.34
N TYR A 53 -9.01 2.29 -1.99
CA TYR A 53 -9.02 2.50 -3.45
C TYR A 53 -10.45 2.84 -3.94
N LYS A 54 -11.43 2.01 -3.55
CA LYS A 54 -12.86 2.25 -3.80
C LYS A 54 -13.71 1.38 -2.86
N ALA A 55 -13.43 0.07 -2.90
CA ALA A 55 -14.16 -0.97 -2.13
C ALA A 55 -13.29 -2.23 -2.06
N LYS A 56 -13.82 -3.36 -1.54
CA LYS A 56 -13.01 -4.57 -1.33
C LYS A 56 -12.59 -5.25 -2.65
N ALA A 57 -13.51 -5.31 -3.64
CA ALA A 57 -13.20 -5.89 -4.98
C ALA A 57 -12.06 -5.10 -5.67
N SER A 58 -12.13 -3.76 -5.57
CA SER A 58 -11.09 -2.85 -6.06
C SER A 58 -9.81 -2.99 -5.23
N ALA A 59 -9.96 -3.42 -3.96
CA ALA A 59 -8.84 -3.61 -3.04
C ALA A 59 -8.02 -4.85 -3.42
N ILE A 60 -8.69 -6.01 -3.71
CA ILE A 60 -8.03 -7.21 -4.26
C ILE A 60 -7.24 -6.86 -5.54
N HIS A 61 -7.92 -6.21 -6.51
CA HIS A 61 -7.33 -5.86 -7.83
C HIS A 61 -6.12 -4.93 -7.68
N ALA A 62 -6.22 -4.01 -6.71
CA ALA A 62 -5.11 -3.12 -6.35
C ALA A 62 -3.94 -3.99 -5.89
N ILE A 63 -4.19 -4.85 -4.92
CA ILE A 63 -3.18 -5.78 -4.37
C ILE A 63 -2.62 -6.74 -5.46
N GLU A 64 -3.39 -6.94 -6.55
CA GLU A 64 -2.96 -7.83 -7.64
C GLU A 64 -1.82 -7.17 -8.43
N SER A 65 -1.77 -5.81 -8.43
CA SER A 65 -0.58 -5.04 -8.86
C SER A 65 0.68 -5.45 -8.06
N ILE A 66 0.50 -5.62 -6.74
CA ILE A 66 1.62 -5.86 -5.83
C ILE A 66 2.21 -7.25 -6.11
N LYS A 67 1.32 -8.22 -6.39
CA LYS A 67 1.67 -9.63 -6.62
C LYS A 67 2.52 -9.84 -7.88
N ARG A 68 2.49 -8.85 -8.76
CA ARG A 68 3.16 -8.92 -10.07
C ARG A 68 4.70 -8.85 -9.93
N ASN A 69 5.22 -7.68 -9.54
CA ASN A 69 6.68 -7.38 -9.54
C ASN A 69 7.01 -6.28 -8.51
N SER A 70 6.09 -6.00 -7.57
CA SER A 70 6.24 -4.90 -6.60
C SER A 70 7.43 -5.10 -5.64
N ALA A 71 7.73 -6.37 -5.32
CA ALA A 71 8.94 -6.74 -4.55
C ALA A 71 10.23 -6.40 -5.32
N GLY A 72 10.14 -6.34 -6.66
CA GLY A 72 11.25 -5.93 -7.53
C GLY A 72 11.06 -4.56 -8.17
N ALA A 73 9.96 -3.86 -7.80
CA ALA A 73 9.70 -2.46 -8.21
C ALA A 73 10.78 -1.49 -7.71
N ASP A 74 10.69 -0.22 -8.12
CA ASP A 74 11.59 0.84 -7.65
C ASP A 74 10.88 1.67 -6.56
N THR A 75 11.66 2.29 -5.67
CA THR A 75 11.12 3.19 -4.62
C THR A 75 11.66 4.63 -4.86
N VAL A 76 10.76 5.52 -5.32
CA VAL A 76 11.09 6.92 -5.64
C VAL A 76 10.45 7.86 -4.60
N ASP A 77 11.27 8.75 -4.01
CA ASP A 77 10.80 9.80 -3.09
C ASP A 77 10.87 11.17 -3.79
N LEU A 78 9.69 11.72 -4.09
CA LEU A 78 9.52 13.02 -4.77
C LEU A 78 9.61 14.19 -3.79
N THR A 79 9.42 13.95 -2.46
CA THR A 79 9.32 15.04 -1.46
C THR A 79 10.73 15.42 -0.91
N THR A 80 11.76 15.15 -1.73
CA THR A 80 13.12 15.66 -1.56
C THR A 80 13.63 16.18 -2.93
N MET A 81 13.32 15.39 -3.99
CA MET A 81 13.77 15.68 -5.37
C MET A 81 13.02 16.90 -5.93
N THR A 82 11.72 16.73 -6.20
CA THR A 82 10.86 17.78 -6.79
C THR A 82 9.43 17.68 -6.20
N ALA A 83 9.08 18.68 -5.36
CA ALA A 83 7.78 18.80 -4.69
C ALA A 83 7.82 20.11 -3.83
N MET B 22 9.96 0.35 -15.93
CA MET B 22 8.83 -0.30 -15.22
C MET B 22 8.25 0.69 -14.19
N TYR B 23 7.22 0.27 -13.44
CA TYR B 23 6.57 1.10 -12.42
C TYR B 23 7.40 1.19 -11.11
N LYS B 24 6.86 1.97 -10.15
CA LYS B 24 7.57 2.34 -8.92
C LYS B 24 6.61 2.89 -7.86
N PHE B 25 7.17 3.19 -6.68
CA PHE B 25 6.47 3.80 -5.55
C PHE B 25 6.78 5.30 -5.51
N GLU B 26 5.75 6.14 -5.63
CA GLU B 26 5.89 7.59 -5.50
C GLU B 26 5.57 8.02 -4.07
N ILE B 27 6.60 8.50 -3.35
CA ILE B 27 6.49 8.97 -1.96
C ILE B 27 6.57 10.48 -1.98
N TYR B 28 5.55 11.14 -1.48
CA TYR B 28 5.55 12.60 -1.38
C TYR B 28 4.56 13.08 -0.34
N GLN B 29 4.43 14.40 -0.25
CA GLN B 29 3.42 15.05 0.58
C GLN B 29 2.53 15.88 -0.35
N ASP B 30 1.24 15.98 0.00
CA ASP B 30 0.23 16.67 -0.81
C ASP B 30 -0.11 18.01 -0.13
N LYS B 31 -1.04 18.77 -0.76
CA LYS B 31 -1.42 20.17 -0.39
C LYS B 31 -1.61 20.42 1.12
N ALA B 32 -2.14 19.40 1.84
CA ALA B 32 -2.41 19.49 3.29
C ALA B 32 -1.12 19.30 4.15
N GLY B 33 0.05 19.30 3.47
CA GLY B 33 1.33 18.91 4.08
C GLY B 33 1.32 17.46 4.54
N GLU B 34 0.45 16.66 3.92
CA GLU B 34 0.13 15.30 4.40
C GLU B 34 0.92 14.28 3.59
N TYR B 35 1.54 13.30 4.26
CA TYR B 35 2.46 12.37 3.61
C TYR B 35 1.69 11.12 3.16
N ARG B 36 1.89 10.78 1.88
CA ARG B 36 1.27 9.64 1.20
C ARG B 36 2.33 8.97 0.31
N PHE B 37 2.36 7.64 0.32
CA PHE B 37 3.11 6.86 -0.66
C PHE B 37 2.13 6.00 -1.45
N ARG B 38 2.29 6.01 -2.77
CA ARG B 38 1.40 5.33 -3.71
C ARG B 38 2.22 4.44 -4.65
N PHE B 39 1.55 3.44 -5.23
CA PHE B 39 2.19 2.46 -6.15
C PHE B 39 1.56 2.63 -7.52
N LYS B 40 2.43 2.71 -8.52
CA LYS B 40 2.08 3.04 -9.89
C LYS B 40 2.00 1.79 -10.77
N ALA B 41 1.66 2.01 -12.04
CA ALA B 41 1.51 0.96 -13.05
C ALA B 41 2.30 1.37 -14.31
N SER B 42 2.63 0.37 -15.14
CA SER B 42 3.38 0.53 -16.41
C SER B 42 2.97 1.75 -17.29
N ASN B 43 1.65 2.06 -17.36
CA ASN B 43 1.13 3.16 -18.22
C ASN B 43 0.80 4.43 -17.39
N GLY B 44 1.31 4.49 -16.15
CA GLY B 44 1.20 5.67 -15.28
C GLY B 44 -0.06 5.70 -14.41
N GLU B 45 -0.78 4.58 -14.34
CA GLU B 45 -1.97 4.43 -13.46
C GLU B 45 -1.54 4.26 -12.00
N THR B 46 -2.45 4.55 -11.06
CA THR B 46 -2.22 4.32 -9.62
C THR B 46 -3.31 3.37 -9.09
N MET B 47 -2.90 2.43 -8.23
CA MET B 47 -3.76 1.37 -7.72
C MET B 47 -3.97 1.48 -6.19
N PHE B 48 -3.02 2.12 -5.46
CA PHE B 48 -3.27 2.51 -4.05
C PHE B 48 -2.55 3.79 -3.70
N SER B 49 -3.13 4.45 -2.70
CA SER B 49 -2.54 5.55 -1.97
C SER B 49 -2.63 5.13 -0.49
N SER B 50 -1.56 5.32 0.27
CA SER B 50 -1.53 4.91 1.69
C SER B 50 -1.94 6.09 2.57
N GLU B 51 -1.88 5.90 3.89
CA GLU B 51 -2.06 6.99 4.85
C GLU B 51 -0.70 7.67 5.14
N GLY B 52 0.38 7.12 4.56
CA GLY B 52 1.75 7.65 4.70
C GLY B 52 2.52 7.02 5.85
N TYR B 53 1.76 6.37 6.77
CA TYR B 53 2.27 5.58 7.91
C TYR B 53 2.64 6.49 9.10
N LYS B 54 3.47 7.52 8.81
CA LYS B 54 3.82 8.58 9.78
C LYS B 54 4.39 9.79 9.02
N ALA B 55 5.42 9.52 8.20
CA ALA B 55 6.15 10.55 7.42
C ALA B 55 6.90 9.85 6.28
N LYS B 56 7.78 10.57 5.55
CA LYS B 56 8.43 10.00 4.35
C LYS B 56 9.47 8.92 4.72
N ALA B 57 10.26 9.13 5.78
CA ALA B 57 11.25 8.12 6.26
C ALA B 57 10.55 6.80 6.65
N SER B 58 9.41 6.94 7.35
CA SER B 58 8.56 5.80 7.71
C SER B 58 7.88 5.20 6.48
N ALA B 59 7.71 6.02 5.42
CA ALA B 59 7.11 5.61 4.17
C ALA B 59 8.05 4.69 3.37
N ILE B 60 9.35 5.08 3.24
CA ILE B 60 10.41 4.21 2.65
C ILE B 60 10.44 2.85 3.38
N HIS B 61 10.55 2.88 4.73
CA HIS B 61 10.68 1.66 5.57
C HIS B 61 9.46 0.75 5.43
N ALA B 62 8.27 1.38 5.29
CA ALA B 62 7.03 0.66 5.03
C ALA B 62 7.18 -0.07 3.69
N ILE B 63 7.52 0.67 2.65
CA ILE B 63 7.73 0.12 1.30
C ILE B 63 8.85 -0.95 1.27
N GLU B 64 9.77 -0.91 2.26
CA GLU B 64 10.86 -1.89 2.34
C GLU B 64 10.31 -3.27 2.72
N SER B 65 9.17 -3.30 3.44
CA SER B 65 8.35 -4.53 3.62
C SER B 65 7.92 -5.13 2.28
N ILE B 66 7.54 -4.24 1.33
CA ILE B 66 6.97 -4.66 0.05
C ILE B 66 8.06 -5.34 -0.79
N LYS B 67 9.27 -4.75 -0.72
CA LYS B 67 10.44 -5.19 -1.51
C LYS B 67 10.94 -6.59 -1.13
N ARG B 68 10.53 -7.04 0.05
CA ARG B 68 10.96 -8.34 0.63
C ARG B 68 10.36 -9.53 -0.15
N ASN B 69 9.04 -9.75 -0.01
CA ASN B 69 8.34 -10.96 -0.51
C ASN B 69 6.85 -10.65 -0.78
N SER B 70 6.48 -9.36 -0.87
CA SER B 70 5.06 -8.94 -0.99
C SER B 70 4.43 -9.40 -2.32
N ALA B 71 5.25 -9.48 -3.38
CA ALA B 71 4.82 -10.05 -4.66
C ALA B 71 4.48 -11.55 -4.55
N GLY B 72 5.07 -12.22 -3.54
CA GLY B 72 4.75 -13.62 -3.23
C GLY B 72 3.96 -13.80 -1.93
N ALA B 73 3.57 -12.68 -1.29
CA ALA B 73 2.67 -12.68 -0.10
C ALA B 73 1.29 -13.29 -0.42
N ASP B 74 0.46 -13.43 0.60
CA ASP B 74 -0.93 -13.90 0.44
C ASP B 74 -1.90 -12.70 0.49
N THR B 75 -3.06 -12.84 -0.15
CA THR B 75 -4.12 -11.81 -0.12
C THR B 75 -5.36 -12.37 0.57
N VAL B 76 -5.62 -11.87 1.80
CA VAL B 76 -6.74 -12.31 2.65
C VAL B 76 -7.80 -11.19 2.72
N ASP B 77 -9.07 -11.53 2.43
CA ASP B 77 -10.22 -10.62 2.59
C ASP B 77 -11.07 -11.06 3.81
N LEU B 78 -11.02 -10.25 4.86
CA LEU B 78 -11.74 -10.47 6.12
C LEU B 78 -13.20 -9.97 6.07
N THR B 79 -13.54 -9.04 5.14
CA THR B 79 -14.86 -8.36 5.17
C THR B 79 -15.94 -9.17 4.44
N THR B 80 -15.60 -10.41 4.03
CA THR B 80 -16.57 -11.38 3.51
C THR B 80 -17.26 -12.08 4.71
N MET B 81 -16.48 -12.25 5.79
CA MET B 81 -17.00 -12.63 7.12
C MET B 81 -17.35 -11.32 7.86
N THR B 82 -18.63 -10.91 7.79
CA THR B 82 -19.10 -9.67 8.43
C THR B 82 -19.01 -9.80 9.97
N ALA B 83 -18.04 -9.07 10.54
CA ALA B 83 -17.64 -9.19 11.95
C ALA B 83 -18.07 -7.93 12.73
N MET A 22 3.43 -16.03 8.02
CA MET A 22 3.91 -15.11 6.96
C MET A 22 3.11 -13.82 6.99
N TYR A 23 3.74 -12.73 6.52
CA TYR A 23 3.04 -11.45 6.28
C TYR A 23 2.15 -11.53 5.03
N LYS A 24 1.11 -10.69 5.03
CA LYS A 24 0.01 -10.78 4.08
C LYS A 24 -0.81 -9.48 4.03
N PHE A 25 -1.79 -9.46 3.13
CA PHE A 25 -2.69 -8.31 2.92
C PHE A 25 -4.03 -8.58 3.60
N GLU A 26 -4.34 -7.76 4.60
CA GLU A 26 -5.59 -7.86 5.36
C GLU A 26 -6.62 -6.93 4.74
N ILE A 27 -7.68 -7.54 4.15
CA ILE A 27 -8.76 -6.81 3.48
C ILE A 27 -9.94 -6.77 4.45
N TYR A 28 -10.22 -5.59 4.96
CA TYR A 28 -11.33 -5.37 5.87
C TYR A 28 -12.09 -4.13 5.42
N GLN A 29 -13.13 -3.79 6.17
CA GLN A 29 -13.75 -2.46 6.08
C GLN A 29 -13.72 -1.84 7.47
N ASP A 30 -13.53 -0.53 7.50
CA ASP A 30 -13.42 0.26 8.73
C ASP A 30 -14.85 0.51 9.26
N LYS A 31 -14.94 0.84 10.57
CA LYS A 31 -16.20 1.15 11.30
C LYS A 31 -17.10 2.16 10.52
N ALA A 32 -16.46 3.08 9.78
CA ALA A 32 -17.13 4.09 8.94
C ALA A 32 -17.68 3.49 7.61
N GLY A 33 -17.65 2.14 7.50
CA GLY A 33 -18.05 1.40 6.29
C GLY A 33 -17.07 1.60 5.13
N GLU A 34 -15.81 1.91 5.46
CA GLU A 34 -14.78 2.28 4.46
C GLU A 34 -13.81 1.11 4.25
N TYR A 35 -13.96 0.37 3.14
CA TYR A 35 -13.02 -0.71 2.77
C TYR A 35 -11.57 -0.22 2.73
N ARG A 36 -10.71 -0.98 3.44
CA ARG A 36 -9.28 -0.71 3.64
C ARG A 36 -8.51 -2.03 3.49
N PHE A 37 -7.36 -1.99 2.82
CA PHE A 37 -6.43 -3.13 2.78
C PHE A 37 -5.05 -2.66 3.28
N ARG A 38 -4.48 -3.44 4.19
CA ARG A 38 -3.16 -3.15 4.78
C ARG A 38 -2.17 -4.24 4.38
N PHE A 39 -0.89 -3.99 4.66
CA PHE A 39 0.17 -5.00 4.52
C PHE A 39 0.88 -5.13 5.86
N LYS A 40 1.08 -6.38 6.26
CA LYS A 40 1.58 -6.74 7.58
C LYS A 40 3.06 -7.12 7.52
N ALA A 41 3.60 -7.52 8.68
CA ALA A 41 4.95 -8.04 8.85
C ALA A 41 4.87 -9.33 9.68
N SER A 42 5.93 -10.17 9.61
CA SER A 42 6.01 -11.47 10.32
C SER A 42 5.67 -11.40 11.84
N ASN A 43 5.97 -10.25 12.46
CA ASN A 43 5.73 -10.02 13.91
C ASN A 43 4.31 -9.50 14.20
N GLY A 44 3.43 -9.53 13.18
CA GLY A 44 2.07 -8.98 13.29
C GLY A 44 2.04 -7.47 13.21
N GLU A 45 3.16 -6.85 12.80
CA GLU A 45 3.30 -5.39 12.62
C GLU A 45 2.60 -4.96 11.33
N THR A 46 2.22 -3.69 11.23
CA THR A 46 1.65 -3.10 10.00
C THR A 46 2.57 -1.95 9.55
N MET A 47 2.60 -1.70 8.23
CA MET A 47 3.48 -0.69 7.62
C MET A 47 2.69 0.26 6.70
N PHE A 48 1.59 -0.20 6.07
CA PHE A 48 0.63 0.72 5.41
C PHE A 48 -0.80 0.26 5.62
N SER A 49 -1.69 1.25 5.54
CA SER A 49 -3.12 1.08 5.41
C SER A 49 -3.55 1.97 4.25
N SER A 50 -4.38 1.44 3.35
CA SER A 50 -4.77 2.11 2.12
C SER A 50 -6.10 2.84 2.32
N GLU A 51 -6.54 3.56 1.29
CA GLU A 51 -7.88 4.19 1.24
C GLU A 51 -8.91 3.22 0.62
N GLY A 52 -8.45 2.01 0.25
CA GLY A 52 -9.32 0.93 -0.23
C GLY A 52 -9.56 0.95 -1.74
N TYR A 53 -9.15 2.07 -2.37
CA TYR A 53 -9.19 2.30 -3.83
C TYR A 53 -10.62 2.68 -4.29
N LYS A 54 -11.61 1.81 -4.03
CA LYS A 54 -13.02 2.05 -4.39
C LYS A 54 -13.94 1.17 -3.53
N ALA A 55 -13.74 -0.15 -3.62
CA ALA A 55 -14.57 -1.17 -2.95
C ALA A 55 -13.70 -2.41 -2.68
N LYS A 56 -14.30 -3.54 -2.21
CA LYS A 56 -13.52 -4.75 -1.88
C LYS A 56 -12.96 -5.42 -3.15
N ALA A 57 -13.81 -5.60 -4.17
CA ALA A 57 -13.40 -6.20 -5.46
C ALA A 57 -12.25 -5.40 -6.09
N SER A 58 -12.38 -4.08 -6.00
CA SER A 58 -11.36 -3.11 -6.45
C SER A 58 -10.09 -3.18 -5.57
N ALA A 59 -10.28 -3.56 -4.29
CA ALA A 59 -9.20 -3.71 -3.30
C ALA A 59 -8.33 -4.92 -3.64
N ILE A 60 -8.96 -6.10 -3.95
CA ILE A 60 -8.24 -7.30 -4.44
C ILE A 60 -7.41 -6.96 -5.70
N HIS A 61 -8.07 -6.35 -6.69
CA HIS A 61 -7.43 -5.98 -7.99
C HIS A 61 -6.24 -5.02 -7.78
N ALA A 62 -6.39 -4.12 -6.79
CA ALA A 62 -5.30 -3.25 -6.37
C ALA A 62 -4.14 -4.10 -5.83
N ILE A 63 -4.42 -4.97 -4.86
CA ILE A 63 -3.42 -5.89 -4.28
C ILE A 63 -2.78 -6.80 -5.36
N GLU A 64 -3.52 -7.05 -6.44
CA GLU A 64 -3.03 -7.88 -7.57
C GLU A 64 -1.85 -7.18 -8.26
N SER A 65 -1.85 -5.82 -8.26
CA SER A 65 -0.65 -5.03 -8.68
C SER A 65 0.60 -5.43 -7.89
N ILE A 66 0.41 -5.65 -6.57
CA ILE A 66 1.53 -5.93 -5.68
C ILE A 66 2.10 -7.31 -6.02
N LYS A 67 1.18 -8.27 -6.24
CA LYS A 67 1.51 -9.69 -6.51
C LYS A 67 2.33 -9.87 -7.80
N ARG A 68 2.18 -8.91 -8.70
CA ARG A 68 2.85 -8.91 -10.02
C ARG A 68 4.38 -8.91 -9.88
N ASN A 69 4.94 -7.79 -9.37
CA ASN A 69 6.41 -7.55 -9.38
C ASN A 69 6.79 -6.40 -8.42
N SER A 70 5.91 -6.07 -7.47
CA SER A 70 6.06 -4.90 -6.58
C SER A 70 7.30 -5.01 -5.65
N ALA A 71 7.64 -6.26 -5.27
CA ALA A 71 8.86 -6.57 -4.52
C ALA A 71 10.13 -6.15 -5.31
N GLY A 72 10.03 -6.22 -6.65
CA GLY A 72 11.12 -5.80 -7.55
C GLY A 72 10.88 -4.44 -8.21
N ALA A 73 9.73 -3.78 -7.90
CA ALA A 73 9.43 -2.41 -8.37
C ALA A 73 10.46 -1.40 -7.82
N ASP A 74 10.52 -0.21 -8.43
CA ASP A 74 11.41 0.86 -7.96
C ASP A 74 10.72 1.70 -6.87
N THR A 75 11.50 2.40 -6.05
CA THR A 75 10.98 3.31 -5.01
C THR A 75 11.50 4.76 -5.28
N VAL A 76 10.59 5.60 -5.81
CA VAL A 76 10.90 7.00 -6.19
C VAL A 76 10.42 7.96 -5.07
N ASP A 77 11.29 8.91 -4.68
CA ASP A 77 10.96 10.00 -3.74
C ASP A 77 10.72 11.33 -4.50
N LEU A 78 9.45 11.71 -4.62
CA LEU A 78 9.02 12.96 -5.28
C LEU A 78 9.20 14.19 -4.35
N THR A 79 9.05 14.00 -3.04
CA THR A 79 8.91 15.11 -2.07
C THR A 79 10.28 15.60 -1.56
N THR A 80 11.33 14.83 -1.85
CA THR A 80 12.68 15.05 -1.29
C THR A 80 13.73 15.09 -2.42
N MET A 81 13.25 15.33 -3.65
CA MET A 81 14.11 15.42 -4.85
C MET A 81 13.65 16.62 -5.69
N THR A 82 12.45 16.50 -6.28
CA THR A 82 11.85 17.56 -7.11
C THR A 82 10.82 18.35 -6.26
N ALA A 83 11.12 19.62 -6.00
CA ALA A 83 10.27 20.49 -5.17
C ALA A 83 10.41 21.95 -5.64
N MET B 22 8.34 2.07 -15.95
CA MET B 22 8.12 1.02 -14.93
C MET B 22 7.16 1.53 -13.85
N TYR B 23 6.38 0.61 -13.26
CA TYR B 23 5.58 0.93 -12.07
C TYR B 23 6.47 0.89 -10.82
N LYS B 24 6.13 1.78 -9.89
CA LYS B 24 7.02 2.15 -8.79
C LYS B 24 6.21 2.81 -7.65
N PHE B 25 6.93 3.12 -6.56
CA PHE B 25 6.36 3.76 -5.36
C PHE B 25 6.67 5.25 -5.37
N GLU B 26 5.62 6.07 -5.47
CA GLU B 26 5.74 7.53 -5.48
C GLU B 26 5.59 8.05 -4.06
N ILE B 27 6.69 8.60 -3.50
CA ILE B 27 6.73 9.13 -2.14
C ILE B 27 6.61 10.64 -2.24
N TYR B 28 5.48 11.16 -1.82
CA TYR B 28 5.23 12.59 -1.80
C TYR B 28 4.65 12.98 -0.45
N GLN B 29 4.35 14.25 -0.29
CA GLN B 29 3.49 14.74 0.79
C GLN B 29 2.30 15.50 0.16
N ASP B 30 1.15 15.35 0.78
CA ASP B 30 -0.11 15.94 0.34
C ASP B 30 -0.12 17.41 0.76
N LYS B 31 -0.97 18.22 0.08
CA LYS B 31 -1.18 19.67 0.33
C LYS B 31 -1.37 20.00 1.84
N ALA B 32 -1.98 19.04 2.58
CA ALA B 32 -2.22 19.13 4.04
C ALA B 32 -0.93 18.86 4.87
N GLY B 33 0.22 18.77 4.18
CA GLY B 33 1.52 18.43 4.78
C GLY B 33 1.58 16.99 5.24
N GLU B 34 0.79 16.12 4.60
CA GLU B 34 0.62 14.71 5.03
C GLU B 34 1.40 13.78 4.08
N TYR B 35 2.57 13.28 4.50
CA TYR B 35 3.35 12.29 3.73
C TYR B 35 2.50 11.05 3.36
N ARG B 36 2.53 10.75 2.05
CA ARG B 36 1.76 9.66 1.40
C ARG B 36 2.70 8.94 0.42
N PHE B 37 2.61 7.60 0.38
CA PHE B 37 3.28 6.80 -0.66
C PHE B 37 2.24 5.93 -1.36
N ARG B 38 2.28 5.96 -2.70
CA ARG B 38 1.36 5.20 -3.55
C ARG B 38 2.14 4.14 -4.33
N PHE B 39 1.40 3.23 -4.97
CA PHE B 39 1.98 2.27 -5.92
C PHE B 39 1.23 2.42 -7.24
N LYS B 40 2.01 2.47 -8.32
CA LYS B 40 1.55 2.78 -9.66
C LYS B 40 1.43 1.51 -10.52
N ALA B 41 1.05 1.72 -11.78
CA ALA B 41 0.98 0.68 -12.82
C ALA B 41 1.69 1.20 -14.08
N SER B 42 2.10 0.28 -14.97
CA SER B 42 2.83 0.59 -16.24
C SER B 42 2.16 1.72 -17.08
N ASN B 43 0.81 1.82 -17.01
CA ASN B 43 0.02 2.82 -17.77
C ASN B 43 -0.10 4.17 -17.03
N GLY B 44 0.68 4.35 -15.94
CA GLY B 44 0.60 5.54 -15.08
C GLY B 44 -0.62 5.53 -14.15
N GLU B 45 -1.27 4.37 -14.05
CA GLU B 45 -2.44 4.16 -13.17
C GLU B 45 -1.99 4.01 -11.72
N THR B 46 -2.88 4.29 -10.76
CA THR B 46 -2.63 4.08 -9.33
C THR B 46 -3.65 3.08 -8.79
N MET B 47 -3.25 2.32 -7.76
CA MET B 47 -4.07 1.24 -7.17
C MET B 47 -4.19 1.39 -5.64
N PHE B 48 -3.17 1.96 -4.96
CA PHE B 48 -3.32 2.38 -3.55
C PHE B 48 -2.60 3.70 -3.30
N SER B 49 -3.11 4.39 -2.28
CA SER B 49 -2.46 5.52 -1.63
C SER B 49 -2.52 5.23 -0.13
N SER B 50 -1.40 5.44 0.57
CA SER B 50 -1.26 5.07 1.98
C SER B 50 -1.55 6.30 2.86
N GLU B 51 -1.52 6.09 4.18
CA GLU B 51 -1.61 7.19 5.16
C GLU B 51 -0.20 7.70 5.53
N GLY B 52 0.84 7.11 4.88
CA GLY B 52 2.23 7.55 5.01
C GLY B 52 2.98 6.92 6.17
N TYR B 53 2.23 6.23 7.05
CA TYR B 53 2.71 5.46 8.21
C TYR B 53 3.06 6.40 9.39
N LYS B 54 3.98 7.35 9.18
CA LYS B 54 4.39 8.34 10.21
C LYS B 54 5.01 9.58 9.55
N ALA B 55 6.08 9.36 8.78
CA ALA B 55 6.88 10.42 8.13
C ALA B 55 7.50 9.85 6.85
N LYS B 56 8.42 10.60 6.17
CA LYS B 56 9.01 10.14 4.90
C LYS B 56 9.99 8.97 5.14
N ALA B 57 10.88 9.09 6.15
CA ALA B 57 11.85 8.02 6.51
C ALA B 57 11.10 6.73 6.85
N SER B 58 10.00 6.88 7.60
CA SER B 58 9.10 5.79 7.98
C SER B 58 8.36 5.23 6.75
N ALA B 59 8.13 6.10 5.75
CA ALA B 59 7.46 5.74 4.49
C ALA B 59 8.36 4.82 3.64
N ILE B 60 9.66 5.17 3.49
CA ILE B 60 10.66 4.30 2.82
C ILE B 60 10.71 2.93 3.50
N HIS B 61 10.87 2.91 4.84
CA HIS B 61 10.98 1.66 5.64
C HIS B 61 9.71 0.80 5.48
N ALA B 62 8.55 1.47 5.37
CA ALA B 62 7.29 0.80 5.07
C ALA B 62 7.39 0.12 3.70
N ILE B 63 7.74 0.90 2.67
CA ILE B 63 7.92 0.38 1.29
C ILE B 63 8.97 -0.75 1.23
N GLU B 64 9.93 -0.74 2.18
CA GLU B 64 10.98 -1.76 2.26
C GLU B 64 10.36 -3.13 2.58
N SER B 65 9.23 -3.13 3.35
CA SER B 65 8.39 -4.35 3.55
C SER B 65 7.98 -4.96 2.21
N ILE B 66 7.60 -4.08 1.26
CA ILE B 66 7.07 -4.51 -0.03
C ILE B 66 8.19 -5.18 -0.83
N LYS B 67 9.37 -4.54 -0.79
CA LYS B 67 10.58 -4.97 -1.55
C LYS B 67 11.06 -6.36 -1.15
N ARG B 68 10.73 -6.73 0.10
CA ARG B 68 11.15 -8.02 0.69
C ARG B 68 10.60 -9.22 -0.12
N ASN B 69 9.26 -9.39 -0.09
CA ASN B 69 8.61 -10.62 -0.61
C ASN B 69 7.08 -10.41 -0.81
N SER B 70 6.65 -9.14 -0.87
CA SER B 70 5.21 -8.79 -0.91
C SER B 70 4.50 -9.29 -2.17
N ALA B 71 5.24 -9.37 -3.29
CA ALA B 71 4.75 -9.98 -4.54
C ALA B 71 4.39 -11.47 -4.35
N GLY B 72 5.09 -12.13 -3.41
CA GLY B 72 4.85 -13.53 -3.06
C GLY B 72 4.09 -13.70 -1.74
N ALA B 73 3.75 -12.57 -1.06
CA ALA B 73 2.93 -12.57 0.18
C ALA B 73 1.53 -13.12 -0.11
N ASP B 74 0.80 -13.50 0.95
CA ASP B 74 -0.59 -14.00 0.81
C ASP B 74 -1.58 -12.80 0.84
N THR B 75 -2.79 -13.01 0.32
CA THR B 75 -3.85 -12.00 0.36
C THR B 75 -5.09 -12.56 1.11
N VAL B 76 -5.25 -12.11 2.38
CA VAL B 76 -6.34 -12.57 3.27
C VAL B 76 -7.50 -11.55 3.26
N ASP B 77 -8.74 -12.05 3.12
CA ASP B 77 -9.98 -11.25 3.23
C ASP B 77 -10.62 -11.49 4.61
N LEU B 78 -10.54 -10.48 5.48
CA LEU B 78 -11.13 -10.50 6.83
C LEU B 78 -12.63 -10.13 6.82
N THR B 79 -13.06 -9.24 5.88
CA THR B 79 -14.39 -8.58 5.97
C THR B 79 -15.55 -9.46 5.45
N THR B 80 -15.23 -10.68 4.92
CA THR B 80 -16.18 -11.66 4.32
C THR B 80 -17.15 -11.07 3.24
N MET B 81 -18.06 -10.17 3.67
CA MET B 81 -18.97 -9.41 2.78
C MET B 81 -18.22 -8.78 1.58
N THR B 82 -18.72 -9.10 0.37
CA THR B 82 -18.19 -8.58 -0.89
C THR B 82 -18.76 -7.18 -1.20
N ALA B 83 -17.98 -6.37 -1.92
CA ALA B 83 -18.36 -5.01 -2.34
C ALA B 83 -17.90 -4.77 -3.79
N MET A 22 3.70 -16.36 7.47
CA MET A 22 4.18 -15.22 6.67
C MET A 22 3.24 -14.01 6.86
N TYR A 23 3.76 -12.79 6.60
CA TYR A 23 2.95 -11.57 6.47
C TYR A 23 2.07 -11.63 5.20
N LYS A 24 1.06 -10.75 5.17
CA LYS A 24 0.01 -10.80 4.16
C LYS A 24 -0.79 -9.48 4.14
N PHE A 25 -1.79 -9.44 3.24
CA PHE A 25 -2.70 -8.31 3.05
C PHE A 25 -4.02 -8.61 3.76
N GLU A 26 -4.32 -7.81 4.79
CA GLU A 26 -5.59 -7.89 5.51
C GLU A 26 -6.56 -6.88 4.91
N ILE A 27 -7.60 -7.38 4.21
CA ILE A 27 -8.56 -6.56 3.48
C ILE A 27 -9.75 -6.30 4.38
N TYR A 28 -9.94 -5.07 4.79
CA TYR A 28 -11.01 -4.68 5.68
C TYR A 28 -11.64 -3.40 5.16
N GLN A 29 -12.85 -3.09 5.60
CA GLN A 29 -13.45 -1.78 5.34
C GLN A 29 -13.31 -0.96 6.63
N ASP A 30 -13.12 0.35 6.47
CA ASP A 30 -13.11 1.28 7.58
C ASP A 30 -14.57 1.58 7.97
N LYS A 31 -14.77 2.10 9.21
CA LYS A 31 -16.08 2.51 9.76
C LYS A 31 -16.88 3.40 8.77
N ALA A 32 -16.14 4.22 8.00
CA ALA A 32 -16.67 5.09 6.92
C ALA A 32 -17.09 4.28 5.65
N GLY A 33 -17.09 2.94 5.73
CA GLY A 33 -17.36 2.05 4.60
C GLY A 33 -16.26 2.07 3.55
N GLU A 34 -15.01 2.34 3.98
CA GLU A 34 -13.87 2.51 3.04
C GLU A 34 -13.11 1.19 2.91
N TYR A 35 -13.47 0.38 1.89
CA TYR A 35 -12.75 -0.87 1.56
C TYR A 35 -11.26 -0.61 1.27
N ARG A 36 -10.44 -1.28 2.08
CA ARG A 36 -9.00 -1.06 2.23
C ARG A 36 -8.27 -2.39 2.27
N PHE A 37 -6.95 -2.29 2.22
CA PHE A 37 -6.06 -3.39 2.55
C PHE A 37 -4.84 -2.81 3.26
N ARG A 38 -4.36 -3.52 4.26
CA ARG A 38 -3.16 -3.17 5.02
C ARG A 38 -2.13 -4.29 4.81
N PHE A 39 -0.85 -3.93 4.82
CA PHE A 39 0.24 -4.91 4.67
C PHE A 39 0.97 -5.03 6.02
N LYS A 40 1.13 -6.29 6.44
CA LYS A 40 1.67 -6.65 7.76
C LYS A 40 3.17 -7.00 7.65
N ALA A 41 3.75 -7.39 8.78
CA ALA A 41 5.16 -7.83 8.88
C ALA A 41 5.22 -9.13 9.73
N SER A 42 6.34 -9.87 9.62
CA SER A 42 6.57 -11.13 10.37
C SER A 42 6.40 -10.98 11.91
N ASN A 43 6.71 -9.79 12.44
CA ASN A 43 6.57 -9.48 13.88
C ASN A 43 5.12 -9.07 14.24
N GLY A 44 4.31 -8.74 13.22
CA GLY A 44 2.93 -8.30 13.41
C GLY A 44 2.82 -6.79 13.61
N GLU A 45 3.45 -6.05 12.68
CA GLU A 45 3.39 -4.59 12.65
C GLU A 45 2.97 -4.15 11.24
N THR A 46 1.95 -3.27 11.18
CA THR A 46 1.42 -2.76 9.91
C THR A 46 2.24 -1.56 9.46
N MET A 47 2.69 -1.61 8.20
CA MET A 47 3.58 -0.60 7.62
C MET A 47 2.82 0.34 6.65
N PHE A 48 1.60 -0.06 6.20
CA PHE A 48 0.63 0.88 5.60
C PHE A 48 -0.80 0.33 5.70
N SER A 49 -1.73 1.25 5.46
CA SER A 49 -3.13 0.97 5.20
C SER A 49 -3.57 1.88 4.07
N SER A 50 -4.50 1.40 3.22
CA SER A 50 -4.96 2.15 2.05
C SER A 50 -5.96 3.24 2.48
N GLU A 51 -6.17 4.23 1.61
CA GLU A 51 -7.18 5.29 1.79
C GLU A 51 -8.61 4.68 1.81
N GLY A 52 -8.78 3.61 1.03
CA GLY A 52 -10.08 2.99 0.77
C GLY A 52 -10.45 3.13 -0.69
N TYR A 53 -9.48 2.71 -1.53
CA TYR A 53 -9.52 2.73 -3.03
C TYR A 53 -10.91 2.90 -3.68
N LYS A 54 -11.80 1.91 -3.51
CA LYS A 54 -13.14 1.95 -4.15
C LYS A 54 -14.10 0.95 -3.50
N ALA A 55 -13.81 -0.35 -3.68
CA ALA A 55 -14.69 -1.46 -3.26
C ALA A 55 -13.83 -2.67 -2.91
N LYS A 56 -14.45 -3.77 -2.43
CA LYS A 56 -13.73 -5.00 -2.04
C LYS A 56 -13.08 -5.64 -3.28
N ALA A 57 -13.88 -5.80 -4.35
CA ALA A 57 -13.40 -6.33 -5.65
C ALA A 57 -12.21 -5.52 -6.17
N SER A 58 -12.31 -4.19 -6.03
CA SER A 58 -11.26 -3.24 -6.43
C SER A 58 -10.02 -3.35 -5.51
N ALA A 59 -10.25 -3.73 -4.23
CA ALA A 59 -9.18 -3.88 -3.24
C ALA A 59 -8.28 -5.07 -3.58
N ILE A 60 -8.88 -6.25 -3.89
CA ILE A 60 -8.15 -7.44 -4.39
C ILE A 60 -7.38 -7.11 -5.68
N HIS A 61 -8.06 -6.45 -6.64
CA HIS A 61 -7.47 -6.03 -7.94
C HIS A 61 -6.20 -5.18 -7.73
N ALA A 62 -6.28 -4.29 -6.73
CA ALA A 62 -5.15 -3.47 -6.30
C ALA A 62 -4.02 -4.38 -5.79
N ILE A 63 -4.33 -5.28 -4.86
CA ILE A 63 -3.35 -6.25 -4.32
C ILE A 63 -2.75 -7.13 -5.43
N GLU A 64 -3.52 -7.35 -6.51
CA GLU A 64 -3.06 -8.17 -7.64
C GLU A 64 -1.90 -7.47 -8.35
N SER A 65 -1.92 -6.11 -8.38
CA SER A 65 -0.77 -5.30 -8.84
C SER A 65 0.50 -5.61 -8.03
N ILE A 66 0.34 -5.81 -6.71
CA ILE A 66 1.46 -6.04 -5.81
C ILE A 66 2.12 -7.38 -6.15
N LYS A 67 1.26 -8.40 -6.42
CA LYS A 67 1.70 -9.79 -6.69
C LYS A 67 2.51 -9.91 -7.98
N ARG A 68 2.28 -8.96 -8.89
CA ARG A 68 2.90 -8.95 -10.24
C ARG A 68 4.43 -8.81 -10.17
N ASN A 69 4.91 -7.75 -9.47
CA ASN A 69 6.34 -7.36 -9.49
C ASN A 69 6.66 -6.24 -8.48
N SER A 70 5.78 -6.01 -7.50
CA SER A 70 5.96 -4.88 -6.54
C SER A 70 7.21 -5.05 -5.65
N ALA A 71 7.57 -6.30 -5.34
CA ALA A 71 8.83 -6.62 -4.64
C ALA A 71 10.08 -6.30 -5.48
N GLY A 72 9.89 -6.18 -6.82
CA GLY A 72 10.94 -5.72 -7.74
C GLY A 72 10.70 -4.30 -8.29
N ALA A 73 9.54 -3.70 -7.93
CA ALA A 73 9.16 -2.33 -8.36
C ALA A 73 10.07 -1.28 -7.72
N ASP A 74 10.46 -0.25 -8.48
CA ASP A 74 11.40 0.78 -8.02
C ASP A 74 10.74 1.69 -6.95
N THR A 75 11.57 2.40 -6.16
CA THR A 75 11.10 3.33 -5.13
C THR A 75 11.56 4.77 -5.45
N VAL A 76 10.64 5.58 -6.01
CA VAL A 76 10.88 6.99 -6.40
C VAL A 76 10.28 7.92 -5.35
N ASP A 77 11.11 8.80 -4.77
CA ASP A 77 10.64 9.79 -3.77
C ASP A 77 10.44 11.18 -4.40
N LEU A 78 9.18 11.61 -4.48
CA LEU A 78 8.79 12.93 -4.99
C LEU A 78 8.96 14.05 -3.93
N THR A 79 8.75 13.71 -2.63
CA THR A 79 8.60 14.74 -1.56
C THR A 79 9.96 15.12 -0.95
N THR A 80 11.02 14.45 -1.41
CA THR A 80 12.39 14.73 -1.00
C THR A 80 12.98 15.78 -1.97
N MET A 81 12.88 17.04 -1.54
CA MET A 81 13.25 18.22 -2.33
C MET A 81 14.02 19.21 -1.42
N THR A 82 14.79 20.13 -2.03
CA THR A 82 15.51 21.20 -1.31
C THR A 82 14.55 22.08 -0.49
N ALA A 83 13.48 22.54 -1.14
CA ALA A 83 12.39 23.29 -0.50
C ALA A 83 11.08 22.49 -0.67
N MET B 22 9.41 1.07 -15.67
CA MET B 22 8.35 0.19 -15.12
C MET B 22 7.64 0.90 -13.95
N TYR B 23 6.51 0.32 -13.46
CA TYR B 23 5.77 0.87 -12.32
C TYR B 23 6.59 0.84 -11.03
N LYS B 24 6.20 1.70 -10.09
CA LYS B 24 7.03 2.04 -8.93
C LYS B 24 6.20 2.72 -7.83
N PHE B 25 6.90 3.05 -6.73
CA PHE B 25 6.34 3.72 -5.56
C PHE B 25 6.68 5.21 -5.61
N GLU B 26 5.66 6.06 -5.76
CA GLU B 26 5.80 7.51 -5.73
C GLU B 26 5.53 8.01 -4.32
N ILE B 27 6.60 8.47 -3.63
CA ILE B 27 6.55 8.88 -2.24
C ILE B 27 6.33 10.39 -2.19
N TYR B 28 5.18 10.78 -1.70
CA TYR B 28 4.79 12.18 -1.63
C TYR B 28 4.15 12.43 -0.27
N GLN B 29 4.07 13.70 0.12
CA GLN B 29 3.30 14.08 1.32
C GLN B 29 2.00 14.72 0.81
N ASP B 30 0.92 14.47 1.54
CA ASP B 30 -0.37 15.11 1.29
C ASP B 30 -0.32 16.55 1.84
N LYS B 31 -1.23 17.40 1.36
CA LYS B 31 -1.43 18.82 1.81
C LYS B 31 -1.45 18.94 3.34
N ALA B 32 -2.00 17.91 4.01
CA ALA B 32 -2.07 17.79 5.48
C ALA B 32 -0.70 17.39 6.12
N GLY B 33 0.37 17.41 5.31
CA GLY B 33 1.71 17.00 5.71
C GLY B 33 1.82 15.50 5.97
N GLU B 34 0.99 14.71 5.27
CA GLU B 34 0.91 13.24 5.49
C GLU B 34 1.83 12.51 4.51
N TYR B 35 3.06 12.21 4.94
CA TYR B 35 4.03 11.42 4.16
C TYR B 35 3.47 10.01 3.82
N ARG B 36 3.38 9.78 2.50
CA ARG B 36 2.68 8.67 1.87
C ARG B 36 3.54 8.06 0.78
N PHE B 37 3.06 6.94 0.27
CA PHE B 37 3.54 6.35 -0.98
C PHE B 37 2.34 5.74 -1.70
N ARG B 38 2.34 5.90 -3.02
CA ARG B 38 1.32 5.31 -3.89
C ARG B 38 2.01 4.31 -4.82
N PHE B 39 1.28 3.28 -5.23
CA PHE B 39 1.81 2.26 -6.16
C PHE B 39 1.08 2.41 -7.49
N LYS B 40 1.87 2.48 -8.56
CA LYS B 40 1.42 2.74 -9.92
C LYS B 40 1.29 1.44 -10.72
N ALA B 41 0.91 1.58 -11.99
CA ALA B 41 0.78 0.46 -12.94
C ALA B 41 1.45 0.85 -14.27
N SER B 42 1.76 -0.15 -15.12
CA SER B 42 2.41 0.05 -16.44
C SER B 42 1.65 1.03 -17.37
N ASN B 43 0.31 1.11 -17.21
CA ASN B 43 -0.55 2.02 -17.99
C ASN B 43 -0.60 3.44 -17.36
N GLY B 44 -0.15 3.56 -16.10
CA GLY B 44 -0.15 4.81 -15.36
C GLY B 44 -1.46 5.05 -14.60
N GLU B 45 -1.87 4.02 -13.86
CA GLU B 45 -3.06 4.07 -12.98
C GLU B 45 -2.65 3.66 -11.56
N THR B 46 -3.02 4.48 -10.58
CA THR B 46 -2.71 4.25 -9.17
C THR B 46 -3.77 3.34 -8.54
N MET B 47 -3.30 2.27 -7.91
CA MET B 47 -4.16 1.22 -7.35
C MET B 47 -4.27 1.33 -5.80
N PHE B 48 -3.35 2.08 -5.16
CA PHE B 48 -3.55 2.58 -3.78
C PHE B 48 -2.67 3.81 -3.51
N SER B 49 -3.05 4.47 -2.42
CA SER B 49 -2.25 5.50 -1.75
C SER B 49 -2.34 5.23 -0.24
N SER B 50 -1.27 5.51 0.50
CA SER B 50 -1.21 5.27 1.94
C SER B 50 -2.00 6.36 2.69
N GLU B 51 -2.36 6.07 3.95
CA GLU B 51 -2.99 7.04 4.86
C GLU B 51 -2.05 8.22 5.14
N GLY B 52 -0.75 7.90 5.18
CA GLY B 52 0.27 8.84 5.65
C GLY B 52 0.94 8.34 6.90
N TYR B 53 1.64 7.20 6.74
CA TYR B 53 2.03 6.29 7.85
C TYR B 53 2.63 7.04 9.06
N LYS B 54 3.69 7.86 8.80
CA LYS B 54 4.35 8.62 9.88
C LYS B 54 5.22 9.77 9.30
N ALA B 55 6.29 9.39 8.59
CA ALA B 55 7.31 10.34 8.07
C ALA B 55 7.89 9.79 6.76
N LYS B 56 8.78 10.55 6.09
CA LYS B 56 9.41 10.15 4.83
C LYS B 56 10.28 8.90 5.04
N ALA B 57 11.16 8.97 6.08
CA ALA B 57 12.03 7.84 6.47
C ALA B 57 11.19 6.57 6.74
N SER B 58 10.06 6.77 7.43
CA SER B 58 9.11 5.69 7.76
C SER B 58 8.38 5.17 6.49
N ALA B 59 8.21 6.06 5.48
CA ALA B 59 7.54 5.71 4.21
C ALA B 59 8.40 4.74 3.38
N ILE B 60 9.72 5.06 3.23
CA ILE B 60 10.70 4.14 2.59
C ILE B 60 10.76 2.80 3.32
N HIS B 61 10.84 2.85 4.68
CA HIS B 61 10.91 1.64 5.54
C HIS B 61 9.69 0.72 5.30
N ALA B 62 8.53 1.36 5.12
CA ALA B 62 7.29 0.68 4.77
C ALA B 62 7.45 0.00 3.39
N ILE B 63 7.89 0.77 2.39
CA ILE B 63 8.13 0.23 1.03
C ILE B 63 9.17 -0.92 1.04
N GLU B 64 10.09 -0.89 2.02
CA GLU B 64 11.12 -1.91 2.16
C GLU B 64 10.50 -3.26 2.52
N SER B 65 9.39 -3.22 3.29
CA SER B 65 8.54 -4.42 3.54
C SER B 65 8.04 -5.03 2.23
N ILE B 66 7.67 -4.16 1.27
CA ILE B 66 7.08 -4.60 0.01
C ILE B 66 8.14 -5.36 -0.80
N LYS B 67 9.38 -4.82 -0.78
CA LYS B 67 10.52 -5.37 -1.57
C LYS B 67 10.95 -6.77 -1.10
N ARG B 68 10.64 -7.05 0.16
CA ARG B 68 11.03 -8.32 0.84
C ARG B 68 10.39 -9.55 0.17
N ASN B 69 9.05 -9.54 0.06
CA ASN B 69 8.28 -10.74 -0.37
C ASN B 69 6.78 -10.42 -0.60
N SER B 70 6.42 -9.13 -0.76
CA SER B 70 5.00 -8.73 -0.89
C SER B 70 4.33 -9.28 -2.17
N ALA B 71 5.13 -9.43 -3.24
CA ALA B 71 4.69 -10.08 -4.48
C ALA B 71 4.39 -11.59 -4.28
N GLY B 72 4.94 -12.16 -3.19
CA GLY B 72 4.64 -13.55 -2.77
C GLY B 72 3.77 -13.62 -1.50
N ALA B 73 3.50 -12.45 -0.87
CA ALA B 73 2.67 -12.33 0.35
C ALA B 73 1.21 -12.71 0.07
N ASP B 74 0.58 -13.45 0.99
CA ASP B 74 -0.81 -13.94 0.81
C ASP B 74 -1.84 -12.79 0.87
N THR B 75 -3.04 -13.02 0.33
CA THR B 75 -4.13 -12.04 0.33
C THR B 75 -5.34 -12.57 1.14
N VAL B 76 -5.45 -12.10 2.40
CA VAL B 76 -6.53 -12.49 3.35
C VAL B 76 -7.59 -11.38 3.40
N ASP B 77 -8.87 -11.73 3.10
CA ASP B 77 -9.99 -10.76 3.15
C ASP B 77 -10.79 -10.94 4.46
N LEU B 78 -10.73 -9.92 5.32
CA LEU B 78 -11.46 -9.86 6.59
C LEU B 78 -12.91 -9.35 6.40
N THR B 79 -13.12 -8.42 5.45
CA THR B 79 -14.34 -7.57 5.43
C THR B 79 -15.59 -8.30 4.88
N THR B 80 -15.41 -9.48 4.25
CA THR B 80 -16.54 -10.28 3.71
C THR B 80 -16.67 -11.62 4.47
N MET B 81 -15.78 -11.85 5.45
CA MET B 81 -15.86 -13.03 6.35
C MET B 81 -16.35 -12.55 7.72
N THR B 82 -15.43 -11.99 8.53
CA THR B 82 -15.76 -11.37 9.83
C THR B 82 -14.70 -10.29 10.14
N ALA B 83 -15.15 -9.17 10.69
CA ALA B 83 -14.34 -8.00 11.04
C ALA B 83 -15.27 -6.96 11.69
N MET A 22 3.47 -16.19 7.63
CA MET A 22 4.08 -15.12 6.80
C MET A 22 3.16 -13.90 6.79
N TYR A 23 3.74 -12.71 6.50
CA TYR A 23 2.96 -11.47 6.27
C TYR A 23 2.04 -11.59 5.05
N LYS A 24 0.99 -10.76 5.04
CA LYS A 24 -0.14 -10.87 4.12
C LYS A 24 -0.90 -9.54 4.02
N PHE A 25 -1.93 -9.53 3.15
CA PHE A 25 -2.78 -8.36 2.91
C PHE A 25 -4.13 -8.54 3.61
N GLU A 26 -4.40 -7.68 4.60
CA GLU A 26 -5.66 -7.73 5.36
C GLU A 26 -6.65 -6.72 4.75
N ILE A 27 -7.72 -7.23 4.10
CA ILE A 27 -8.74 -6.40 3.44
C ILE A 27 -9.95 -6.25 4.36
N TYR A 28 -10.41 -5.03 4.56
CA TYR A 28 -11.55 -4.74 5.42
C TYR A 28 -12.37 -3.56 4.85
N GLN A 29 -13.47 -3.20 5.52
CA GLN A 29 -14.21 -1.94 5.26
C GLN A 29 -14.22 -1.12 6.56
N ASP A 30 -14.19 0.22 6.46
CA ASP A 30 -14.07 1.11 7.62
C ASP A 30 -15.45 1.71 7.96
N LYS A 31 -15.47 2.61 8.97
CA LYS A 31 -16.68 3.27 9.54
C LYS A 31 -17.73 3.73 8.49
N ALA A 32 -17.24 4.23 7.35
CA ALA A 32 -18.08 4.82 6.29
C ALA A 32 -18.35 3.80 5.16
N GLY A 33 -18.15 2.51 5.49
CA GLY A 33 -18.13 1.42 4.51
C GLY A 33 -16.95 1.52 3.56
N GLU A 34 -15.84 2.10 4.06
CA GLU A 34 -14.65 2.42 3.24
C GLU A 34 -13.81 1.16 3.02
N TYR A 35 -14.09 0.44 1.93
CA TYR A 35 -13.25 -0.69 1.51
C TYR A 35 -11.77 -0.29 1.33
N ARG A 36 -11.01 -0.78 2.30
CA ARG A 36 -9.60 -0.53 2.52
C ARG A 36 -8.88 -1.88 2.63
N PHE A 37 -7.56 -1.80 2.72
CA PHE A 37 -6.69 -2.95 2.92
C PHE A 37 -5.31 -2.47 3.38
N ARG A 38 -4.52 -3.42 3.86
CA ARG A 38 -3.18 -3.16 4.38
C ARG A 38 -2.22 -4.30 4.04
N PHE A 39 -0.93 -4.06 4.31
CA PHE A 39 0.12 -5.10 4.23
C PHE A 39 0.86 -5.12 5.56
N LYS A 40 1.08 -6.32 6.05
CA LYS A 40 1.69 -6.60 7.35
C LYS A 40 3.18 -6.90 7.19
N ALA A 41 3.81 -7.19 8.33
CA ALA A 41 5.21 -7.61 8.41
C ALA A 41 5.29 -8.81 9.38
N SER A 42 6.40 -9.56 9.30
CA SER A 42 6.66 -10.79 10.11
C SER A 42 6.37 -10.63 11.63
N ASN A 43 6.55 -9.41 12.16
CA ASN A 43 6.38 -9.10 13.60
C ASN A 43 4.91 -8.78 13.97
N GLY A 44 3.99 -8.90 13.00
CA GLY A 44 2.59 -8.49 13.15
C GLY A 44 2.43 -6.97 13.21
N GLU A 45 3.34 -6.26 12.52
CA GLU A 45 3.32 -4.79 12.42
C GLU A 45 2.85 -4.40 11.01
N THR A 46 2.07 -3.30 10.90
CA THR A 46 1.58 -2.79 9.62
C THR A 46 2.47 -1.62 9.15
N MET A 47 2.73 -1.58 7.84
CA MET A 47 3.61 -0.58 7.22
C MET A 47 2.83 0.37 6.28
N PHE A 48 1.65 -0.08 5.79
CA PHE A 48 0.64 0.84 5.22
C PHE A 48 -0.76 0.23 5.21
N SER A 49 -1.74 1.12 5.02
CA SER A 49 -3.17 0.81 5.11
C SER A 49 -3.99 1.99 4.57
N SER A 50 -5.32 1.76 4.47
CA SER A 50 -6.33 2.82 4.33
C SER A 50 -6.16 3.71 3.08
N GLU A 51 -6.27 3.07 1.90
CA GLU A 51 -6.50 3.80 0.63
C GLU A 51 -7.99 4.21 0.56
N GLY A 52 -8.92 3.25 0.65
CA GLY A 52 -10.33 3.52 0.36
C GLY A 52 -10.55 3.50 -1.15
N TYR A 53 -10.20 2.37 -1.79
CA TYR A 53 -10.05 2.28 -3.25
C TYR A 53 -11.44 2.31 -3.92
N LYS A 54 -12.29 1.31 -3.59
CA LYS A 54 -13.69 1.25 -4.06
C LYS A 54 -14.48 0.15 -3.32
N ALA A 55 -14.19 -1.11 -3.67
CA ALA A 55 -14.94 -2.29 -3.20
C ALA A 55 -13.96 -3.40 -2.83
N LYS A 56 -14.45 -4.51 -2.24
CA LYS A 56 -13.59 -5.65 -1.85
C LYS A 56 -12.96 -6.30 -3.09
N ALA A 57 -13.79 -6.56 -4.12
CA ALA A 57 -13.31 -7.14 -5.40
C ALA A 57 -12.23 -6.26 -6.03
N SER A 58 -12.47 -4.93 -5.98
CA SER A 58 -11.56 -3.91 -6.50
C SER A 58 -10.27 -3.86 -5.67
N ALA A 59 -10.42 -4.19 -4.36
CA ALA A 59 -9.33 -4.22 -3.39
C ALA A 59 -8.34 -5.35 -3.72
N ILE A 60 -8.87 -6.57 -3.95
CA ILE A 60 -8.07 -7.75 -4.38
C ILE A 60 -7.35 -7.46 -5.71
N HIS A 61 -8.06 -6.87 -6.70
CA HIS A 61 -7.50 -6.53 -8.02
C HIS A 61 -6.33 -5.52 -7.89
N ALA A 62 -6.50 -4.55 -6.97
CA ALA A 62 -5.44 -3.62 -6.60
C ALA A 62 -4.21 -4.40 -6.10
N ILE A 63 -4.43 -5.26 -5.10
CA ILE A 63 -3.39 -6.15 -4.52
C ILE A 63 -2.74 -7.05 -5.60
N GLU A 64 -3.50 -7.38 -6.66
CA GLU A 64 -2.98 -8.18 -7.79
C GLU A 64 -1.83 -7.47 -8.49
N SER A 65 -1.85 -6.11 -8.50
CA SER A 65 -0.68 -5.31 -8.94
C SER A 65 0.60 -5.67 -8.17
N ILE A 66 0.44 -5.91 -6.85
CA ILE A 66 1.60 -6.16 -5.96
C ILE A 66 2.23 -7.51 -6.31
N LYS A 67 1.35 -8.51 -6.47
CA LYS A 67 1.73 -9.93 -6.69
C LYS A 67 2.59 -10.11 -7.96
N ARG A 68 2.39 -9.18 -8.89
CA ARG A 68 3.07 -9.17 -10.19
C ARG A 68 4.61 -9.04 -10.05
N ASN A 69 5.05 -7.95 -9.40
CA ASN A 69 6.49 -7.53 -9.44
C ASN A 69 6.78 -6.33 -8.49
N SER A 70 5.91 -6.06 -7.52
CA SER A 70 6.06 -4.90 -6.61
C SER A 70 7.31 -5.03 -5.72
N ALA A 71 7.64 -6.27 -5.34
CA ALA A 71 8.90 -6.60 -4.66
C ALA A 71 10.14 -6.19 -5.50
N GLY A 72 10.01 -6.31 -6.84
CA GLY A 72 11.06 -5.91 -7.79
C GLY A 72 10.86 -4.49 -8.37
N ALA A 73 9.77 -3.80 -7.98
CA ALA A 73 9.46 -2.43 -8.44
C ALA A 73 10.48 -1.41 -7.90
N ASP A 74 10.52 -0.20 -8.49
CA ASP A 74 11.45 0.86 -8.05
C ASP A 74 10.79 1.73 -6.95
N THR A 75 11.60 2.43 -6.15
CA THR A 75 11.11 3.32 -5.09
C THR A 75 11.60 4.77 -5.34
N VAL A 76 10.67 5.63 -5.81
CA VAL A 76 10.94 7.03 -6.24
C VAL A 76 10.32 8.02 -5.23
N ASP A 77 11.13 8.94 -4.71
CA ASP A 77 10.69 9.97 -3.73
C ASP A 77 10.54 11.36 -4.40
N LEU A 78 9.33 11.93 -4.25
CA LEU A 78 8.97 13.27 -4.76
C LEU A 78 9.02 14.39 -3.67
N THR A 79 8.89 14.01 -2.38
CA THR A 79 8.61 14.98 -1.29
C THR A 79 9.86 15.75 -0.79
N THR A 80 11.05 15.15 -0.93
CA THR A 80 12.30 15.76 -0.42
C THR A 80 12.79 16.85 -1.38
N MET A 81 12.44 16.69 -2.67
CA MET A 81 12.85 17.62 -3.73
C MET A 81 11.96 18.87 -3.74
N THR A 82 10.64 18.68 -3.47
CA THR A 82 9.67 19.79 -3.45
C THR A 82 9.93 20.74 -2.26
N ALA A 83 10.41 21.94 -2.58
CA ALA A 83 10.83 22.95 -1.60
C ALA A 83 10.67 24.37 -2.23
N MET B 22 8.63 0.76 -16.18
CA MET B 22 8.07 -0.10 -15.11
C MET B 22 7.34 0.77 -14.07
N TYR B 23 6.36 0.17 -13.37
CA TYR B 23 5.70 0.79 -12.22
C TYR B 23 6.65 0.88 -11.00
N LYS B 24 6.26 1.71 -10.03
CA LYS B 24 7.12 2.11 -8.92
C LYS B 24 6.31 2.73 -7.76
N PHE B 25 7.03 3.10 -6.68
CA PHE B 25 6.46 3.70 -5.47
C PHE B 25 6.73 5.21 -5.46
N GLU B 26 5.66 6.02 -5.55
CA GLU B 26 5.75 7.49 -5.54
C GLU B 26 5.50 7.99 -4.11
N ILE B 27 6.56 8.52 -3.46
CA ILE B 27 6.51 9.01 -2.08
C ILE B 27 6.35 10.52 -2.09
N TYR B 28 5.39 11.03 -1.35
CA TYR B 28 5.12 12.48 -1.27
C TYR B 28 4.69 12.86 0.15
N GLN B 29 4.44 14.15 0.38
CA GLN B 29 3.75 14.65 1.60
C GLN B 29 2.49 15.41 1.15
N ASP B 30 1.41 15.34 1.96
CA ASP B 30 0.10 15.90 1.59
C ASP B 30 -0.10 17.26 2.30
N LYS B 31 -1.30 17.87 2.11
CA LYS B 31 -1.72 19.21 2.63
C LYS B 31 -1.29 19.51 4.08
N ALA B 32 -1.35 18.48 4.94
CA ALA B 32 -1.09 18.59 6.39
C ALA B 32 0.37 18.16 6.72
N GLY B 33 1.23 18.16 5.69
CA GLY B 33 2.57 17.58 5.75
C GLY B 33 2.54 16.07 5.94
N GLU B 34 1.47 15.43 5.41
CA GLU B 34 1.21 13.99 5.64
C GLU B 34 2.06 13.15 4.71
N TYR B 35 3.24 12.75 5.19
CA TYR B 35 4.11 11.81 4.50
C TYR B 35 3.39 10.49 4.17
N ARG B 36 3.11 10.39 2.87
CA ARG B 36 2.36 9.34 2.23
C ARG B 36 3.19 8.78 1.07
N PHE B 37 2.66 7.73 0.44
CA PHE B 37 3.22 7.09 -0.72
C PHE B 37 2.17 6.20 -1.37
N ARG B 38 2.48 5.78 -2.60
CA ARG B 38 1.60 4.95 -3.43
C ARG B 38 2.39 3.95 -4.26
N PHE B 39 1.65 3.02 -4.88
CA PHE B 39 2.20 2.09 -5.87
C PHE B 39 1.38 2.20 -7.15
N LYS B 40 2.08 2.26 -8.26
CA LYS B 40 1.52 2.47 -9.59
C LYS B 40 1.36 1.13 -10.33
N ALA B 41 0.87 1.23 -11.56
CA ALA B 41 0.73 0.11 -12.49
C ALA B 41 1.25 0.55 -13.87
N SER B 42 1.57 -0.44 -14.72
CA SER B 42 2.13 -0.23 -16.08
C SER B 42 1.41 0.85 -16.92
N ASN B 43 0.09 1.02 -16.71
CA ASN B 43 -0.76 1.97 -17.46
C ASN B 43 -0.73 3.40 -16.88
N GLY B 44 0.12 3.62 -15.85
CA GLY B 44 0.16 4.89 -15.09
C GLY B 44 -1.07 5.08 -14.22
N GLU B 45 -1.66 3.96 -13.77
CA GLU B 45 -2.82 3.95 -12.86
C GLU B 45 -2.34 3.58 -11.44
N THR B 46 -2.96 4.18 -10.41
CA THR B 46 -2.63 3.89 -9.00
C THR B 46 -3.68 2.93 -8.42
N MET B 47 -3.20 2.00 -7.60
CA MET B 47 -4.03 0.93 -7.00
C MET B 47 -4.13 1.07 -5.47
N PHE B 48 -3.17 1.77 -4.84
CA PHE B 48 -3.34 2.33 -3.48
C PHE B 48 -2.38 3.47 -3.18
N SER B 49 -2.72 4.20 -2.12
CA SER B 49 -2.03 5.42 -1.71
C SER B 49 -2.49 5.84 -0.31
N SER B 50 -1.83 6.89 0.22
CA SER B 50 -2.32 7.67 1.37
C SER B 50 -2.55 6.87 2.66
N GLU B 51 -1.48 6.27 3.18
CA GLU B 51 -1.41 5.80 4.57
C GLU B 51 -1.24 7.00 5.53
N GLY B 52 -0.18 7.82 5.34
CA GLY B 52 0.20 8.82 6.32
C GLY B 52 0.98 8.18 7.46
N TYR B 53 2.09 7.50 7.11
CA TYR B 53 2.78 6.58 8.01
C TYR B 53 3.51 7.36 9.13
N LYS B 54 4.47 8.23 8.72
CA LYS B 54 5.17 9.14 9.64
C LYS B 54 6.01 10.18 8.87
N ALA B 55 7.12 9.73 8.28
CA ALA B 55 8.13 10.59 7.63
C ALA B 55 8.57 9.96 6.31
N LYS B 56 9.40 10.66 5.50
CA LYS B 56 9.86 10.14 4.21
C LYS B 56 10.78 8.91 4.42
N ALA B 57 11.71 9.01 5.38
CA ALA B 57 12.63 7.90 5.71
C ALA B 57 11.83 6.67 6.19
N SER B 58 10.80 6.93 7.02
CA SER B 58 9.89 5.91 7.53
C SER B 58 9.04 5.30 6.39
N ALA B 59 8.78 6.14 5.36
CA ALA B 59 8.01 5.76 4.17
C ALA B 59 8.79 4.74 3.33
N ILE B 60 10.08 5.03 3.02
CA ILE B 60 10.99 4.09 2.32
C ILE B 60 11.10 2.75 3.09
N HIS B 61 11.30 2.82 4.42
CA HIS B 61 11.43 1.61 5.28
C HIS B 61 10.15 0.75 5.23
N ALA B 62 8.99 1.42 5.22
CA ALA B 62 7.71 0.75 5.00
C ALA B 62 7.73 0.00 3.66
N ILE B 63 8.07 0.72 2.58
CA ILE B 63 8.20 0.15 1.21
C ILE B 63 9.24 -1.00 1.17
N GLU B 64 10.23 -0.97 2.07
CA GLU B 64 11.25 -2.02 2.18
C GLU B 64 10.61 -3.36 2.54
N SER B 65 9.48 -3.33 3.32
CA SER B 65 8.64 -4.53 3.55
C SER B 65 8.16 -5.18 2.23
N ILE B 66 7.82 -4.34 1.25
CA ILE B 66 7.24 -4.80 -0.02
C ILE B 66 8.32 -5.55 -0.81
N LYS B 67 9.51 -4.92 -0.87
CA LYS B 67 10.67 -5.40 -1.67
C LYS B 67 11.12 -6.80 -1.28
N ARG B 68 10.83 -7.14 -0.02
CA ARG B 68 11.21 -8.43 0.58
C ARG B 68 10.53 -9.64 -0.13
N ASN B 69 9.18 -9.62 -0.19
CA ASN B 69 8.39 -10.82 -0.55
C ASN B 69 6.88 -10.53 -0.68
N SER B 70 6.48 -9.25 -0.81
CA SER B 70 5.06 -8.86 -0.86
C SER B 70 4.36 -9.41 -2.12
N ALA B 71 5.11 -9.50 -3.23
CA ALA B 71 4.65 -10.18 -4.45
C ALA B 71 4.31 -11.67 -4.20
N GLY B 72 5.05 -12.30 -3.26
CA GLY B 72 4.81 -13.69 -2.84
C GLY B 72 3.96 -13.82 -1.57
N ALA B 73 3.56 -12.68 -0.97
CA ALA B 73 2.73 -12.64 0.25
C ALA B 73 1.31 -13.18 -0.01
N ASP B 74 0.57 -13.52 1.06
CA ASP B 74 -0.82 -14.02 0.96
C ASP B 74 -1.82 -12.83 0.95
N THR B 75 -3.03 -13.05 0.40
CA THR B 75 -4.10 -12.03 0.40
C THR B 75 -5.33 -12.57 1.16
N VAL B 76 -5.52 -12.04 2.39
CA VAL B 76 -6.59 -12.47 3.34
C VAL B 76 -7.66 -11.37 3.49
N ASP B 77 -8.93 -11.75 3.27
CA ASP B 77 -10.08 -10.82 3.35
C ASP B 77 -10.88 -11.03 4.66
N LEU B 78 -11.05 -9.92 5.40
CA LEU B 78 -11.81 -9.86 6.67
C LEU B 78 -13.24 -9.28 6.48
N THR B 79 -13.49 -8.52 5.39
CA THR B 79 -14.74 -7.73 5.24
C THR B 79 -15.92 -8.55 4.67
N THR B 80 -15.68 -9.79 4.22
CA THR B 80 -16.76 -10.71 3.81
C THR B 80 -16.79 -11.94 4.76
N MET B 81 -16.01 -11.84 5.85
CA MET B 81 -15.90 -12.86 6.89
C MET B 81 -15.85 -12.12 8.24
N THR B 82 -17.04 -11.95 8.86
CA THR B 82 -17.26 -10.99 9.98
C THR B 82 -16.21 -11.12 11.10
N ALA B 83 -15.34 -10.09 11.18
CA ALA B 83 -14.20 -10.05 12.11
C ALA B 83 -13.83 -8.57 12.36
N MET A 22 3.97 -15.99 7.88
CA MET A 22 4.45 -14.91 6.99
C MET A 22 3.45 -13.75 6.99
N TYR A 23 3.93 -12.54 6.68
CA TYR A 23 3.08 -11.35 6.52
C TYR A 23 2.22 -11.43 5.24
N LYS A 24 1.18 -10.58 5.21
CA LYS A 24 0.09 -10.65 4.23
C LYS A 24 -0.72 -9.34 4.22
N PHE A 25 -1.74 -9.32 3.36
CA PHE A 25 -2.66 -8.18 3.20
C PHE A 25 -3.96 -8.48 3.93
N GLU A 26 -4.31 -7.61 4.89
CA GLU A 26 -5.58 -7.71 5.63
C GLU A 26 -6.57 -6.71 5.02
N ILE A 27 -7.59 -7.24 4.32
CA ILE A 27 -8.60 -6.44 3.62
C ILE A 27 -9.81 -6.28 4.53
N TYR A 28 -10.12 -5.05 4.85
CA TYR A 28 -11.23 -4.72 5.73
C TYR A 28 -11.92 -3.46 5.20
N GLN A 29 -13.07 -3.14 5.76
CA GLN A 29 -13.74 -1.86 5.49
C GLN A 29 -13.73 -1.04 6.78
N ASP A 30 -13.65 0.28 6.63
CA ASP A 30 -13.80 1.22 7.74
C ASP A 30 -15.29 1.32 8.09
N LYS A 31 -15.63 1.79 9.31
CA LYS A 31 -17.03 1.97 9.77
C LYS A 31 -17.88 2.79 8.77
N ALA A 32 -17.21 3.75 8.10
CA ALA A 32 -17.79 4.59 7.01
C ALA A 32 -18.01 3.79 5.69
N GLY A 33 -17.82 2.46 5.76
CA GLY A 33 -17.91 1.56 4.61
C GLY A 33 -16.76 1.75 3.63
N GLU A 34 -15.60 2.17 4.13
CA GLU A 34 -14.44 2.51 3.28
C GLU A 34 -13.54 1.29 3.14
N TYR A 35 -13.83 0.46 2.11
CA TYR A 35 -13.05 -0.74 1.79
C TYR A 35 -11.58 -0.38 1.49
N ARG A 36 -10.70 -1.11 2.17
CA ARG A 36 -9.26 -0.87 2.25
C ARG A 36 -8.53 -2.20 2.51
N PHE A 37 -7.21 -2.10 2.57
CA PHE A 37 -6.33 -3.20 2.95
C PHE A 37 -5.07 -2.63 3.58
N ARG A 38 -4.41 -3.43 4.41
CA ARG A 38 -3.12 -3.06 5.01
C ARG A 38 -2.12 -4.18 4.78
N PHE A 39 -0.82 -3.86 4.86
CA PHE A 39 0.25 -4.86 4.71
C PHE A 39 0.98 -4.95 6.04
N LYS A 40 1.18 -6.20 6.47
CA LYS A 40 1.69 -6.52 7.79
C LYS A 40 3.19 -6.81 7.75
N ALA A 41 3.72 -7.14 8.94
CA ALA A 41 5.10 -7.56 9.16
C ALA A 41 5.08 -8.77 10.10
N SER A 42 6.14 -9.58 10.08
CA SER A 42 6.29 -10.86 10.82
C SER A 42 5.65 -10.89 12.24
N ASN A 43 5.84 -9.79 13.02
CA ASN A 43 5.40 -9.73 14.44
C ASN A 43 3.96 -9.21 14.61
N GLY A 44 3.18 -9.22 13.52
CA GLY A 44 1.82 -8.66 13.53
C GLY A 44 1.80 -7.14 13.50
N GLU A 45 2.92 -6.54 13.07
CA GLU A 45 3.08 -5.09 12.92
C GLU A 45 2.46 -4.66 11.58
N THR A 46 2.05 -3.40 11.45
CA THR A 46 1.56 -2.85 10.17
C THR A 46 2.48 -1.71 9.73
N MET A 47 2.78 -1.67 8.42
CA MET A 47 3.70 -0.69 7.83
C MET A 47 2.97 0.28 6.87
N PHE A 48 1.76 -0.08 6.38
CA PHE A 48 0.83 0.91 5.77
C PHE A 48 -0.63 0.45 5.88
N SER A 49 -1.52 1.44 5.73
CA SER A 49 -2.97 1.25 5.56
C SER A 49 -3.38 1.97 4.27
N SER A 50 -4.17 1.33 3.40
CA SER A 50 -4.42 1.85 2.04
C SER A 50 -5.69 2.68 1.98
N GLU A 51 -5.82 3.39 0.86
CA GLU A 51 -7.05 4.09 0.45
C GLU A 51 -8.09 3.07 -0.05
N GLY A 52 -7.59 1.86 -0.44
CA GLY A 52 -8.43 0.72 -0.82
C GLY A 52 -8.96 0.73 -2.25
N TYR A 53 -8.75 1.89 -2.92
CA TYR A 53 -9.09 2.12 -4.34
C TYR A 53 -10.59 2.46 -4.47
N LYS A 54 -11.47 1.52 -4.07
CA LYS A 54 -12.93 1.72 -4.10
C LYS A 54 -13.65 0.67 -3.23
N ALA A 55 -13.64 -0.57 -3.70
CA ALA A 55 -14.46 -1.67 -3.13
C ALA A 55 -13.53 -2.82 -2.75
N LYS A 56 -14.07 -3.92 -2.15
CA LYS A 56 -13.24 -5.06 -1.74
C LYS A 56 -12.73 -5.82 -2.96
N ALA A 57 -13.59 -6.04 -3.98
CA ALA A 57 -13.19 -6.68 -5.26
C ALA A 57 -12.09 -5.86 -5.94
N SER A 58 -12.27 -4.52 -5.91
CA SER A 58 -11.30 -3.55 -6.44
C SER A 58 -10.02 -3.54 -5.60
N ALA A 59 -10.17 -3.84 -4.30
CA ALA A 59 -9.05 -3.90 -3.35
C ALA A 59 -8.16 -5.12 -3.64
N ILE A 60 -8.76 -6.32 -3.89
CA ILE A 60 -8.01 -7.52 -4.36
C ILE A 60 -7.24 -7.20 -5.67
N HIS A 61 -7.93 -6.54 -6.63
CA HIS A 61 -7.34 -6.16 -7.94
C HIS A 61 -6.11 -5.24 -7.74
N ALA A 62 -6.22 -4.33 -6.75
CA ALA A 62 -5.11 -3.49 -6.33
C ALA A 62 -3.97 -4.36 -5.81
N ILE A 63 -4.28 -5.24 -4.86
CA ILE A 63 -3.30 -6.18 -4.28
C ILE A 63 -2.69 -7.10 -5.35
N GLU A 64 -3.44 -7.33 -6.46
CA GLU A 64 -2.96 -8.17 -7.56
C GLU A 64 -1.75 -7.53 -8.22
N SER A 65 -1.78 -6.17 -8.34
CA SER A 65 -0.63 -5.37 -8.81
C SER A 65 0.64 -5.66 -7.99
N ILE A 66 0.45 -5.84 -6.67
CA ILE A 66 1.57 -6.05 -5.75
C ILE A 66 2.23 -7.40 -6.04
N LYS A 67 1.36 -8.42 -6.24
CA LYS A 67 1.77 -9.83 -6.45
C LYS A 67 2.63 -10.02 -7.71
N ARG A 68 2.41 -9.15 -8.67
CA ARG A 68 3.01 -9.25 -10.02
C ARG A 68 4.52 -8.94 -10.01
N ASN A 69 4.90 -7.77 -9.44
CA ASN A 69 6.29 -7.27 -9.55
C ASN A 69 6.59 -6.11 -8.57
N SER A 70 5.77 -5.91 -7.54
CA SER A 70 5.98 -4.79 -6.58
C SER A 70 7.25 -4.97 -5.74
N ALA A 71 7.59 -6.24 -5.43
CA ALA A 71 8.87 -6.58 -4.77
C ALA A 71 10.08 -6.25 -5.68
N GLY A 72 9.84 -6.22 -7.00
CA GLY A 72 10.85 -5.82 -7.99
C GLY A 72 10.67 -4.39 -8.52
N ALA A 73 9.58 -3.72 -8.10
CA ALA A 73 9.28 -2.31 -8.47
C ALA A 73 10.34 -1.36 -7.93
N ASP A 74 10.30 -0.09 -8.35
CA ASP A 74 11.26 0.93 -7.90
C ASP A 74 10.63 1.79 -6.79
N THR A 75 11.47 2.43 -5.98
CA THR A 75 11.04 3.34 -4.90
C THR A 75 11.48 4.78 -5.26
N VAL A 76 10.50 5.63 -5.58
CA VAL A 76 10.69 7.01 -6.09
C VAL A 76 10.04 8.01 -5.11
N ASP A 77 10.83 8.95 -4.57
CA ASP A 77 10.30 10.01 -3.67
C ASP A 77 10.17 11.35 -4.41
N LEU A 78 8.91 11.76 -4.66
CA LEU A 78 8.56 13.02 -5.33
C LEU A 78 8.69 14.24 -4.40
N THR A 79 8.53 14.03 -3.08
CA THR A 79 8.30 15.13 -2.10
C THR A 79 9.56 15.98 -1.86
N THR A 80 10.73 15.52 -2.33
CA THR A 80 12.00 16.22 -2.10
C THR A 80 12.31 17.17 -3.28
N MET A 81 11.61 16.94 -4.41
CA MET A 81 11.70 17.79 -5.62
C MET A 81 10.53 18.78 -5.62
N THR A 82 9.30 18.23 -5.61
CA THR A 82 8.04 18.99 -5.67
C THR A 82 6.99 18.34 -4.75
N ALA A 83 6.40 19.13 -3.84
CA ALA A 83 5.30 18.68 -2.96
C ALA A 83 4.29 19.85 -2.79
N MET B 22 8.59 1.22 -16.01
CA MET B 22 7.89 0.25 -15.16
C MET B 22 7.21 0.98 -13.98
N TYR B 23 6.18 0.36 -13.37
CA TYR B 23 5.50 0.94 -12.20
C TYR B 23 6.39 0.91 -10.96
N LYS B 24 6.02 1.73 -9.97
CA LYS B 24 6.87 2.07 -8.83
C LYS B 24 6.04 2.75 -7.72
N PHE B 25 6.74 3.13 -6.64
CA PHE B 25 6.17 3.81 -5.49
C PHE B 25 6.49 5.31 -5.57
N GLU B 26 5.45 6.15 -5.61
CA GLU B 26 5.61 7.61 -5.59
C GLU B 26 5.38 8.11 -4.16
N ILE B 27 6.46 8.57 -3.49
CA ILE B 27 6.44 9.02 -2.10
C ILE B 27 6.27 10.52 -2.09
N TYR B 28 5.20 10.98 -1.48
CA TYR B 28 4.88 12.40 -1.41
C TYR B 28 4.29 12.69 -0.04
N GLN B 29 4.15 13.97 0.28
CA GLN B 29 3.42 14.40 1.49
C GLN B 29 2.13 15.10 1.05
N ASP B 30 1.09 14.98 1.86
CA ASP B 30 -0.15 15.73 1.67
C ASP B 30 0.10 17.17 2.16
N LYS B 31 -0.75 18.14 1.73
CA LYS B 31 -0.66 19.56 2.13
C LYS B 31 -0.61 19.73 3.68
N ALA B 32 -1.32 18.81 4.38
CA ALA B 32 -1.34 18.71 5.86
C ALA B 32 0.00 18.13 6.44
N GLY B 33 1.02 17.97 5.57
CA GLY B 33 2.32 17.40 5.91
C GLY B 33 2.25 15.90 6.18
N GLU B 34 1.28 15.24 5.53
CA GLU B 34 1.01 13.81 5.79
C GLU B 34 1.82 12.95 4.80
N TYR B 35 3.06 12.63 5.17
CA TYR B 35 3.94 11.77 4.37
C TYR B 35 3.31 10.38 4.11
N ARG B 36 3.36 10.02 2.83
CA ARG B 36 2.66 8.87 2.25
C ARG B 36 3.37 8.41 0.99
N PHE B 37 2.85 7.33 0.42
CA PHE B 37 3.31 6.79 -0.87
C PHE B 37 2.15 6.11 -1.57
N ARG B 38 2.23 6.01 -2.88
CA ARG B 38 1.23 5.29 -3.69
C ARG B 38 1.95 4.30 -4.60
N PHE B 39 1.22 3.29 -5.07
CA PHE B 39 1.78 2.30 -6.01
C PHE B 39 1.03 2.43 -7.33
N LYS B 40 1.80 2.49 -8.41
CA LYS B 40 1.31 2.80 -9.74
C LYS B 40 1.08 1.53 -10.57
N ALA B 41 0.64 1.74 -11.80
CA ALA B 41 0.46 0.71 -12.82
C ALA B 41 1.03 1.25 -14.14
N SER B 42 1.39 0.33 -15.06
CA SER B 42 2.06 0.61 -16.37
C SER B 42 1.64 1.93 -17.08
N ASN B 43 0.33 2.23 -17.09
CA ASN B 43 -0.25 3.38 -17.85
C ASN B 43 -0.29 4.67 -17.02
N GLY B 44 0.47 4.72 -15.91
CA GLY B 44 0.44 5.86 -14.98
C GLY B 44 -0.81 5.88 -14.11
N GLU B 45 -1.48 4.71 -14.00
CA GLU B 45 -2.68 4.51 -13.14
C GLU B 45 -2.21 4.29 -11.69
N THR B 46 -3.08 4.58 -10.71
CA THR B 46 -2.79 4.29 -9.29
C THR B 46 -3.83 3.28 -8.76
N MET B 47 -3.36 2.31 -7.98
CA MET B 47 -4.20 1.23 -7.43
C MET B 47 -4.33 1.31 -5.90
N PHE B 48 -3.43 2.05 -5.21
CA PHE B 48 -3.68 2.51 -3.82
C PHE B 48 -2.85 3.74 -3.46
N SER B 49 -3.33 4.42 -2.41
CA SER B 49 -2.64 5.54 -1.75
C SER B 49 -2.51 5.16 -0.26
N SER B 50 -1.33 5.32 0.34
CA SER B 50 -1.06 4.79 1.69
C SER B 50 -1.34 5.83 2.78
N GLU B 51 -1.37 5.32 4.02
CA GLU B 51 -1.38 6.11 5.25
C GLU B 51 0.04 6.67 5.51
N GLY B 52 1.05 6.02 4.87
CA GLY B 52 2.45 6.50 4.89
C GLY B 52 3.25 6.14 6.12
N TYR B 53 2.54 5.61 7.14
CA TYR B 53 3.11 5.11 8.42
C TYR B 53 3.35 6.28 9.38
N LYS B 54 4.25 7.22 8.98
CA LYS B 54 4.55 8.42 9.77
C LYS B 54 5.25 9.50 8.92
N ALA B 55 6.50 9.21 8.55
CA ALA B 55 7.42 10.19 7.91
C ALA B 55 7.90 9.62 6.58
N LYS B 56 8.72 10.39 5.80
CA LYS B 56 9.22 9.90 4.49
C LYS B 56 10.24 8.77 4.69
N ALA B 57 11.16 8.92 5.67
CA ALA B 57 12.14 7.87 6.03
C ALA B 57 11.41 6.59 6.46
N SER B 58 10.35 6.77 7.26
CA SER B 58 9.48 5.69 7.73
C SER B 58 8.67 5.09 6.57
N ALA B 59 8.38 5.93 5.54
CA ALA B 59 7.63 5.54 4.35
C ALA B 59 8.50 4.61 3.46
N ILE B 60 9.80 4.96 3.25
CA ILE B 60 10.77 4.06 2.56
C ILE B 60 10.86 2.70 3.31
N HIS B 61 10.97 2.75 4.66
CA HIS B 61 11.04 1.53 5.51
C HIS B 61 9.80 0.64 5.32
N ALA B 62 8.64 1.29 5.19
CA ALA B 62 7.39 0.62 4.86
C ALA B 62 7.52 -0.06 3.48
N ILE B 63 7.91 0.72 2.47
CA ILE B 63 8.11 0.22 1.10
C ILE B 63 9.17 -0.91 1.07
N GLU B 64 10.10 -0.89 2.04
CA GLU B 64 11.16 -1.92 2.13
C GLU B 64 10.53 -3.28 2.39
N SER B 65 9.47 -3.30 3.24
CA SER B 65 8.64 -4.51 3.49
C SER B 65 8.11 -5.11 2.18
N ILE B 66 7.73 -4.22 1.24
CA ILE B 66 7.11 -4.65 -0.02
C ILE B 66 8.17 -5.37 -0.87
N LYS B 67 9.37 -4.79 -0.90
CA LYS B 67 10.51 -5.26 -1.74
C LYS B 67 10.98 -6.66 -1.36
N ARG B 68 10.75 -7.02 -0.09
CA ARG B 68 11.26 -8.28 0.50
C ARG B 68 10.51 -9.52 -0.01
N ASN B 69 9.16 -9.49 0.05
CA ASN B 69 8.34 -10.71 -0.22
C ASN B 69 6.84 -10.39 -0.39
N SER B 70 6.46 -9.12 -0.62
CA SER B 70 5.03 -8.74 -0.76
C SER B 70 4.40 -9.34 -2.03
N ALA B 71 5.20 -9.47 -3.10
CA ALA B 71 4.78 -10.17 -4.32
C ALA B 71 4.54 -11.67 -4.07
N GLY B 72 5.19 -12.21 -3.02
CA GLY B 72 4.98 -13.59 -2.57
C GLY B 72 4.09 -13.71 -1.33
N ALA B 73 3.68 -12.56 -0.75
CA ALA B 73 2.79 -12.50 0.43
C ALA B 73 1.40 -13.07 0.09
N ASP B 74 0.56 -13.25 1.11
CA ASP B 74 -0.80 -13.80 0.92
C ASP B 74 -1.83 -12.64 0.93
N THR B 75 -3.00 -12.88 0.34
CA THR B 75 -4.11 -11.91 0.30
C THR B 75 -5.29 -12.44 1.14
N VAL B 76 -5.53 -11.79 2.30
CA VAL B 76 -6.50 -12.21 3.32
C VAL B 76 -7.56 -11.11 3.47
N ASP B 77 -8.85 -11.44 3.26
CA ASP B 77 -9.97 -10.50 3.48
C ASP B 77 -10.70 -10.80 4.80
N LEU B 78 -10.53 -9.88 5.78
CA LEU B 78 -11.15 -9.95 7.11
C LEU B 78 -12.63 -9.52 7.07
N THR B 79 -13.01 -8.74 6.03
CA THR B 79 -14.34 -8.10 5.97
C THR B 79 -15.34 -8.96 5.18
N THR B 80 -14.92 -10.23 4.89
CA THR B 80 -15.64 -11.21 4.02
C THR B 80 -17.18 -11.06 4.02
N MET B 81 -17.78 -11.05 5.24
CA MET B 81 -19.20 -10.67 5.42
C MET B 81 -19.32 -9.14 5.30
N THR B 82 -19.32 -8.66 4.04
CA THR B 82 -19.21 -7.23 3.73
C THR B 82 -20.55 -6.51 3.96
N ALA B 83 -20.50 -5.42 4.75
CA ALA B 83 -21.66 -4.58 5.04
C ALA B 83 -21.97 -3.69 3.80
N MET A 22 3.37 -16.42 7.62
CA MET A 22 3.81 -15.37 6.68
C MET A 22 2.87 -14.16 6.76
N TYR A 23 3.42 -12.95 6.50
CA TYR A 23 2.62 -11.72 6.40
C TYR A 23 1.76 -11.70 5.11
N LYS A 24 0.76 -10.79 5.09
CA LYS A 24 -0.33 -10.84 4.12
C LYS A 24 -1.11 -9.51 4.05
N PHE A 25 -2.09 -9.49 3.13
CA PHE A 25 -2.97 -8.35 2.91
C PHE A 25 -4.31 -8.62 3.60
N GLU A 26 -4.59 -7.84 4.66
CA GLU A 26 -5.80 -7.98 5.44
C GLU A 26 -6.86 -7.04 4.88
N ILE A 27 -7.85 -7.61 4.18
CA ILE A 27 -8.90 -6.86 3.49
C ILE A 27 -10.14 -6.88 4.38
N TYR A 28 -10.59 -5.72 4.77
CA TYR A 28 -11.79 -5.58 5.61
C TYR A 28 -12.58 -4.36 5.14
N GLN A 29 -13.69 -4.07 5.83
CA GLN A 29 -14.41 -2.80 5.65
C GLN A 29 -14.51 -2.10 7.01
N ASP A 30 -14.56 -0.78 6.94
CA ASP A 30 -14.61 0.11 8.09
C ASP A 30 -16.07 0.35 8.49
N LYS A 31 -16.27 0.89 9.71
CA LYS A 31 -17.58 1.31 10.27
C LYS A 31 -18.43 2.11 9.27
N ALA A 32 -17.75 2.95 8.47
CA ALA A 32 -18.39 3.78 7.41
C ALA A 32 -18.74 2.94 6.14
N GLY A 33 -18.65 1.60 6.25
CA GLY A 33 -18.86 0.66 5.16
C GLY A 33 -17.82 0.80 4.05
N GLU A 34 -16.59 1.16 4.44
CA GLU A 34 -15.53 1.50 3.47
C GLU A 34 -14.47 0.39 3.43
N TYR A 35 -14.29 -0.23 2.25
CA TYR A 35 -13.40 -1.38 2.11
C TYR A 35 -11.96 -0.85 2.00
N ARG A 36 -11.11 -1.34 2.89
CA ARG A 36 -9.70 -0.95 3.00
C ARG A 36 -8.89 -2.21 3.29
N PHE A 37 -7.73 -2.35 2.64
CA PHE A 37 -6.76 -3.38 2.97
C PHE A 37 -5.55 -2.73 3.63
N ARG A 38 -4.74 -3.60 4.22
CA ARG A 38 -3.45 -3.26 4.82
C ARG A 38 -2.43 -4.35 4.49
N PHE A 39 -1.14 -4.03 4.62
CA PHE A 39 -0.06 -5.02 4.47
C PHE A 39 0.69 -5.10 5.79
N LYS A 40 0.92 -6.33 6.22
CA LYS A 40 1.46 -6.65 7.55
C LYS A 40 2.95 -7.00 7.49
N ALA A 41 3.48 -7.31 8.67
CA ALA A 41 4.85 -7.80 8.89
C ALA A 41 4.75 -9.08 9.73
N SER A 42 5.87 -9.83 9.95
CA SER A 42 5.80 -11.24 10.36
C SER A 42 5.27 -11.38 11.82
N ASN A 43 5.59 -10.37 12.68
CA ASN A 43 5.20 -10.35 14.11
C ASN A 43 3.86 -9.62 14.32
N GLY A 44 3.09 -9.43 13.23
CA GLY A 44 1.75 -8.81 13.29
C GLY A 44 1.77 -7.28 13.32
N GLU A 45 2.88 -6.67 12.87
CA GLU A 45 3.00 -5.20 12.73
C GLU A 45 2.40 -4.76 11.39
N THR A 46 1.92 -3.50 11.29
CA THR A 46 1.39 -2.95 10.01
C THR A 46 2.28 -1.79 9.53
N MET A 47 2.33 -1.60 8.21
CA MET A 47 3.19 -0.60 7.56
C MET A 47 2.40 0.33 6.61
N PHE A 48 1.32 -0.18 5.96
CA PHE A 48 0.35 0.67 5.23
C PHE A 48 -1.07 0.10 5.38
N SER A 49 -2.05 0.99 5.15
CA SER A 49 -3.48 0.69 5.34
C SER A 49 -4.36 1.74 4.63
N SER A 50 -5.68 1.58 4.79
CA SER A 50 -6.66 2.70 4.83
C SER A 50 -7.30 3.05 3.47
N GLU A 51 -6.65 2.72 2.35
CA GLU A 51 -7.25 2.96 1.01
C GLU A 51 -8.34 1.91 0.67
N GLY A 52 -7.93 0.78 0.07
CA GLY A 52 -8.89 -0.21 -0.48
C GLY A 52 -9.41 0.15 -1.86
N TYR A 53 -8.92 1.29 -2.40
CA TYR A 53 -9.19 1.78 -3.76
C TYR A 53 -10.63 2.34 -3.91
N LYS A 54 -11.66 1.48 -3.78
CA LYS A 54 -13.09 1.90 -3.86
C LYS A 54 -13.98 0.94 -3.05
N ALA A 55 -13.91 -0.35 -3.39
CA ALA A 55 -14.76 -1.42 -2.82
C ALA A 55 -13.92 -2.67 -2.61
N LYS A 56 -14.53 -3.81 -2.20
CA LYS A 56 -13.80 -5.09 -2.02
C LYS A 56 -13.22 -5.57 -3.35
N ALA A 57 -14.04 -5.52 -4.41
CA ALA A 57 -13.62 -5.87 -5.78
C ALA A 57 -12.36 -5.07 -6.19
N SER A 58 -12.41 -3.75 -5.94
CA SER A 58 -11.32 -2.81 -6.26
C SER A 58 -10.11 -3.02 -5.34
N ALA A 59 -10.37 -3.52 -4.11
CA ALA A 59 -9.34 -3.79 -3.10
C ALA A 59 -8.39 -4.89 -3.58
N ILE A 60 -8.96 -6.07 -3.95
CA ILE A 60 -8.20 -7.20 -4.53
C ILE A 60 -7.43 -6.75 -5.79
N HIS A 61 -8.10 -6.04 -6.72
CA HIS A 61 -7.49 -5.56 -7.97
C HIS A 61 -6.23 -4.71 -7.69
N ALA A 62 -6.33 -3.82 -6.71
CA ALA A 62 -5.21 -3.03 -6.23
C ALA A 62 -4.08 -3.95 -5.75
N ILE A 63 -4.40 -4.87 -4.83
CA ILE A 63 -3.43 -5.86 -4.30
C ILE A 63 -2.78 -6.69 -5.43
N GLU A 64 -3.52 -6.90 -6.53
CA GLU A 64 -3.03 -7.69 -7.67
C GLU A 64 -1.83 -7.00 -8.33
N SER A 65 -1.82 -5.63 -8.32
CA SER A 65 -0.63 -4.84 -8.72
C SER A 65 0.62 -5.28 -7.95
N ILE A 66 0.44 -5.52 -6.64
CA ILE A 66 1.54 -5.82 -5.74
C ILE A 66 2.11 -7.21 -6.08
N LYS A 67 1.19 -8.17 -6.28
CA LYS A 67 1.51 -9.58 -6.56
C LYS A 67 2.31 -9.78 -7.86
N ARG A 68 2.15 -8.82 -8.78
CA ARG A 68 2.79 -8.87 -10.12
C ARG A 68 4.34 -8.80 -10.01
N ASN A 69 4.84 -7.71 -9.39
CA ASN A 69 6.29 -7.33 -9.49
C ASN A 69 6.68 -6.23 -8.47
N SER A 70 5.85 -5.98 -7.44
CA SER A 70 6.06 -4.83 -6.52
C SER A 70 7.31 -4.99 -5.64
N ALA A 71 7.64 -6.24 -5.28
CA ALA A 71 8.90 -6.55 -4.59
C ALA A 71 10.15 -6.22 -5.46
N GLY A 72 9.97 -6.32 -6.79
CA GLY A 72 11.01 -5.97 -7.77
C GLY A 72 10.82 -4.58 -8.38
N ALA A 73 9.75 -3.86 -7.96
CA ALA A 73 9.46 -2.48 -8.41
C ALA A 73 10.55 -1.49 -7.93
N ASP A 74 10.54 -0.28 -8.48
CA ASP A 74 11.45 0.80 -8.06
C ASP A 74 10.81 1.60 -6.90
N THR A 75 11.65 2.27 -6.10
CA THR A 75 11.19 3.17 -5.04
C THR A 75 11.85 4.55 -5.23
N VAL A 76 11.01 5.57 -5.49
CA VAL A 76 11.45 6.92 -5.89
C VAL A 76 10.74 8.00 -5.05
N ASP A 77 11.53 9.01 -4.62
CA ASP A 77 11.03 10.17 -3.85
C ASP A 77 10.86 11.38 -4.78
N LEU A 78 9.61 11.79 -4.97
CA LEU A 78 9.24 13.01 -5.71
C LEU A 78 9.44 14.27 -4.83
N THR A 79 9.53 14.06 -3.50
CA THR A 79 9.60 15.15 -2.51
C THR A 79 11.07 15.57 -2.22
N THR A 80 12.00 15.10 -3.06
CA THR A 80 13.40 15.57 -3.05
C THR A 80 13.44 16.94 -3.73
N MET A 81 12.79 17.02 -4.90
CA MET A 81 12.35 18.27 -5.52
C MET A 81 10.87 18.47 -5.13
N THR A 82 10.63 19.12 -3.98
CA THR A 82 9.29 19.27 -3.39
C THR A 82 8.29 19.92 -4.38
N ALA A 83 7.25 19.14 -4.76
CA ALA A 83 6.22 19.55 -5.71
C ALA A 83 4.92 18.75 -5.43
N MET B 22 9.20 0.92 -15.79
CA MET B 22 8.53 0.05 -14.80
C MET B 22 7.78 0.90 -13.76
N TYR B 23 6.68 0.36 -13.21
CA TYR B 23 5.93 1.00 -12.12
C TYR B 23 6.76 1.03 -10.83
N LYS B 24 6.37 1.92 -9.91
CA LYS B 24 7.21 2.30 -8.77
C LYS B 24 6.39 2.94 -7.64
N PHE B 25 7.09 3.25 -6.55
CA PHE B 25 6.53 3.89 -5.35
C PHE B 25 6.87 5.38 -5.38
N GLU B 26 5.83 6.20 -5.56
CA GLU B 26 5.98 7.66 -5.64
C GLU B 26 5.78 8.24 -4.25
N ILE B 27 6.90 8.67 -3.63
CA ILE B 27 6.92 9.18 -2.26
C ILE B 27 6.94 10.69 -2.32
N TYR B 28 5.93 11.31 -1.75
CA TYR B 28 5.83 12.77 -1.71
C TYR B 28 5.28 13.20 -0.35
N GLN B 29 5.11 14.50 -0.18
CA GLN B 29 4.36 15.05 0.98
C GLN B 29 3.19 15.88 0.46
N ASP B 30 2.13 15.92 1.26
CA ASP B 30 0.88 16.62 0.97
C ASP B 30 0.97 18.05 1.49
N LYS B 31 0.02 18.91 1.04
CA LYS B 31 -0.16 20.32 1.47
C LYS B 31 -0.09 20.50 2.99
N ALA B 32 -0.63 19.49 3.71
CA ALA B 32 -0.66 19.45 5.19
C ALA B 32 0.73 19.04 5.79
N GLY B 33 1.76 18.99 4.91
CA GLY B 33 3.11 18.53 5.26
C GLY B 33 3.16 17.07 5.64
N GLU B 34 2.29 16.25 5.01
CA GLU B 34 2.10 14.82 5.39
C GLU B 34 2.69 13.90 4.34
N TYR B 35 3.81 13.24 4.67
CA TYR B 35 4.43 12.26 3.77
C TYR B 35 3.54 11.03 3.52
N ARG B 36 3.31 10.80 2.22
CA ARG B 36 2.53 9.67 1.72
C ARG B 36 3.15 9.14 0.44
N PHE B 37 3.19 7.82 0.31
CA PHE B 37 3.57 7.18 -0.93
C PHE B 37 2.36 6.54 -1.58
N ARG B 38 2.55 6.18 -2.84
CA ARG B 38 1.58 5.44 -3.64
C ARG B 38 2.32 4.39 -4.48
N PHE B 39 1.57 3.40 -4.99
CA PHE B 39 2.12 2.40 -5.92
C PHE B 39 1.34 2.50 -7.22
N LYS B 40 2.09 2.53 -8.31
CA LYS B 40 1.59 2.81 -9.65
C LYS B 40 1.43 1.53 -10.48
N ALA B 41 0.99 1.74 -11.73
CA ALA B 41 0.86 0.72 -12.78
C ALA B 41 1.58 1.25 -14.04
N SER B 42 1.91 0.34 -14.98
CA SER B 42 2.75 0.65 -16.17
C SER B 42 2.34 1.90 -16.98
N ASN B 43 1.03 2.13 -17.15
CA ASN B 43 0.52 3.25 -17.99
C ASN B 43 0.23 4.51 -17.13
N GLY B 44 0.81 4.54 -15.92
CA GLY B 44 0.69 5.70 -15.01
C GLY B 44 -0.58 5.73 -14.18
N GLU B 45 -1.25 4.57 -14.04
CA GLU B 45 -2.46 4.44 -13.17
C GLU B 45 -2.01 4.20 -11.72
N THR B 46 -2.86 4.57 -10.74
CA THR B 46 -2.57 4.32 -9.30
C THR B 46 -3.61 3.33 -8.73
N MET B 47 -3.19 2.56 -7.72
CA MET B 47 -4.00 1.49 -7.10
C MET B 47 -4.09 1.65 -5.55
N PHE B 48 -3.02 2.17 -4.91
CA PHE B 48 -3.10 2.60 -3.48
C PHE B 48 -2.22 3.84 -3.25
N SER B 49 -2.54 4.56 -2.17
CA SER B 49 -1.93 5.85 -1.82
C SER B 49 -2.19 6.20 -0.34
N SER B 50 -1.71 7.40 0.06
CA SER B 50 -2.35 8.26 1.09
C SER B 50 -1.83 8.06 2.52
N GLU B 51 -1.25 6.88 2.83
CA GLU B 51 -0.67 6.62 4.17
C GLU B 51 0.72 7.31 4.34
N GLY B 52 1.82 6.63 3.93
CA GLY B 52 3.19 7.10 4.19
C GLY B 52 3.68 6.78 5.60
N TYR B 53 2.82 6.09 6.39
CA TYR B 53 3.09 5.57 7.73
C TYR B 53 3.16 6.70 8.79
N LYS B 54 4.15 7.61 8.68
CA LYS B 54 4.29 8.76 9.63
C LYS B 54 5.02 9.94 8.93
N ALA B 55 6.22 9.66 8.43
CA ALA B 55 7.13 10.67 7.82
C ALA B 55 7.81 10.04 6.59
N LYS B 56 8.77 10.76 5.96
CA LYS B 56 9.53 10.24 4.79
C LYS B 56 10.35 9.00 5.19
N ALA B 57 11.04 9.10 6.33
CA ALA B 57 11.81 7.97 6.91
C ALA B 57 10.92 6.72 7.06
N SER B 58 9.72 6.93 7.62
CA SER B 58 8.75 5.86 7.89
C SER B 58 8.10 5.36 6.59
N ALA B 59 8.05 6.24 5.57
CA ALA B 59 7.48 5.94 4.25
C ALA B 59 8.32 4.86 3.55
N ILE B 60 9.64 5.10 3.42
CA ILE B 60 10.60 4.13 2.86
C ILE B 60 10.56 2.80 3.63
N HIS B 61 10.59 2.86 4.98
CA HIS B 61 10.57 1.66 5.85
C HIS B 61 9.33 0.79 5.55
N ALA B 62 8.18 1.46 5.40
CA ALA B 62 6.95 0.80 5.00
C ALA B 62 7.13 0.10 3.64
N ILE B 63 7.58 0.85 2.63
CA ILE B 63 7.86 0.31 1.27
C ILE B 63 8.84 -0.86 1.31
N GLU B 64 9.77 -0.86 2.29
CA GLU B 64 10.78 -1.92 2.43
C GLU B 64 10.10 -3.26 2.73
N SER B 65 8.96 -3.24 3.47
CA SER B 65 8.11 -4.44 3.66
C SER B 65 7.71 -5.06 2.32
N ILE B 66 7.39 -4.18 1.35
CA ILE B 66 6.88 -4.61 0.05
C ILE B 66 8.00 -5.31 -0.73
N LYS B 67 9.18 -4.66 -0.71
CA LYS B 67 10.37 -5.11 -1.45
C LYS B 67 10.88 -6.49 -1.00
N ARG B 68 10.54 -6.86 0.25
CA ARG B 68 11.00 -8.15 0.85
C ARG B 68 10.38 -9.36 0.12
N ASN B 69 9.04 -9.42 0.08
CA ASN B 69 8.30 -10.67 -0.32
C ASN B 69 6.80 -10.41 -0.59
N SER B 70 6.40 -9.14 -0.79
CA SER B 70 4.96 -8.78 -0.89
C SER B 70 4.29 -9.35 -2.17
N ALA B 71 5.06 -9.44 -3.27
CA ALA B 71 4.60 -10.11 -4.50
C ALA B 71 4.31 -11.61 -4.25
N GLY B 72 5.06 -12.22 -3.30
CA GLY B 72 4.88 -13.61 -2.89
C GLY B 72 4.07 -13.77 -1.60
N ALA B 73 3.62 -12.64 -1.01
CA ALA B 73 2.75 -12.62 0.19
C ALA B 73 1.37 -13.24 -0.10
N ASP B 74 0.60 -13.51 0.96
CA ASP B 74 -0.77 -14.01 0.85
C ASP B 74 -1.76 -12.82 0.78
N THR B 75 -2.94 -13.05 0.21
CA THR B 75 -4.02 -12.07 0.18
C THR B 75 -5.29 -12.70 0.78
N VAL B 76 -5.76 -12.13 1.91
CA VAL B 76 -6.84 -12.68 2.74
C VAL B 76 -7.89 -11.60 3.06
N ASP B 77 -9.17 -12.00 2.98
CA ASP B 77 -10.31 -11.12 3.30
C ASP B 77 -10.86 -11.49 4.70
N LEU B 78 -10.76 -10.53 5.61
CA LEU B 78 -11.31 -10.61 6.95
C LEU B 78 -12.82 -10.25 6.99
N THR B 79 -13.35 -9.47 6.03
CA THR B 79 -14.75 -8.93 6.14
C THR B 79 -15.78 -9.94 5.54
N THR B 80 -15.34 -11.20 5.35
CA THR B 80 -16.21 -12.33 4.95
C THR B 80 -16.09 -13.47 5.99
N MET B 81 -15.61 -13.10 7.21
CA MET B 81 -15.45 -14.04 8.33
C MET B 81 -15.61 -13.26 9.65
N THR B 82 -14.71 -12.27 9.87
CA THR B 82 -14.78 -11.33 10.99
C THR B 82 -15.47 -10.03 10.53
N ALA B 83 -16.60 -9.70 11.14
CA ALA B 83 -17.35 -8.47 10.83
C ALA B 83 -17.88 -7.87 12.15
N MET A 22 3.41 -16.66 7.00
CA MET A 22 4.09 -15.43 6.54
C MET A 22 3.10 -14.25 6.52
N TYR A 23 3.62 -13.01 6.48
CA TYR A 23 2.81 -11.79 6.37
C TYR A 23 2.01 -11.76 5.05
N LYS A 24 1.00 -10.87 5.02
CA LYS A 24 -0.08 -10.93 4.04
C LYS A 24 -0.86 -9.61 3.99
N PHE A 25 -1.86 -9.57 3.11
CA PHE A 25 -2.74 -8.42 2.88
C PHE A 25 -4.09 -8.68 3.55
N GLU A 26 -4.36 -7.95 4.63
CA GLU A 26 -5.59 -8.11 5.43
C GLU A 26 -6.63 -7.09 4.94
N ILE A 27 -7.66 -7.59 4.25
CA ILE A 27 -8.68 -6.76 3.57
C ILE A 27 -9.88 -6.62 4.48
N TYR A 28 -10.28 -5.41 4.74
CA TYR A 28 -11.46 -5.14 5.56
C TYR A 28 -12.24 -3.96 4.96
N GLN A 29 -13.34 -3.61 5.62
CA GLN A 29 -13.99 -2.32 5.44
C GLN A 29 -13.92 -1.60 6.80
N ASP A 30 -13.69 -0.31 6.75
CA ASP A 30 -13.53 0.53 7.94
C ASP A 30 -14.91 1.08 8.33
N LYS A 31 -14.98 1.70 9.54
CA LYS A 31 -16.20 2.27 10.17
C LYS A 31 -17.12 3.02 9.16
N ALA A 32 -16.49 3.74 8.22
CA ALA A 32 -17.18 4.53 7.17
C ALA A 32 -17.75 3.64 6.03
N GLY A 33 -17.78 2.31 6.23
CA GLY A 33 -18.14 1.34 5.19
C GLY A 33 -17.21 1.37 3.99
N GLU A 34 -15.97 1.82 4.21
CA GLU A 34 -15.02 2.11 3.12
C GLU A 34 -13.96 1.01 3.06
N TYR A 35 -13.66 0.49 1.87
CA TYR A 35 -12.90 -0.76 1.74
C TYR A 35 -11.41 -0.45 1.72
N ARG A 36 -10.75 -0.93 2.79
CA ARG A 36 -9.37 -0.63 3.13
C ARG A 36 -8.67 -1.92 3.54
N PHE A 37 -7.44 -2.11 3.09
CA PHE A 37 -6.59 -3.22 3.51
C PHE A 37 -5.28 -2.73 4.10
N ARG A 38 -4.54 -3.67 4.70
CA ARG A 38 -3.22 -3.42 5.30
C ARG A 38 -2.22 -4.43 4.75
N PHE A 39 -0.93 -4.11 4.87
CA PHE A 39 0.16 -5.07 4.66
C PHE A 39 0.93 -5.18 5.96
N LYS A 40 1.15 -6.42 6.38
CA LYS A 40 1.76 -6.75 7.65
C LYS A 40 3.25 -7.07 7.48
N ALA A 41 3.89 -7.44 8.59
CA ALA A 41 5.28 -7.92 8.64
C ALA A 41 5.34 -9.10 9.62
N SER A 42 6.43 -9.89 9.57
CA SER A 42 6.63 -11.12 10.39
C SER A 42 6.40 -10.90 11.90
N ASN A 43 6.71 -9.69 12.39
CA ASN A 43 6.59 -9.33 13.82
C ASN A 43 5.10 -9.09 14.23
N GLY A 44 4.20 -9.06 13.24
CA GLY A 44 2.79 -8.71 13.45
C GLY A 44 2.59 -7.23 13.60
N GLU A 45 3.24 -6.47 12.70
CA GLU A 45 3.20 -5.01 12.67
C GLU A 45 2.75 -4.55 11.27
N THR A 46 1.94 -3.48 11.22
CA THR A 46 1.46 -2.90 9.98
C THR A 46 2.35 -1.70 9.60
N MET A 47 2.76 -1.70 8.33
CA MET A 47 3.68 -0.70 7.76
C MET A 47 2.94 0.24 6.78
N PHE A 48 1.75 -0.19 6.30
CA PHE A 48 0.76 0.76 5.73
C PHE A 48 -0.64 0.14 5.61
N SER A 49 -1.62 1.01 5.38
CA SER A 49 -3.05 0.67 5.45
C SER A 49 -3.93 1.86 5.10
N SER A 50 -5.25 1.62 4.98
CA SER A 50 -6.27 2.68 4.96
C SER A 50 -6.14 3.62 3.74
N GLU A 51 -5.53 3.08 2.68
CA GLU A 51 -5.49 3.69 1.35
C GLU A 51 -6.90 4.07 0.86
N GLY A 52 -7.92 3.23 1.19
CA GLY A 52 -9.31 3.56 0.92
C GLY A 52 -9.62 3.65 -0.55
N TYR A 53 -9.32 2.57 -1.31
CA TYR A 53 -9.33 2.64 -2.77
C TYR A 53 -10.78 2.79 -3.27
N LYS A 54 -11.65 1.78 -2.99
CA LYS A 54 -13.11 1.93 -3.07
C LYS A 54 -13.86 0.71 -2.52
N ALA A 55 -13.86 -0.39 -3.28
CA ALA A 55 -14.73 -1.57 -3.03
C ALA A 55 -13.87 -2.82 -2.89
N LYS A 56 -14.46 -3.97 -2.51
CA LYS A 56 -13.69 -5.20 -2.29
C LYS A 56 -13.11 -5.74 -3.61
N ALA A 57 -13.93 -5.74 -4.68
CA ALA A 57 -13.48 -6.13 -6.04
C ALA A 57 -12.27 -5.27 -6.48
N SER A 58 -12.35 -3.97 -6.17
CA SER A 58 -11.27 -3.00 -6.45
C SER A 58 -10.07 -3.22 -5.51
N ALA A 59 -10.35 -3.71 -4.28
CA ALA A 59 -9.34 -3.92 -3.23
C ALA A 59 -8.39 -5.07 -3.62
N ILE A 60 -8.96 -6.25 -3.93
CA ILE A 60 -8.20 -7.42 -4.42
C ILE A 60 -7.41 -7.05 -5.70
N HIS A 61 -8.08 -6.38 -6.67
CA HIS A 61 -7.44 -5.95 -7.95
C HIS A 61 -6.20 -5.09 -7.70
N ALA A 62 -6.30 -4.18 -6.71
CA ALA A 62 -5.17 -3.37 -6.25
C ALA A 62 -4.03 -4.29 -5.75
N ILE A 63 -4.37 -5.21 -4.85
CA ILE A 63 -3.40 -6.18 -4.30
C ILE A 63 -2.78 -7.06 -5.41
N GLU A 64 -3.53 -7.27 -6.50
CA GLU A 64 -3.06 -8.10 -7.62
C GLU A 64 -1.89 -7.42 -8.33
N SER A 65 -1.89 -6.07 -8.35
CA SER A 65 -0.72 -5.27 -8.84
C SER A 65 0.55 -5.60 -8.04
N ILE A 66 0.38 -5.78 -6.71
CA ILE A 66 1.50 -6.01 -5.80
C ILE A 66 2.14 -7.37 -6.13
N LYS A 67 1.27 -8.37 -6.36
CA LYS A 67 1.68 -9.76 -6.64
C LYS A 67 2.56 -9.92 -7.89
N ARG A 68 2.41 -8.98 -8.81
CA ARG A 68 3.04 -9.04 -10.15
C ARG A 68 4.57 -8.82 -10.07
N ASN A 69 5.00 -7.74 -9.39
CA ASN A 69 6.42 -7.29 -9.43
C ASN A 69 6.75 -6.19 -8.40
N SER A 70 5.92 -6.00 -7.37
CA SER A 70 6.11 -4.92 -6.38
C SER A 70 7.44 -5.07 -5.61
N ALA A 71 7.79 -6.32 -5.30
CA ALA A 71 9.07 -6.67 -4.67
C ALA A 71 10.29 -6.31 -5.57
N GLY A 72 10.06 -6.24 -6.89
CA GLY A 72 11.08 -5.78 -7.85
C GLY A 72 10.90 -4.32 -8.27
N ALA A 73 9.74 -3.72 -7.93
CA ALA A 73 9.37 -2.35 -8.35
C ALA A 73 10.28 -1.31 -7.68
N ASP A 74 10.70 -0.27 -8.43
CA ASP A 74 11.63 0.76 -7.93
C ASP A 74 10.96 1.64 -6.85
N THR A 75 11.76 2.31 -6.03
CA THR A 75 11.27 3.24 -5.01
C THR A 75 11.74 4.67 -5.35
N VAL A 76 10.83 5.48 -5.91
CA VAL A 76 11.11 6.87 -6.34
C VAL A 76 10.52 7.88 -5.33
N ASP A 77 11.37 8.82 -4.86
CA ASP A 77 10.95 9.85 -3.90
C ASP A 77 10.83 11.23 -4.58
N LEU A 78 9.63 11.81 -4.51
CA LEU A 78 9.31 13.16 -5.05
C LEU A 78 9.37 14.27 -3.97
N THR A 79 9.27 13.90 -2.68
CA THR A 79 9.16 14.88 -1.55
C THR A 79 10.55 15.36 -1.06
N THR A 80 11.62 14.92 -1.76
CA THR A 80 12.98 15.48 -1.61
C THR A 80 13.03 16.90 -2.20
N MET A 81 12.12 17.17 -3.15
CA MET A 81 12.12 18.40 -3.97
C MET A 81 10.67 18.79 -4.33
N THR A 82 10.53 19.81 -5.19
CA THR A 82 9.25 20.16 -5.82
C THR A 82 9.22 19.59 -7.25
N ALA A 83 8.14 18.85 -7.58
CA ALA A 83 7.95 18.21 -8.90
C ALA A 83 6.47 18.31 -9.31
N MET B 22 8.98 0.86 -15.99
CA MET B 22 8.29 -0.02 -15.02
C MET B 22 7.56 0.82 -13.97
N TYR B 23 6.52 0.25 -13.34
CA TYR B 23 5.86 0.85 -12.19
C TYR B 23 6.77 0.85 -10.94
N LYS B 24 6.40 1.69 -9.98
CA LYS B 24 7.25 2.06 -8.83
C LYS B 24 6.42 2.70 -7.71
N PHE B 25 7.11 3.05 -6.61
CA PHE B 25 6.54 3.68 -5.42
C PHE B 25 6.89 5.17 -5.43
N GLU B 26 5.87 6.01 -5.65
CA GLU B 26 6.03 7.46 -5.74
C GLU B 26 5.75 8.09 -4.37
N ILE B 27 6.83 8.54 -3.69
CA ILE B 27 6.76 9.03 -2.31
C ILE B 27 6.63 10.53 -2.30
N TYR B 28 5.64 11.05 -1.64
CA TYR B 28 5.43 12.49 -1.52
C TYR B 28 4.96 12.83 -0.10
N GLN B 29 4.74 14.11 0.13
CA GLN B 29 3.94 14.58 1.28
C GLN B 29 2.72 15.29 0.69
N ASP B 30 1.59 15.11 1.34
CA ASP B 30 0.31 15.65 0.90
C ASP B 30 0.10 17.02 1.55
N LYS B 31 -0.93 17.76 1.08
CA LYS B 31 -1.29 19.15 1.50
C LYS B 31 -1.17 19.37 3.03
N ALA B 32 -1.54 18.33 3.81
CA ALA B 32 -1.51 18.34 5.30
C ALA B 32 -0.07 18.16 5.87
N GLY B 33 0.95 18.27 5.00
CA GLY B 33 2.36 17.97 5.35
C GLY B 33 2.56 16.52 5.79
N GLU B 34 1.67 15.62 5.32
CA GLU B 34 1.61 14.22 5.81
C GLU B 34 2.22 13.31 4.75
N TYR B 35 3.11 12.38 5.17
CA TYR B 35 3.95 11.65 4.21
C TYR B 35 3.22 10.40 3.72
N ARG B 36 2.93 10.44 2.42
CA ARG B 36 2.08 9.50 1.71
C ARG B 36 2.74 9.12 0.39
N PHE B 37 2.69 7.85 0.05
CA PHE B 37 3.18 7.34 -1.24
C PHE B 37 2.06 6.58 -1.97
N ARG B 38 2.34 6.30 -3.25
CA ARG B 38 1.44 5.55 -4.16
C ARG B 38 2.20 4.36 -4.75
N PHE B 39 1.46 3.36 -5.25
CA PHE B 39 2.02 2.32 -6.13
C PHE B 39 1.26 2.41 -7.46
N LYS B 40 2.04 2.44 -8.53
CA LYS B 40 1.55 2.63 -9.88
C LYS B 40 1.40 1.29 -10.62
N ALA B 41 1.00 1.38 -11.88
CA ALA B 41 0.93 0.24 -12.81
C ALA B 41 1.47 0.70 -14.18
N SER B 42 1.79 -0.25 -15.07
CA SER B 42 2.39 0.02 -16.41
C SER B 42 1.60 1.06 -17.25
N ASN B 43 0.27 1.10 -17.06
CA ASN B 43 -0.64 2.01 -17.80
C ASN B 43 -0.54 3.48 -17.29
N GLY B 44 0.17 3.67 -16.16
CA GLY B 44 0.25 4.97 -15.48
C GLY B 44 -1.00 5.24 -14.68
N GLU B 45 -1.42 4.23 -13.92
CA GLU B 45 -2.62 4.27 -13.07
C GLU B 45 -2.23 3.88 -11.64
N THR B 46 -2.84 4.55 -10.66
CA THR B 46 -2.61 4.27 -9.23
C THR B 46 -3.71 3.33 -8.72
N MET B 47 -3.28 2.29 -8.01
CA MET B 47 -4.15 1.23 -7.48
C MET B 47 -4.25 1.33 -5.95
N PHE B 48 -3.30 2.04 -5.30
CA PHE B 48 -3.51 2.56 -3.92
C PHE B 48 -2.49 3.64 -3.56
N SER B 49 -2.81 4.35 -2.45
CA SER B 49 -2.10 5.56 -2.05
C SER B 49 -2.63 6.12 -0.75
N SER B 50 -1.96 7.15 -0.20
CA SER B 50 -2.50 8.02 0.87
C SER B 50 -2.77 7.24 2.17
N GLU B 51 -2.03 6.14 2.35
CA GLU B 51 -1.98 5.38 3.58
C GLU B 51 -1.62 6.29 4.79
N GLY B 52 -0.74 7.30 4.56
CA GLY B 52 -0.46 8.32 5.56
C GLY B 52 0.24 7.74 6.77
N TYR B 53 1.37 7.05 6.57
CA TYR B 53 1.99 6.25 7.64
C TYR B 53 2.54 7.18 8.73
N LYS B 54 3.54 8.03 8.36
CA LYS B 54 3.94 9.20 9.16
C LYS B 54 4.96 10.10 8.44
N ALA B 55 6.21 9.63 8.37
CA ALA B 55 7.35 10.46 7.93
C ALA B 55 8.04 9.80 6.77
N LYS B 56 9.00 10.48 6.12
CA LYS B 56 9.71 9.96 4.93
C LYS B 56 10.57 8.73 5.30
N ALA B 57 11.31 8.82 6.42
CA ALA B 57 12.09 7.67 6.95
C ALA B 57 11.19 6.44 7.19
N SER B 58 9.99 6.70 7.71
CA SER B 58 8.96 5.69 7.96
C SER B 58 8.34 5.20 6.64
N ALA B 59 8.29 6.11 5.63
CA ALA B 59 7.67 5.85 4.33
C ALA B 59 8.49 4.82 3.54
N ILE B 60 9.80 5.10 3.36
CA ILE B 60 10.75 4.16 2.71
C ILE B 60 10.75 2.80 3.45
N HIS B 61 10.85 2.84 4.80
CA HIS B 61 10.86 1.60 5.64
C HIS B 61 9.62 0.72 5.39
N ALA B 62 8.46 1.38 5.24
CA ALA B 62 7.21 0.71 4.84
C ALA B 62 7.39 0.02 3.47
N ILE B 63 7.86 0.79 2.49
CA ILE B 63 8.11 0.28 1.14
C ILE B 63 9.14 -0.87 1.14
N GLU B 64 10.05 -0.87 2.12
CA GLU B 64 11.08 -1.91 2.25
C GLU B 64 10.46 -3.26 2.59
N SER B 65 9.33 -3.24 3.35
CA SER B 65 8.52 -4.45 3.59
C SER B 65 8.02 -5.08 2.28
N ILE B 66 7.63 -4.20 1.33
CA ILE B 66 7.05 -4.63 0.06
C ILE B 66 8.12 -5.37 -0.76
N LYS B 67 9.34 -4.81 -0.75
CA LYS B 67 10.49 -5.33 -1.52
C LYS B 67 10.89 -6.76 -1.13
N ARG B 68 10.58 -7.13 0.10
CA ARG B 68 11.02 -8.40 0.70
C ARG B 68 10.31 -9.63 0.09
N ASN B 69 8.96 -9.57 0.00
CA ASN B 69 8.15 -10.78 -0.35
C ASN B 69 6.67 -10.45 -0.61
N SER B 70 6.32 -9.17 -0.85
CA SER B 70 4.90 -8.76 -1.03
C SER B 70 4.25 -9.44 -2.25
N ALA B 71 5.05 -9.59 -3.33
CA ALA B 71 4.65 -10.30 -4.54
C ALA B 71 4.36 -11.80 -4.27
N GLY B 72 4.97 -12.35 -3.20
CA GLY B 72 4.68 -13.72 -2.74
C GLY B 72 3.70 -13.77 -1.56
N ALA B 73 3.43 -12.61 -0.95
CA ALA B 73 2.60 -12.50 0.28
C ALA B 73 1.13 -12.86 -0.02
N ASP B 74 0.49 -13.60 0.88
CA ASP B 74 -0.91 -14.07 0.66
C ASP B 74 -1.92 -12.89 0.73
N THR B 75 -3.11 -13.09 0.15
CA THR B 75 -4.18 -12.09 0.17
C THR B 75 -5.38 -12.65 0.99
N VAL B 76 -5.50 -12.18 2.24
CA VAL B 76 -6.54 -12.61 3.20
C VAL B 76 -7.65 -11.54 3.29
N ASP B 77 -8.92 -11.96 3.10
CA ASP B 77 -10.08 -11.04 3.19
C ASP B 77 -10.88 -11.31 4.49
N LEU B 78 -11.00 -10.26 5.32
CA LEU B 78 -11.78 -10.27 6.58
C LEU B 78 -13.20 -9.68 6.42
N THR B 79 -13.42 -8.83 5.38
CA THR B 79 -14.64 -7.98 5.32
C THR B 79 -15.88 -8.74 4.84
N THR B 80 -15.69 -9.76 3.99
CA THR B 80 -16.82 -10.52 3.41
C THR B 80 -17.06 -11.76 4.28
N MET B 81 -16.07 -12.08 5.15
CA MET B 81 -16.20 -13.09 6.22
C MET B 81 -17.13 -12.53 7.32
N THR B 82 -16.76 -11.34 7.84
CA THR B 82 -17.48 -10.65 8.91
C THR B 82 -17.56 -9.14 8.58
N ALA B 83 -18.79 -8.62 8.48
CA ALA B 83 -19.06 -7.20 8.18
C ALA B 83 -20.10 -6.65 9.18
N MET A 22 4.41 -16.05 6.78
CA MET A 22 5.28 -14.91 7.14
C MET A 22 4.41 -13.66 7.40
N TYR A 23 3.81 -13.12 6.34
CA TYR A 23 2.89 -11.96 6.39
C TYR A 23 1.94 -11.98 5.18
N LYS A 24 0.97 -11.05 5.17
CA LYS A 24 -0.09 -11.01 4.16
C LYS A 24 -0.82 -9.66 4.15
N PHE A 25 -1.76 -9.53 3.20
CA PHE A 25 -2.59 -8.34 3.00
C PHE A 25 -3.91 -8.54 3.74
N GLU A 26 -4.14 -7.76 4.79
CA GLU A 26 -5.38 -7.79 5.57
C GLU A 26 -6.34 -6.74 5.01
N ILE A 27 -7.37 -7.21 4.28
CA ILE A 27 -8.36 -6.35 3.63
C ILE A 27 -9.61 -6.31 4.51
N TYR A 28 -9.96 -5.14 4.92
CA TYR A 28 -11.12 -4.91 5.77
C TYR A 28 -11.85 -3.67 5.28
N GLN A 29 -12.91 -3.30 5.98
CA GLN A 29 -13.48 -1.96 5.91
C GLN A 29 -13.45 -1.35 7.31
N ASP A 30 -13.37 -0.04 7.37
CA ASP A 30 -13.39 0.72 8.62
C ASP A 30 -14.86 0.88 9.08
N LYS A 31 -15.06 1.27 10.36
CA LYS A 31 -16.39 1.56 10.97
C LYS A 31 -17.24 2.50 10.07
N ALA A 32 -16.54 3.43 9.40
CA ALA A 32 -17.14 4.39 8.46
C ALA A 32 -17.46 3.75 7.08
N GLY A 33 -17.42 2.40 7.03
CA GLY A 33 -17.65 1.60 5.82
C GLY A 33 -16.53 1.73 4.79
N GLU A 34 -15.33 2.13 5.25
CA GLU A 34 -14.23 2.53 4.35
C GLU A 34 -13.26 1.37 4.10
N TYR A 35 -13.46 0.66 2.97
CA TYR A 35 -12.55 -0.40 2.52
C TYR A 35 -11.10 0.08 2.45
N ARG A 36 -10.25 -0.66 3.17
CA ARG A 36 -8.83 -0.40 3.37
C ARG A 36 -8.11 -1.74 3.48
N PHE A 37 -6.96 -1.86 2.82
CA PHE A 37 -6.09 -3.04 2.96
C PHE A 37 -4.78 -2.58 3.57
N ARG A 38 -4.31 -3.30 4.56
CA ARG A 38 -3.01 -3.06 5.18
C ARG A 38 -2.07 -4.20 4.83
N PHE A 39 -0.77 -3.95 4.98
CA PHE A 39 0.26 -4.97 4.77
C PHE A 39 0.98 -5.19 6.10
N LYS A 40 1.15 -6.46 6.44
CA LYS A 40 1.75 -6.89 7.70
C LYS A 40 3.24 -7.20 7.51
N ALA A 41 3.86 -7.63 8.61
CA ALA A 41 5.28 -8.03 8.65
C ALA A 41 5.40 -9.33 9.45
N SER A 42 6.56 -10.01 9.35
CA SER A 42 6.85 -11.26 10.08
C SER A 42 6.74 -11.10 11.62
N ASN A 43 6.97 -9.86 12.10
CA ASN A 43 6.85 -9.50 13.54
C ASN A 43 5.36 -9.36 13.96
N GLY A 44 4.45 -9.41 12.97
CA GLY A 44 3.02 -9.15 13.20
C GLY A 44 2.76 -7.68 13.44
N GLU A 45 3.44 -6.84 12.66
CA GLU A 45 3.36 -5.38 12.75
C GLU A 45 2.89 -4.85 11.39
N THR A 46 1.99 -3.86 11.41
CA THR A 46 1.51 -3.20 10.19
C THR A 46 2.43 -2.01 9.85
N MET A 47 2.73 -1.87 8.56
CA MET A 47 3.64 -0.84 8.04
C MET A 47 2.90 0.17 7.13
N PHE A 48 1.65 -0.12 6.73
CA PHE A 48 0.72 0.90 6.18
C PHE A 48 -0.73 0.41 6.21
N SER A 49 -1.62 1.41 6.16
CA SER A 49 -3.07 1.26 5.95
C SER A 49 -3.40 2.05 4.67
N SER A 50 -4.16 1.48 3.72
CA SER A 50 -4.35 2.13 2.41
C SER A 50 -5.68 2.90 2.34
N GLU A 51 -5.87 3.51 1.18
CA GLU A 51 -7.13 4.12 0.74
C GLU A 51 -8.18 3.02 0.48
N GLY A 52 -7.72 1.81 0.10
CA GLY A 52 -8.58 0.69 -0.34
C GLY A 52 -9.06 0.82 -1.79
N TYR A 53 -8.83 2.02 -2.38
CA TYR A 53 -9.08 2.36 -3.79
C TYR A 53 -10.57 2.70 -4.00
N LYS A 54 -11.47 1.74 -3.73
CA LYS A 54 -12.93 1.92 -3.88
C LYS A 54 -13.71 0.95 -2.98
N ALA A 55 -13.66 -0.34 -3.33
CA ALA A 55 -14.47 -1.41 -2.71
C ALA A 55 -13.57 -2.60 -2.36
N LYS A 56 -14.15 -3.74 -1.92
CA LYS A 56 -13.36 -4.94 -1.57
C LYS A 56 -12.76 -5.54 -2.85
N ALA A 57 -13.59 -5.71 -3.89
CA ALA A 57 -13.15 -6.29 -5.17
C ALA A 57 -12.07 -5.42 -5.82
N SER A 58 -12.24 -4.10 -5.70
CA SER A 58 -11.30 -3.09 -6.22
C SER A 58 -10.00 -3.10 -5.39
N ALA A 59 -10.13 -3.43 -4.09
CA ALA A 59 -8.98 -3.54 -3.18
C ALA A 59 -8.12 -4.76 -3.54
N ILE A 60 -8.77 -5.91 -3.84
CA ILE A 60 -8.09 -7.11 -4.39
C ILE A 60 -7.35 -6.76 -5.70
N HIS A 61 -8.05 -6.06 -6.62
CA HIS A 61 -7.49 -5.67 -7.95
C HIS A 61 -6.22 -4.83 -7.78
N ALA A 62 -6.26 -3.94 -6.78
CA ALA A 62 -5.12 -3.12 -6.38
C ALA A 62 -3.98 -4.04 -5.93
N ILE A 63 -4.29 -4.93 -5.00
CA ILE A 63 -3.32 -5.91 -4.48
C ILE A 63 -2.76 -6.83 -5.60
N GLU A 64 -3.54 -7.03 -6.67
CA GLU A 64 -3.10 -7.86 -7.81
C GLU A 64 -1.92 -7.20 -8.54
N SER A 65 -1.89 -5.84 -8.54
CA SER A 65 -0.69 -5.07 -8.98
C SER A 65 0.55 -5.42 -8.14
N ILE A 66 0.34 -5.59 -6.81
CA ILE A 66 1.44 -5.84 -5.87
C ILE A 66 2.05 -7.23 -6.19
N LYS A 67 1.17 -8.20 -6.49
CA LYS A 67 1.54 -9.60 -6.77
C LYS A 67 2.42 -9.78 -8.01
N ARG A 68 2.41 -8.78 -8.88
CA ARG A 68 3.09 -8.81 -10.19
C ARG A 68 4.63 -8.68 -10.05
N ASN A 69 5.09 -7.59 -9.39
CA ASN A 69 6.53 -7.22 -9.39
C ASN A 69 6.87 -6.15 -8.32
N SER A 70 5.98 -5.95 -7.34
CA SER A 70 6.14 -4.87 -6.32
C SER A 70 7.44 -5.03 -5.48
N ALA A 71 7.78 -6.29 -5.17
CA ALA A 71 9.02 -6.63 -4.46
C ALA A 71 10.30 -6.25 -5.25
N GLY A 72 10.15 -6.11 -6.59
CA GLY A 72 11.24 -5.65 -7.46
C GLY A 72 11.01 -4.24 -8.02
N ALA A 73 9.81 -3.67 -7.77
CA ALA A 73 9.42 -2.33 -8.25
C ALA A 73 10.30 -1.24 -7.62
N ASP A 74 10.70 -0.25 -8.42
CA ASP A 74 11.58 0.84 -7.96
C ASP A 74 10.86 1.74 -6.92
N THR A 75 11.62 2.35 -6.01
CA THR A 75 11.10 3.22 -4.95
C THR A 75 11.60 4.65 -5.17
N VAL A 76 10.66 5.60 -5.38
CA VAL A 76 10.95 7.00 -5.77
C VAL A 76 10.22 7.95 -4.81
N ASP A 77 10.94 8.90 -4.18
CA ASP A 77 10.30 9.96 -3.38
C ASP A 77 10.29 11.30 -4.16
N LEU A 78 9.10 11.69 -4.60
CA LEU A 78 8.84 12.95 -5.33
C LEU A 78 8.88 14.18 -4.39
N THR A 79 8.74 13.94 -3.07
CA THR A 79 8.61 15.03 -2.07
C THR A 79 9.99 15.55 -1.60
N THR A 80 11.05 14.78 -1.90
CA THR A 80 12.46 15.01 -1.45
C THR A 80 12.63 15.60 -0.02
N MET A 81 11.73 15.25 0.91
CA MET A 81 11.82 15.67 2.32
C MET A 81 12.78 14.75 3.07
N THR A 82 13.59 15.31 3.97
CA THR A 82 14.51 14.55 4.83
C THR A 82 13.74 13.84 5.97
N ALA A 83 12.70 14.51 6.47
CA ALA A 83 11.86 14.01 7.57
C ALA A 83 10.89 12.92 7.05
N MET B 22 9.31 0.46 -16.10
CA MET B 22 8.52 -0.31 -15.10
C MET B 22 7.79 0.68 -14.17
N TYR B 23 6.72 0.21 -13.51
CA TYR B 23 6.05 0.97 -12.45
C TYR B 23 6.93 1.08 -11.19
N LYS B 24 6.48 1.91 -10.24
CA LYS B 24 7.26 2.23 -9.04
C LYS B 24 6.37 2.85 -7.95
N PHE B 25 6.98 3.10 -6.79
CA PHE B 25 6.36 3.70 -5.62
C PHE B 25 6.61 5.22 -5.66
N GLU B 26 5.55 5.99 -5.85
CA GLU B 26 5.63 7.47 -5.84
C GLU B 26 5.31 7.98 -4.43
N ILE B 27 6.36 8.42 -3.71
CA ILE B 27 6.27 8.89 -2.33
C ILE B 27 6.23 10.41 -2.36
N TYR B 28 5.17 10.97 -1.84
CA TYR B 28 4.96 12.40 -1.77
C TYR B 28 4.40 12.75 -0.40
N GLN B 29 4.10 14.02 -0.22
CA GLN B 29 3.20 14.47 0.84
C GLN B 29 2.07 15.25 0.19
N ASP B 30 0.90 15.24 0.84
CA ASP B 30 -0.28 15.97 0.40
C ASP B 30 -0.15 17.43 0.84
N LYS B 31 -0.99 18.32 0.26
CA LYS B 31 -1.09 19.77 0.60
C LYS B 31 -1.19 19.99 2.12
N ALA B 32 -1.89 19.07 2.79
CA ALA B 32 -2.06 19.06 4.26
C ALA B 32 -0.77 18.54 5.00
N GLY B 33 0.35 18.46 4.27
CA GLY B 33 1.63 17.96 4.79
C GLY B 33 1.63 16.46 5.07
N GLU B 34 0.70 15.73 4.42
CA GLU B 34 0.42 14.31 4.77
C GLU B 34 1.20 13.35 3.86
N TYR B 35 2.35 12.87 4.36
CA TYR B 35 3.17 11.85 3.66
C TYR B 35 2.32 10.63 3.30
N ARG B 36 2.34 10.31 2.01
CA ARG B 36 1.58 9.23 1.36
C ARG B 36 2.42 8.67 0.22
N PHE B 37 2.46 7.35 0.09
CA PHE B 37 3.08 6.68 -1.05
C PHE B 37 2.00 5.93 -1.82
N ARG B 38 2.00 6.08 -3.13
CA ARG B 38 1.11 5.36 -4.01
C ARG B 38 1.92 4.35 -4.82
N PHE B 39 1.21 3.37 -5.38
CA PHE B 39 1.83 2.38 -6.27
C PHE B 39 1.19 2.53 -7.65
N LYS B 40 2.04 2.54 -8.67
CA LYS B 40 1.64 2.73 -10.06
C LYS B 40 1.50 1.39 -10.78
N ALA B 41 1.15 1.47 -12.07
CA ALA B 41 1.00 0.32 -12.96
C ALA B 41 1.69 0.63 -14.29
N SER B 42 1.93 -0.41 -15.12
CA SER B 42 2.55 -0.26 -16.46
C SER B 42 1.75 0.69 -17.39
N ASN B 43 0.43 0.79 -17.14
CA ASN B 43 -0.48 1.70 -17.88
C ASN B 43 -0.32 3.18 -17.43
N GLY B 44 0.47 3.40 -16.37
CA GLY B 44 0.60 4.70 -15.73
C GLY B 44 -0.64 5.08 -14.96
N GLU B 45 -1.20 4.09 -14.26
CA GLU B 45 -2.43 4.22 -13.47
C GLU B 45 -2.11 3.87 -12.02
N THR B 46 -2.66 4.64 -11.08
CA THR B 46 -2.50 4.38 -9.64
C THR B 46 -3.62 3.45 -9.16
N MET B 47 -3.25 2.48 -8.32
CA MET B 47 -4.16 1.46 -7.79
C MET B 47 -4.36 1.58 -6.27
N PHE B 48 -3.53 2.39 -5.58
CA PHE B 48 -3.83 2.88 -4.21
C PHE B 48 -2.97 4.09 -3.84
N SER B 49 -3.50 4.83 -2.86
CA SER B 49 -2.82 5.90 -2.13
C SER B 49 -2.78 5.48 -0.65
N SER B 50 -1.63 5.58 0.05
CA SER B 50 -1.52 5.02 1.41
C SER B 50 -1.70 6.10 2.48
N GLU B 51 -1.63 5.62 3.72
CA GLU B 51 -1.52 6.42 4.94
C GLU B 51 -0.16 7.15 4.98
N GLY B 52 0.87 6.52 4.36
CA GLY B 52 2.28 6.98 4.44
C GLY B 52 2.97 6.57 5.74
N TYR B 53 2.17 6.07 6.71
CA TYR B 53 2.62 5.51 8.01
C TYR B 53 2.91 6.64 9.01
N LYS B 54 3.88 7.52 8.69
CA LYS B 54 4.26 8.65 9.57
C LYS B 54 4.91 9.78 8.77
N ALA B 55 6.12 9.52 8.26
CA ALA B 55 6.98 10.52 7.61
C ALA B 55 7.52 9.95 6.29
N LYS B 56 8.45 10.67 5.60
CA LYS B 56 9.05 10.19 4.35
C LYS B 56 9.92 8.95 4.64
N ALA B 57 10.82 9.07 5.63
CA ALA B 57 11.74 7.98 6.01
C ALA B 57 10.97 6.73 6.46
N SER B 58 9.86 6.97 7.17
CA SER B 58 8.97 5.92 7.67
C SER B 58 8.17 5.29 6.52
N ALA B 59 7.91 6.12 5.47
CA ALA B 59 7.21 5.67 4.25
C ALA B 59 8.12 4.73 3.44
N ILE B 60 9.42 5.08 3.31
CA ILE B 60 10.45 4.19 2.71
C ILE B 60 10.51 2.86 3.49
N HIS B 61 10.58 2.93 4.84
CA HIS B 61 10.68 1.74 5.72
C HIS B 61 9.48 0.79 5.49
N ALA B 62 8.30 1.40 5.31
CA ALA B 62 7.07 0.69 4.97
C ALA B 62 7.28 -0.02 3.63
N ILE B 63 7.70 0.73 2.62
CA ILE B 63 7.96 0.21 1.27
C ILE B 63 9.06 -0.89 1.28
N GLU B 64 9.96 -0.86 2.29
CA GLU B 64 11.02 -1.85 2.42
C GLU B 64 10.41 -3.23 2.75
N SER B 65 9.28 -3.25 3.49
CA SER B 65 8.46 -4.47 3.67
C SER B 65 7.96 -5.03 2.34
N ILE B 66 7.58 -4.13 1.41
CA ILE B 66 7.01 -4.53 0.12
C ILE B 66 8.11 -5.23 -0.72
N LYS B 67 9.34 -4.68 -0.63
CA LYS B 67 10.52 -5.17 -1.40
C LYS B 67 10.94 -6.60 -1.03
N ARG B 68 10.50 -7.05 0.13
CA ARG B 68 10.92 -8.35 0.71
C ARG B 68 10.25 -9.56 0.00
N ASN B 69 8.90 -9.54 -0.06
CA ASN B 69 8.12 -10.74 -0.51
C ASN B 69 6.63 -10.40 -0.81
N SER B 70 6.30 -9.11 -0.99
CA SER B 70 4.89 -8.68 -1.18
C SER B 70 4.23 -9.29 -2.43
N ALA B 71 5.03 -9.43 -3.51
CA ALA B 71 4.60 -10.06 -4.76
C ALA B 71 4.23 -11.55 -4.57
N GLY B 72 4.78 -12.17 -3.51
CA GLY B 72 4.43 -13.55 -3.12
C GLY B 72 3.59 -13.65 -1.85
N ALA B 73 3.38 -12.51 -1.17
CA ALA B 73 2.61 -12.42 0.09
C ALA B 73 1.14 -12.78 -0.15
N ASP B 74 0.55 -13.55 0.78
CA ASP B 74 -0.85 -14.01 0.67
C ASP B 74 -1.84 -12.81 0.76
N THR B 75 -3.00 -12.94 0.12
CA THR B 75 -4.03 -11.88 0.12
C THR B 75 -5.29 -12.41 0.84
N VAL B 76 -5.68 -11.72 1.94
CA VAL B 76 -6.75 -12.16 2.85
C VAL B 76 -7.75 -11.01 3.04
N ASP B 77 -9.06 -11.24 2.79
CA ASP B 77 -10.11 -10.24 3.12
C ASP B 77 -10.86 -10.65 4.41
N LEU B 78 -10.58 -9.90 5.49
CA LEU B 78 -11.23 -10.06 6.81
C LEU B 78 -12.68 -9.56 6.81
N THR B 79 -13.03 -8.79 5.77
CA THR B 79 -14.36 -8.16 5.59
C THR B 79 -15.30 -9.11 4.79
N THR B 80 -15.00 -10.45 4.83
CA THR B 80 -15.76 -11.55 4.17
C THR B 80 -17.27 -11.26 3.96
N MET B 81 -17.98 -10.95 5.06
CA MET B 81 -19.37 -10.50 5.03
C MET B 81 -19.40 -8.99 4.73
N THR B 82 -19.40 -8.66 3.43
CA THR B 82 -19.24 -7.27 2.95
C THR B 82 -20.55 -6.47 3.09
N ALA B 83 -20.42 -5.13 3.18
CA ALA B 83 -21.53 -4.20 3.37
C ALA B 83 -21.79 -3.42 2.06
N MET A 22 3.60 -16.58 6.80
CA MET A 22 4.14 -15.34 6.19
C MET A 22 3.17 -14.17 6.44
N TYR A 23 3.70 -12.93 6.39
CA TYR A 23 2.88 -11.71 6.37
C TYR A 23 2.07 -11.60 5.05
N LYS A 24 1.10 -10.68 5.03
CA LYS A 24 0.05 -10.63 4.00
C LYS A 24 -0.74 -9.31 4.07
N PHE A 25 -1.78 -9.22 3.23
CA PHE A 25 -2.69 -8.08 3.17
C PHE A 25 -4.01 -8.46 3.86
N GLU A 26 -4.37 -7.70 4.89
CA GLU A 26 -5.63 -7.86 5.62
C GLU A 26 -6.65 -6.88 5.05
N ILE A 27 -7.70 -7.40 4.38
CA ILE A 27 -8.75 -6.57 3.79
C ILE A 27 -9.97 -6.64 4.70
N TYR A 28 -10.37 -5.50 5.20
CA TYR A 28 -11.55 -5.37 6.04
C TYR A 28 -12.35 -4.18 5.52
N GLN A 29 -13.45 -3.83 6.19
CA GLN A 29 -14.17 -2.59 5.89
C GLN A 29 -14.30 -1.74 7.16
N ASP A 30 -14.31 -0.41 6.99
CA ASP A 30 -14.48 0.54 8.09
C ASP A 30 -15.95 0.97 8.21
N LYS A 31 -16.23 1.75 9.29
CA LYS A 31 -17.56 2.30 9.65
C LYS A 31 -18.33 2.92 8.46
N ALA A 32 -17.59 3.52 7.51
CA ALA A 32 -18.17 4.15 6.29
C ALA A 32 -18.69 3.10 5.27
N GLY A 33 -18.60 1.80 5.64
CA GLY A 33 -18.92 0.69 4.76
C GLY A 33 -18.00 0.62 3.56
N GLU A 34 -16.72 0.92 3.78
CA GLU A 34 -15.72 1.00 2.68
C GLU A 34 -14.54 0.11 3.00
N TYR A 35 -13.85 -0.39 1.97
CA TYR A 35 -12.85 -1.46 2.12
C TYR A 35 -11.47 -0.84 2.35
N ARG A 36 -10.77 -1.35 3.36
CA ARG A 36 -9.48 -0.84 3.86
C ARG A 36 -8.45 -1.98 3.86
N PHE A 37 -7.20 -1.69 3.48
CA PHE A 37 -6.11 -2.69 3.54
C PHE A 37 -5.15 -2.37 4.69
N ARG A 38 -4.42 -3.39 5.14
CA ARG A 38 -3.17 -3.21 5.88
C ARG A 38 -2.17 -4.32 5.50
N PHE A 39 -0.91 -3.92 5.21
CA PHE A 39 0.18 -4.88 4.91
C PHE A 39 0.98 -5.09 6.20
N LYS A 40 1.10 -6.36 6.56
CA LYS A 40 1.65 -6.79 7.85
C LYS A 40 3.15 -7.13 7.77
N ALA A 41 3.68 -7.53 8.93
CA ALA A 41 5.07 -7.99 9.10
C ALA A 41 5.06 -9.33 9.86
N SER A 42 6.15 -10.11 9.75
CA SER A 42 6.34 -11.40 10.45
C SER A 42 6.08 -11.32 11.98
N ASN A 43 6.39 -10.17 12.60
CA ASN A 43 6.18 -9.94 14.06
C ASN A 43 4.69 -9.63 14.38
N GLY A 44 3.86 -9.48 13.33
CA GLY A 44 2.47 -9.03 13.48
C GLY A 44 2.35 -7.51 13.47
N GLU A 45 3.44 -6.82 13.08
CA GLU A 45 3.48 -5.37 12.93
C GLU A 45 2.77 -4.95 11.62
N THR A 46 2.45 -3.66 11.50
CA THR A 46 1.83 -3.10 10.28
C THR A 46 2.64 -1.88 9.84
N MET A 47 3.10 -1.92 8.59
CA MET A 47 4.00 -0.91 8.01
C MET A 47 3.23 0.12 7.15
N PHE A 48 1.98 -0.21 6.77
CA PHE A 48 0.99 0.78 6.30
C PHE A 48 -0.44 0.23 6.25
N SER A 49 -1.39 1.16 6.15
CA SER A 49 -2.84 0.90 6.20
C SER A 49 -3.58 2.20 5.92
N SER A 50 -4.76 2.13 5.23
CA SER A 50 -5.61 3.29 4.91
C SER A 50 -6.69 2.96 3.86
N GLU A 51 -6.39 3.21 2.58
CA GLU A 51 -7.40 3.40 1.52
C GLU A 51 -8.27 2.15 1.24
N GLY A 52 -7.62 1.00 0.94
CA GLY A 52 -8.30 -0.20 0.41
C GLY A 52 -8.92 -0.02 -0.99
N TYR A 53 -8.56 1.13 -1.60
CA TYR A 53 -9.03 1.60 -2.90
C TYR A 53 -10.50 2.05 -2.81
N LYS A 54 -11.45 1.08 -2.74
CA LYS A 54 -12.90 1.38 -2.66
C LYS A 54 -13.72 0.13 -2.28
N ALA A 55 -13.98 -0.75 -3.29
CA ALA A 55 -14.90 -1.92 -3.16
C ALA A 55 -14.08 -3.22 -3.17
N LYS A 56 -14.67 -4.38 -2.78
CA LYS A 56 -13.90 -5.64 -2.60
C LYS A 56 -13.25 -6.12 -3.91
N ALA A 57 -14.02 -6.15 -5.01
CA ALA A 57 -13.51 -6.57 -6.33
C ALA A 57 -12.26 -5.75 -6.72
N SER A 58 -12.38 -4.43 -6.56
CA SER A 58 -11.32 -3.47 -6.89
C SER A 58 -10.18 -3.51 -5.84
N ALA A 59 -10.53 -3.96 -4.62
CA ALA A 59 -9.58 -4.08 -3.49
C ALA A 59 -8.55 -5.18 -3.79
N ILE A 60 -9.04 -6.40 -4.08
CA ILE A 60 -8.18 -7.54 -4.45
C ILE A 60 -7.37 -7.20 -5.72
N HIS A 61 -8.05 -6.65 -6.76
CA HIS A 61 -7.40 -6.28 -8.04
C HIS A 61 -6.21 -5.32 -7.83
N ALA A 62 -6.36 -4.38 -6.87
CA ALA A 62 -5.28 -3.50 -6.45
C ALA A 62 -4.12 -4.33 -5.91
N ILE A 63 -4.42 -5.18 -4.92
CA ILE A 63 -3.42 -6.05 -4.29
C ILE A 63 -2.80 -7.04 -5.30
N GLU A 64 -3.50 -7.30 -6.42
CA GLU A 64 -2.99 -8.20 -7.47
C GLU A 64 -1.79 -7.54 -8.16
N SER A 65 -1.84 -6.18 -8.29
CA SER A 65 -0.69 -5.38 -8.77
C SER A 65 0.56 -5.62 -7.93
N ILE A 66 0.37 -5.81 -6.61
CA ILE A 66 1.49 -5.98 -5.70
C ILE A 66 2.18 -7.32 -5.99
N LYS A 67 1.35 -8.36 -6.24
CA LYS A 67 1.83 -9.75 -6.55
C LYS A 67 2.46 -9.85 -7.94
N ARG A 68 2.21 -8.84 -8.77
CA ARG A 68 2.76 -8.81 -10.14
C ARG A 68 4.29 -8.57 -10.13
N ASN A 69 4.71 -7.47 -9.48
CA ASN A 69 6.12 -7.01 -9.56
C ASN A 69 6.45 -5.89 -8.54
N SER A 70 5.61 -5.70 -7.52
CA SER A 70 5.82 -4.61 -6.53
C SER A 70 7.08 -4.80 -5.70
N ALA A 71 7.40 -6.06 -5.35
CA ALA A 71 8.67 -6.38 -4.67
C ALA A 71 9.89 -6.03 -5.56
N GLY A 72 9.69 -6.13 -6.88
CA GLY A 72 10.73 -5.77 -7.86
C GLY A 72 10.61 -4.34 -8.35
N ALA A 73 9.56 -3.62 -7.89
CA ALA A 73 9.33 -2.21 -8.23
C ALA A 73 10.37 -1.31 -7.55
N ASP A 74 10.47 -0.07 -8.02
CA ASP A 74 11.41 0.93 -7.49
C ASP A 74 10.71 1.78 -6.40
N THR A 75 11.52 2.46 -5.58
CA THR A 75 11.06 3.41 -4.56
C THR A 75 11.49 4.83 -4.97
N VAL A 76 10.55 5.58 -5.57
CA VAL A 76 10.76 6.96 -6.04
C VAL A 76 10.17 7.95 -5.01
N ASP A 77 10.98 8.94 -4.59
CA ASP A 77 10.53 10.04 -3.71
C ASP A 77 10.50 11.36 -4.51
N LEU A 78 9.28 11.85 -4.75
CA LEU A 78 9.00 13.10 -5.48
C LEU A 78 9.28 14.36 -4.61
N THR A 79 9.08 14.28 -3.28
CA THR A 79 8.96 15.50 -2.42
C THR A 79 10.31 15.91 -1.82
N THR A 80 11.37 15.16 -2.11
CA THR A 80 12.73 15.49 -1.62
C THR A 80 13.64 15.81 -2.82
N MET A 81 12.98 16.07 -3.98
CA MET A 81 13.61 16.60 -5.19
C MET A 81 13.99 18.08 -4.95
N THR A 82 13.09 18.80 -4.26
CA THR A 82 13.28 20.22 -3.90
C THR A 82 12.93 20.44 -2.42
N ALA A 83 11.63 20.24 -2.09
CA ALA A 83 11.07 20.51 -0.75
C ALA A 83 9.68 19.84 -0.62
N MET B 22 9.28 1.05 -15.78
CA MET B 22 8.50 0.18 -14.86
C MET B 22 7.70 1.04 -13.87
N TYR B 23 6.60 0.47 -13.32
CA TYR B 23 5.86 1.09 -12.22
C TYR B 23 6.64 1.01 -10.90
N LYS B 24 6.19 1.79 -9.91
CA LYS B 24 6.95 2.07 -8.68
C LYS B 24 6.07 2.77 -7.63
N PHE B 25 6.71 3.16 -6.52
CA PHE B 25 6.06 3.90 -5.42
C PHE B 25 6.49 5.37 -5.51
N GLU B 26 5.50 6.25 -5.63
CA GLU B 26 5.71 7.70 -5.66
C GLU B 26 5.46 8.25 -4.25
N ILE B 27 6.53 8.74 -3.58
CA ILE B 27 6.44 9.29 -2.23
C ILE B 27 6.46 10.81 -2.35
N TYR B 28 5.41 11.42 -1.88
CA TYR B 28 5.28 12.88 -1.86
C TYR B 28 4.79 13.27 -0.46
N GLN B 29 4.53 14.55 -0.23
CA GLN B 29 3.86 14.99 1.00
C GLN B 29 2.61 15.81 0.64
N ASP B 30 1.60 15.74 1.51
CA ASP B 30 0.34 16.49 1.36
C ASP B 30 0.41 17.79 2.18
N LYS B 31 -0.65 18.62 1.99
CA LYS B 31 -0.85 19.93 2.66
C LYS B 31 -0.57 19.93 4.18
N ALA B 32 -0.87 18.79 4.85
CA ALA B 32 -0.67 18.60 6.30
C ALA B 32 0.84 18.45 6.66
N GLY B 33 1.73 18.58 5.65
CA GLY B 33 3.15 18.35 5.80
C GLY B 33 3.47 16.92 6.16
N GLU B 34 2.72 15.98 5.58
CA GLU B 34 2.85 14.54 5.93
C GLU B 34 3.08 13.72 4.67
N TYR B 35 3.76 12.57 4.79
CA TYR B 35 4.25 11.82 3.63
C TYR B 35 3.18 10.81 3.20
N ARG B 36 2.91 10.79 1.89
CA ARG B 36 1.85 10.01 1.23
C ARG B 36 2.49 9.12 0.13
N PHE B 37 2.05 7.85 -0.01
CA PHE B 37 2.48 6.95 -1.11
C PHE B 37 1.39 6.86 -2.17
N ARG B 38 1.81 6.49 -3.39
CA ARG B 38 0.94 5.84 -4.39
C ARG B 38 1.72 4.78 -5.20
N PHE B 39 1.12 3.58 -5.34
CA PHE B 39 1.71 2.51 -6.17
C PHE B 39 1.04 2.55 -7.55
N LYS B 40 1.89 2.63 -8.57
CA LYS B 40 1.48 2.90 -9.95
C LYS B 40 1.33 1.61 -10.77
N ALA B 41 0.96 1.80 -12.04
CA ALA B 41 0.83 0.74 -13.05
C ALA B 41 1.59 1.16 -14.32
N SER B 42 1.95 0.18 -15.18
CA SER B 42 2.66 0.41 -16.46
C SER B 42 1.98 1.48 -17.37
N ASN B 43 0.64 1.57 -17.30
CA ASN B 43 -0.15 2.57 -18.08
C ASN B 43 -0.09 3.98 -17.45
N GLY B 44 0.52 4.09 -16.26
CA GLY B 44 0.51 5.32 -15.47
C GLY B 44 -0.71 5.43 -14.56
N GLU B 45 -1.46 4.32 -14.44
CA GLU B 45 -2.61 4.21 -13.51
C GLU B 45 -2.12 4.08 -12.05
N THR B 46 -3.04 4.28 -11.10
CA THR B 46 -2.75 4.13 -9.67
C THR B 46 -3.82 3.22 -9.04
N MET B 47 -3.35 2.15 -8.40
CA MET B 47 -4.22 1.08 -7.86
C MET B 47 -4.44 1.25 -6.35
N PHE B 48 -3.60 2.08 -5.67
CA PHE B 48 -3.93 2.66 -4.34
C PHE B 48 -2.99 3.83 -4.01
N SER B 49 -3.40 4.56 -2.96
CA SER B 49 -2.74 5.78 -2.47
C SER B 49 -3.45 6.24 -1.22
N SER B 50 -2.71 6.84 -0.25
CA SER B 50 -3.26 7.39 1.03
C SER B 50 -2.16 7.68 2.06
N GLU B 51 -1.89 6.73 2.96
CA GLU B 51 -1.24 6.99 4.26
C GLU B 51 0.20 7.54 4.15
N GLY B 52 1.09 6.84 3.41
CA GLY B 52 2.55 7.12 3.45
C GLY B 52 3.22 6.84 4.80
N TYR B 53 2.44 6.21 5.69
CA TYR B 53 2.80 5.87 7.07
C TYR B 53 2.84 7.15 7.93
N LYS B 54 3.93 7.97 7.78
CA LYS B 54 4.10 9.22 8.54
C LYS B 54 5.22 10.10 7.95
N ALA B 55 6.49 9.77 8.29
CA ALA B 55 7.69 10.59 7.96
C ALA B 55 8.51 9.88 6.88
N LYS B 56 9.48 10.58 6.22
CA LYS B 56 10.20 10.02 5.06
C LYS B 56 10.99 8.74 5.41
N ALA B 57 11.77 8.80 6.49
CA ALA B 57 12.57 7.63 6.96
C ALA B 57 11.68 6.38 7.11
N SER B 58 10.54 6.58 7.79
CA SER B 58 9.57 5.51 8.06
C SER B 58 8.76 5.16 6.79
N ALA B 59 8.69 6.12 5.84
CA ALA B 59 7.98 5.96 4.58
C ALA B 59 8.70 4.93 3.69
N ILE B 60 9.99 5.16 3.43
CA ILE B 60 10.85 4.23 2.69
C ILE B 60 10.90 2.86 3.37
N HIS B 61 11.13 2.85 4.71
CA HIS B 61 11.19 1.59 5.52
C HIS B 61 9.93 0.74 5.35
N ALA B 62 8.75 1.41 5.27
CA ALA B 62 7.49 0.75 4.98
C ALA B 62 7.56 0.08 3.60
N ILE B 63 7.91 0.87 2.58
CA ILE B 63 8.04 0.38 1.21
C ILE B 63 9.12 -0.72 1.09
N GLU B 64 10.08 -0.75 2.03
CA GLU B 64 11.15 -1.77 2.01
C GLU B 64 10.54 -3.14 2.32
N SER B 65 9.49 -3.16 3.18
CA SER B 65 8.66 -4.37 3.44
C SER B 65 8.09 -4.96 2.14
N ILE B 66 7.71 -4.06 1.21
CA ILE B 66 7.08 -4.48 -0.02
C ILE B 66 8.10 -5.24 -0.89
N LYS B 67 9.35 -4.70 -0.91
CA LYS B 67 10.49 -5.27 -1.68
C LYS B 67 11.01 -6.57 -1.07
N ARG B 68 10.65 -6.81 0.19
CA ARG B 68 11.06 -8.04 0.91
C ARG B 68 10.38 -9.29 0.33
N ASN B 69 9.03 -9.28 0.29
CA ASN B 69 8.25 -10.49 -0.04
C ASN B 69 6.75 -10.20 -0.27
N SER B 70 6.38 -8.94 -0.50
CA SER B 70 4.95 -8.55 -0.66
C SER B 70 4.33 -9.13 -1.93
N ALA B 71 5.13 -9.21 -3.01
CA ALA B 71 4.69 -9.89 -4.25
C ALA B 71 4.41 -11.39 -3.99
N GLY B 72 5.19 -11.98 -3.05
CA GLY B 72 4.99 -13.37 -2.66
C GLY B 72 4.07 -13.52 -1.46
N ALA B 73 3.58 -12.39 -0.91
CA ALA B 73 2.64 -12.38 0.23
C ALA B 73 1.25 -12.85 -0.22
N ASP B 74 0.41 -13.19 0.76
CA ASP B 74 -0.97 -13.68 0.50
C ASP B 74 -1.96 -12.50 0.56
N THR B 75 -3.15 -12.70 -0.01
CA THR B 75 -4.25 -11.74 0.03
C THR B 75 -5.38 -12.31 0.91
N VAL B 76 -5.45 -11.86 2.16
CA VAL B 76 -6.45 -12.28 3.16
C VAL B 76 -7.56 -11.23 3.26
N ASP B 77 -8.82 -11.66 3.15
CA ASP B 77 -10.00 -10.79 3.37
C ASP B 77 -10.72 -11.19 4.67
N LEU B 78 -10.62 -10.31 5.67
CA LEU B 78 -11.25 -10.46 6.98
C LEU B 78 -12.77 -10.21 6.95
N THR B 79 -13.25 -9.32 6.05
CA THR B 79 -14.63 -8.78 6.16
C THR B 79 -15.61 -9.56 5.26
N THR B 80 -15.19 -10.76 4.78
CA THR B 80 -15.95 -11.66 3.86
C THR B 80 -17.50 -11.56 4.00
N MET B 81 -18.00 -11.67 5.24
CA MET B 81 -19.42 -11.52 5.56
C MET B 81 -19.75 -10.03 5.81
N THR B 82 -19.80 -9.24 4.72
CA THR B 82 -20.16 -7.82 4.79
C THR B 82 -21.68 -7.68 4.98
N ALA B 83 -22.05 -7.28 6.21
CA ALA B 83 -23.46 -7.23 6.66
C ALA B 83 -23.54 -6.38 7.95
N MET A 22 2.61 -16.67 7.16
CA MET A 22 3.35 -15.61 6.42
C MET A 22 2.55 -14.31 6.43
N TYR A 23 3.24 -13.16 6.25
CA TYR A 23 2.58 -11.86 6.11
C TYR A 23 1.78 -11.78 4.80
N LYS A 24 0.79 -10.87 4.80
CA LYS A 24 -0.26 -10.83 3.78
C LYS A 24 -1.03 -9.50 3.87
N PHE A 25 -2.03 -9.36 2.98
CA PHE A 25 -2.87 -8.18 2.88
C PHE A 25 -4.24 -8.45 3.52
N GLU A 26 -4.54 -7.70 4.58
CA GLU A 26 -5.81 -7.81 5.29
C GLU A 26 -6.77 -6.75 4.73
N ILE A 27 -7.84 -7.20 4.07
CA ILE A 27 -8.85 -6.32 3.48
C ILE A 27 -10.05 -6.32 4.40
N TYR A 28 -10.39 -5.16 4.90
CA TYR A 28 -11.53 -5.00 5.78
C TYR A 28 -12.29 -3.74 5.41
N GLN A 29 -13.38 -3.49 6.13
CA GLN A 29 -14.06 -2.21 6.10
C GLN A 29 -14.10 -1.70 7.55
N ASP A 30 -14.14 -0.39 7.68
CA ASP A 30 -14.31 0.29 8.96
C ASP A 30 -15.80 0.26 9.30
N LYS A 31 -16.17 0.48 10.60
CA LYS A 31 -17.58 0.46 11.07
C LYS A 31 -18.46 1.46 10.26
N ALA A 32 -17.83 2.58 9.85
CA ALA A 32 -18.42 3.58 8.93
C ALA A 32 -18.76 3.02 7.50
N GLY A 33 -18.50 1.71 7.28
CA GLY A 33 -18.72 1.02 6.00
C GLY A 33 -17.63 1.29 4.98
N GLU A 34 -16.45 1.72 5.46
CA GLU A 34 -15.40 2.28 4.59
C GLU A 34 -14.27 1.27 4.37
N TYR A 35 -14.24 0.64 3.18
CA TYR A 35 -13.19 -0.32 2.80
C TYR A 35 -11.77 0.29 2.80
N ARG A 36 -10.84 -0.51 3.36
CA ARG A 36 -9.39 -0.26 3.37
C ARG A 36 -8.67 -1.57 3.61
N PHE A 37 -7.55 -1.76 2.91
CA PHE A 37 -6.63 -2.87 3.17
C PHE A 37 -5.35 -2.36 3.80
N ARG A 38 -4.53 -3.31 4.23
CA ARG A 38 -3.18 -3.09 4.77
C ARG A 38 -2.25 -4.26 4.45
N PHE A 39 -0.94 -4.05 4.66
CA PHE A 39 0.07 -5.11 4.51
C PHE A 39 0.74 -5.31 5.87
N LYS A 40 0.86 -6.58 6.25
CA LYS A 40 1.34 -7.00 7.56
C LYS A 40 2.80 -7.45 7.52
N ALA A 41 3.29 -7.88 8.68
CA ALA A 41 4.64 -8.44 8.85
C ALA A 41 4.52 -9.73 9.71
N SER A 42 5.54 -10.59 9.63
CA SER A 42 5.59 -11.92 10.31
C SER A 42 5.09 -11.94 11.78
N ASN A 43 5.49 -10.94 12.58
CA ASN A 43 5.17 -10.87 14.04
C ASN A 43 3.82 -10.13 14.29
N GLY A 44 3.21 -9.61 13.22
CA GLY A 44 1.90 -8.93 13.29
C GLY A 44 1.96 -7.41 13.20
N GLU A 45 3.05 -6.88 12.63
CA GLU A 45 3.21 -5.43 12.41
C GLU A 45 2.45 -4.99 11.16
N THR A 46 2.22 -3.68 11.01
CA THR A 46 1.65 -3.08 9.79
C THR A 46 2.53 -1.90 9.38
N MET A 47 2.66 -1.70 8.06
CA MET A 47 3.58 -0.69 7.48
C MET A 47 2.84 0.27 6.51
N PHE A 48 1.69 -0.17 5.95
CA PHE A 48 0.79 0.76 5.21
C PHE A 48 -0.66 0.29 5.36
N SER A 49 -1.57 1.25 5.13
CA SER A 49 -3.03 1.04 5.18
C SER A 49 -3.78 2.26 4.59
N SER A 50 -5.12 2.17 4.60
CA SER A 50 -6.07 3.33 4.57
C SER A 50 -6.54 3.69 3.16
N GLU A 51 -6.37 2.76 2.21
CA GLU A 51 -6.87 2.89 0.83
C GLU A 51 -8.17 2.07 0.64
N GLY A 52 -8.03 0.80 0.17
CA GLY A 52 -9.19 -0.06 -0.19
C GLY A 52 -9.58 0.09 -1.66
N TYR A 53 -9.16 1.23 -2.24
CA TYR A 53 -9.26 1.58 -3.67
C TYR A 53 -10.68 2.05 -4.02
N LYS A 54 -11.68 1.20 -3.76
CA LYS A 54 -13.11 1.52 -3.98
C LYS A 54 -13.99 0.58 -3.13
N ALA A 55 -13.77 -0.72 -3.33
CA ALA A 55 -14.53 -1.80 -2.67
C ALA A 55 -13.57 -2.96 -2.39
N LYS A 56 -14.07 -4.09 -1.85
CA LYS A 56 -13.19 -5.23 -1.54
C LYS A 56 -12.70 -5.87 -2.85
N ALA A 57 -13.58 -5.99 -3.87
CA ALA A 57 -13.24 -6.54 -5.19
C ALA A 57 -12.11 -5.72 -5.83
N SER A 58 -12.27 -4.40 -5.78
CA SER A 58 -11.25 -3.43 -6.25
C SER A 58 -9.99 -3.50 -5.40
N ALA A 59 -10.15 -3.91 -4.11
CA ALA A 59 -9.05 -4.05 -3.16
C ALA A 59 -8.15 -5.25 -3.53
N ILE A 60 -8.74 -6.48 -3.75
CA ILE A 60 -7.96 -7.66 -4.21
C ILE A 60 -7.18 -7.31 -5.51
N HIS A 61 -7.93 -6.78 -6.52
CA HIS A 61 -7.35 -6.44 -7.86
C HIS A 61 -6.19 -5.44 -7.75
N ALA A 62 -6.36 -4.45 -6.85
CA ALA A 62 -5.29 -3.51 -6.51
C ALA A 62 -4.07 -4.29 -6.00
N ILE A 63 -4.28 -5.09 -4.96
CA ILE A 63 -3.23 -5.92 -4.36
C ILE A 63 -2.58 -6.90 -5.39
N GLU A 64 -3.30 -7.24 -6.46
CA GLU A 64 -2.77 -8.14 -7.50
C GLU A 64 -1.68 -7.42 -8.31
N SER A 65 -1.74 -6.07 -8.37
CA SER A 65 -0.61 -5.23 -8.84
C SER A 65 0.67 -5.53 -8.04
N ILE A 66 0.51 -5.76 -6.73
CA ILE A 66 1.64 -5.98 -5.85
C ILE A 66 2.31 -7.33 -6.19
N LYS A 67 1.46 -8.34 -6.49
CA LYS A 67 1.89 -9.71 -6.86
C LYS A 67 2.56 -9.78 -8.23
N ARG A 68 2.36 -8.71 -9.01
CA ARG A 68 2.96 -8.58 -10.37
C ARG A 68 4.50 -8.54 -10.28
N ASN A 69 5.03 -7.52 -9.58
CA ASN A 69 6.49 -7.26 -9.53
C ASN A 69 6.83 -6.14 -8.53
N SER A 70 5.92 -5.86 -7.58
CA SER A 70 6.11 -4.75 -6.61
C SER A 70 7.29 -4.98 -5.67
N ALA A 71 7.58 -6.26 -5.34
CA ALA A 71 8.80 -6.63 -4.60
C ALA A 71 10.08 -6.28 -5.40
N GLY A 72 9.95 -6.25 -6.74
CA GLY A 72 11.03 -5.86 -7.63
C GLY A 72 10.90 -4.42 -8.15
N ALA A 73 9.83 -3.71 -7.72
CA ALA A 73 9.62 -2.29 -8.07
C ALA A 73 10.63 -1.39 -7.33
N ASP A 74 10.73 -0.12 -7.76
CA ASP A 74 11.64 0.87 -7.15
C ASP A 74 10.87 1.74 -6.13
N THR A 75 11.61 2.43 -5.26
CA THR A 75 11.06 3.38 -4.28
C THR A 75 11.57 4.80 -4.61
N VAL A 76 10.73 5.60 -5.28
CA VAL A 76 11.06 6.98 -5.70
C VAL A 76 10.33 7.99 -4.82
N ASP A 77 11.08 8.93 -4.22
CA ASP A 77 10.53 10.02 -3.40
C ASP A 77 10.44 11.31 -4.22
N LEU A 78 9.21 11.70 -4.57
CA LEU A 78 8.89 12.96 -5.29
C LEU A 78 9.03 14.19 -4.37
N THR A 79 9.05 13.93 -3.04
CA THR A 79 9.13 14.95 -1.99
C THR A 79 10.60 15.10 -1.51
N THR A 80 11.56 14.89 -2.46
CA THR A 80 13.02 15.16 -2.26
C THR A 80 13.31 16.35 -1.32
N MET A 81 12.66 17.50 -1.60
CA MET A 81 12.59 18.63 -0.65
C MET A 81 11.57 18.27 0.44
N THR A 82 12.08 17.90 1.62
CA THR A 82 11.26 17.41 2.74
C THR A 82 10.76 18.58 3.60
N ALA A 83 9.48 18.49 4.03
CA ALA A 83 8.88 19.42 4.99
C ALA A 83 8.26 18.59 6.14
N MET B 22 9.36 2.11 -15.50
CA MET B 22 8.75 0.97 -14.76
C MET B 22 7.73 1.50 -13.74
N TYR B 23 6.86 0.62 -13.23
CA TYR B 23 6.05 0.92 -12.05
C TYR B 23 6.90 0.86 -10.77
N LYS B 24 6.53 1.73 -9.82
CA LYS B 24 7.32 2.05 -8.63
C LYS B 24 6.43 2.77 -7.60
N PHE B 25 7.03 3.12 -6.46
CA PHE B 25 6.36 3.78 -5.37
C PHE B 25 6.73 5.26 -5.33
N GLU B 26 5.73 6.12 -5.52
CA GLU B 26 5.89 7.57 -5.51
C GLU B 26 5.57 8.08 -4.10
N ILE B 27 6.59 8.60 -3.40
CA ILE B 27 6.47 9.14 -2.04
C ILE B 27 6.44 10.64 -2.16
N TYR B 28 5.37 11.22 -1.71
CA TYR B 28 5.18 12.66 -1.73
C TYR B 28 4.57 13.11 -0.40
N GLN B 29 4.39 14.41 -0.27
CA GLN B 29 3.51 14.99 0.75
C GLN B 29 2.45 15.82 0.03
N ASP B 30 1.32 15.97 0.69
CA ASP B 30 0.24 16.84 0.24
C ASP B 30 0.59 18.27 0.66
N LYS B 31 -0.05 19.29 0.04
CA LYS B 31 0.19 20.74 0.34
C LYS B 31 0.01 21.01 1.86
N ALA B 32 -0.95 20.30 2.47
CA ALA B 32 -1.18 20.30 3.94
C ALA B 32 0.05 19.79 4.78
N GLY B 33 1.17 19.41 4.10
CA GLY B 33 2.39 18.89 4.72
C GLY B 33 2.27 17.42 5.10
N GLU B 34 1.32 16.71 4.45
CA GLU B 34 0.90 15.36 4.90
C GLU B 34 1.48 14.28 3.98
N TYR B 35 2.53 13.58 4.44
CA TYR B 35 3.16 12.48 3.70
C TYR B 35 2.21 11.30 3.41
N ARG B 36 2.30 10.83 2.16
CA ARG B 36 1.61 9.64 1.63
C ARG B 36 2.40 9.13 0.43
N PHE B 37 2.51 7.80 0.29
CA PHE B 37 3.03 7.17 -0.92
C PHE B 37 1.90 6.46 -1.67
N ARG B 38 2.24 5.99 -2.86
CA ARG B 38 1.36 5.18 -3.71
C ARG B 38 2.19 4.21 -4.56
N PHE B 39 1.51 3.24 -5.18
CA PHE B 39 2.13 2.30 -6.14
C PHE B 39 1.46 2.48 -7.50
N LYS B 40 2.31 2.58 -8.52
CA LYS B 40 1.91 2.89 -9.89
C LYS B 40 1.84 1.63 -10.76
N ALA B 41 1.51 1.87 -12.04
CA ALA B 41 1.47 0.83 -13.09
C ALA B 41 2.19 1.37 -14.33
N SER B 42 2.62 0.46 -15.22
CA SER B 42 3.41 0.75 -16.45
C SER B 42 2.92 1.99 -17.26
N ASN B 43 1.59 2.13 -17.44
CA ASN B 43 1.01 3.20 -18.29
C ASN B 43 0.69 4.47 -17.46
N GLY B 44 0.92 4.41 -16.13
CA GLY B 44 0.75 5.56 -15.22
C GLY B 44 -0.48 5.48 -14.34
N GLU B 45 -1.02 4.27 -14.14
CA GLU B 45 -2.20 4.04 -13.25
C GLU B 45 -1.74 4.00 -11.78
N THR B 46 -2.69 4.13 -10.86
CA THR B 46 -2.46 3.95 -9.41
C THR B 46 -3.54 3.01 -8.86
N MET B 47 -3.15 2.17 -7.89
CA MET B 47 -4.02 1.11 -7.34
C MET B 47 -4.12 1.19 -5.80
N PHE B 48 -3.15 1.83 -5.13
CA PHE B 48 -3.27 2.20 -3.72
C PHE B 48 -2.48 3.46 -3.40
N SER B 49 -2.90 4.12 -2.30
CA SER B 49 -2.28 5.37 -1.80
C SER B 49 -2.81 5.69 -0.38
N SER B 50 -2.31 6.80 0.19
CA SER B 50 -2.96 7.60 1.27
C SER B 50 -2.48 7.22 2.68
N GLU B 51 -1.33 6.57 2.76
CA GLU B 51 -0.66 6.20 4.02
C GLU B 51 0.55 7.16 4.28
N GLY B 52 1.76 6.76 3.86
CA GLY B 52 3.01 7.49 4.12
C GLY B 52 3.67 7.03 5.42
N TYR B 53 2.85 6.37 6.27
CA TYR B 53 3.24 5.67 7.51
C TYR B 53 3.46 6.67 8.67
N LYS B 54 4.37 7.63 8.46
CA LYS B 54 4.67 8.71 9.43
C LYS B 54 5.35 9.89 8.71
N ALA B 55 6.44 9.57 8.02
CA ALA B 55 7.30 10.55 7.32
C ALA B 55 7.82 9.88 6.05
N LYS B 56 8.68 10.57 5.27
CA LYS B 56 9.22 9.98 4.03
C LYS B 56 10.19 8.84 4.36
N ALA B 57 11.02 9.01 5.40
CA ALA B 57 11.98 7.98 5.87
C ALA B 57 11.22 6.70 6.27
N SER B 58 10.13 6.89 7.03
CA SER B 58 9.23 5.79 7.44
C SER B 58 8.49 5.21 6.22
N ALA B 59 8.30 6.05 5.18
CA ALA B 59 7.64 5.66 3.94
C ALA B 59 8.51 4.68 3.13
N ILE B 60 9.82 5.02 2.88
CA ILE B 60 10.77 4.10 2.19
C ILE B 60 10.82 2.75 2.94
N HIS B 61 11.05 2.81 4.27
CA HIS B 61 11.22 1.61 5.14
C HIS B 61 9.96 0.71 5.08
N ALA B 62 8.78 1.36 5.08
CA ALA B 62 7.50 0.69 4.89
C ALA B 62 7.52 -0.06 3.56
N ILE B 63 7.79 0.67 2.48
CA ILE B 63 7.87 0.12 1.11
C ILE B 63 8.94 -1.01 1.01
N GLU B 64 9.93 -1.02 1.89
CA GLU B 64 10.98 -2.05 1.90
C GLU B 64 10.40 -3.40 2.36
N SER B 65 9.31 -3.34 3.19
CA SER B 65 8.46 -4.53 3.45
C SER B 65 7.94 -5.16 2.16
N ILE B 66 7.61 -4.31 1.18
CA ILE B 66 7.02 -4.78 -0.07
C ILE B 66 8.09 -5.53 -0.88
N LYS B 67 9.34 -5.01 -0.84
CA LYS B 67 10.52 -5.61 -1.55
C LYS B 67 10.97 -6.92 -0.92
N ARG B 68 10.50 -7.17 0.31
CA ARG B 68 10.81 -8.42 1.05
C ARG B 68 10.24 -9.66 0.32
N ASN B 69 8.91 -9.68 0.15
CA ASN B 69 8.20 -10.88 -0.40
C ASN B 69 6.70 -10.57 -0.65
N SER B 70 6.34 -9.29 -0.73
CA SER B 70 4.92 -8.88 -0.87
C SER B 70 4.31 -9.35 -2.20
N ALA B 71 5.12 -9.43 -3.26
CA ALA B 71 4.72 -10.05 -4.53
C ALA B 71 4.37 -11.54 -4.36
N GLY B 72 5.00 -12.19 -3.36
CA GLY B 72 4.72 -13.57 -3.00
C GLY B 72 3.81 -13.71 -1.79
N ALA B 73 3.36 -12.57 -1.21
CA ALA B 73 2.40 -12.55 -0.08
C ALA B 73 0.99 -12.96 -0.55
N ASP B 74 0.11 -13.26 0.41
CA ASP B 74 -1.28 -13.66 0.11
C ASP B 74 -2.22 -12.44 0.22
N THR B 75 -3.43 -12.57 -0.34
CA THR B 75 -4.49 -11.55 -0.25
C THR B 75 -5.69 -12.13 0.54
N VAL B 76 -5.78 -11.77 1.83
CA VAL B 76 -6.84 -12.26 2.74
C VAL B 76 -7.85 -11.14 3.01
N ASP B 77 -9.14 -11.42 2.77
CA ASP B 77 -10.24 -10.48 3.04
C ASP B 77 -10.92 -10.83 4.38
N LEU B 78 -10.71 -9.98 5.39
CA LEU B 78 -11.32 -10.12 6.73
C LEU B 78 -12.82 -9.71 6.75
N THR B 79 -13.26 -8.90 5.76
CA THR B 79 -14.61 -8.31 5.79
C THR B 79 -15.65 -9.20 5.04
N THR B 80 -15.27 -10.47 4.79
CA THR B 80 -16.21 -11.53 4.37
C THR B 80 -16.76 -12.22 5.65
N MET B 81 -15.96 -12.11 6.73
CA MET B 81 -16.32 -12.60 8.07
C MET B 81 -16.59 -11.39 8.99
N THR B 82 -16.92 -11.69 10.25
CA THR B 82 -17.07 -10.68 11.31
C THR B 82 -15.80 -10.63 12.18
N ALA B 83 -15.29 -11.81 12.55
CA ALA B 83 -14.09 -11.96 13.39
C ALA B 83 -13.57 -13.42 13.29
N MET A 22 3.13 -15.57 7.82
CA MET A 22 3.77 -14.70 6.79
C MET A 22 2.96 -13.41 6.62
N TYR A 23 3.62 -12.34 6.16
CA TYR A 23 2.96 -11.08 5.77
C TYR A 23 2.02 -11.30 4.57
N LYS A 24 0.96 -10.50 4.55
CA LYS A 24 -0.16 -10.65 3.60
C LYS A 24 -1.01 -9.38 3.61
N PHE A 25 -2.00 -9.36 2.70
CA PHE A 25 -2.91 -8.23 2.50
C PHE A 25 -4.23 -8.52 3.21
N GLU A 26 -4.46 -7.80 4.31
CA GLU A 26 -5.68 -7.95 5.10
C GLU A 26 -6.71 -6.94 4.63
N ILE A 27 -7.79 -7.44 3.98
CA ILE A 27 -8.84 -6.63 3.39
C ILE A 27 -10.03 -6.64 4.32
N TYR A 28 -10.39 -5.47 4.80
CA TYR A 28 -11.53 -5.31 5.70
C TYR A 28 -12.31 -4.06 5.29
N GLN A 29 -13.35 -3.76 6.05
CA GLN A 29 -14.04 -2.47 6.00
C GLN A 29 -14.11 -1.90 7.42
N ASP A 30 -14.24 -0.57 7.49
CA ASP A 30 -14.43 0.15 8.74
C ASP A 30 -15.93 0.15 9.07
N LYS A 31 -16.27 0.43 10.36
CA LYS A 31 -17.67 0.56 10.86
C LYS A 31 -18.54 1.49 9.97
N ALA A 32 -17.89 2.54 9.42
CA ALA A 32 -18.50 3.50 8.47
C ALA A 32 -18.71 2.87 7.05
N GLY A 33 -18.51 1.56 6.94
CA GLY A 33 -18.63 0.79 5.71
C GLY A 33 -17.46 1.01 4.77
N GLU A 34 -16.34 1.55 5.30
CA GLU A 34 -15.24 2.06 4.46
C GLU A 34 -14.22 0.95 4.18
N TYR A 35 -14.35 0.30 3.00
CA TYR A 35 -13.38 -0.72 2.55
C TYR A 35 -11.95 -0.16 2.51
N ARG A 36 -11.13 -0.74 3.40
CA ARG A 36 -9.72 -0.39 3.61
C ARG A 36 -8.95 -1.70 3.74
N PHE A 37 -7.79 -1.79 3.09
CA PHE A 37 -6.89 -2.93 3.28
C PHE A 37 -5.53 -2.43 3.72
N ARG A 38 -4.71 -3.39 4.12
CA ARG A 38 -3.34 -3.16 4.60
C ARG A 38 -2.39 -4.24 4.10
N PHE A 39 -1.09 -4.03 4.37
CA PHE A 39 -0.06 -5.06 4.21
C PHE A 39 0.70 -5.16 5.53
N LYS A 40 1.01 -6.39 5.89
CA LYS A 40 1.66 -6.71 7.16
C LYS A 40 3.18 -6.89 6.98
N ALA A 41 3.84 -7.24 8.08
CA ALA A 41 5.25 -7.60 8.14
C ALA A 41 5.37 -8.97 8.83
N SER A 42 6.49 -9.66 8.62
CA SER A 42 6.81 -10.97 9.24
C SER A 42 6.62 -10.99 10.79
N ASN A 43 6.80 -9.83 11.43
CA ASN A 43 6.69 -9.68 12.91
C ASN A 43 5.24 -9.34 13.34
N GLY A 44 4.30 -9.39 12.38
CA GLY A 44 2.89 -9.04 12.63
C GLY A 44 2.65 -7.55 12.71
N GLU A 45 3.44 -6.78 11.94
CA GLU A 45 3.41 -5.30 11.98
C GLU A 45 2.75 -4.75 10.71
N THR A 46 1.70 -3.91 10.84
CA THR A 46 1.14 -3.18 9.69
C THR A 46 2.03 -1.98 9.35
N MET A 47 2.32 -1.83 8.06
CA MET A 47 3.26 -0.82 7.56
C MET A 47 2.56 0.21 6.65
N PHE A 48 1.36 -0.13 6.13
CA PHE A 48 0.41 0.86 5.56
C PHE A 48 -1.00 0.28 5.42
N SER A 49 -1.95 1.19 5.14
CA SER A 49 -3.38 0.88 5.16
C SER A 49 -4.22 2.08 4.71
N SER A 50 -5.57 1.89 4.77
CA SER A 50 -6.55 3.00 4.89
C SER A 50 -7.09 3.45 3.52
N GLU A 51 -6.51 2.93 2.43
CA GLU A 51 -6.98 3.25 1.08
C GLU A 51 -8.23 2.39 0.74
N GLY A 52 -8.01 1.18 0.18
CA GLY A 52 -9.12 0.31 -0.26
C GLY A 52 -9.47 0.51 -1.74
N TYR A 53 -8.99 1.65 -2.29
CA TYR A 53 -9.12 2.05 -3.71
C TYR A 53 -10.54 2.55 -4.03
N LYS A 54 -11.53 1.64 -3.94
CA LYS A 54 -12.95 1.94 -4.28
C LYS A 54 -13.88 1.05 -3.43
N ALA A 55 -13.70 -0.27 -3.57
CA ALA A 55 -14.48 -1.30 -2.84
C ALA A 55 -13.56 -2.51 -2.60
N LYS A 56 -14.06 -3.62 -2.00
CA LYS A 56 -13.20 -4.78 -1.67
C LYS A 56 -12.75 -5.52 -2.96
N ALA A 57 -13.67 -5.70 -3.93
CA ALA A 57 -13.34 -6.33 -5.23
C ALA A 57 -12.23 -5.53 -5.95
N SER A 58 -12.41 -4.19 -5.97
CA SER A 58 -11.43 -3.25 -6.54
C SER A 58 -10.13 -3.22 -5.70
N ALA A 59 -10.25 -3.60 -4.41
CA ALA A 59 -9.11 -3.72 -3.48
C ALA A 59 -8.23 -4.90 -3.88
N ILE A 60 -8.82 -6.08 -4.24
CA ILE A 60 -8.06 -7.22 -4.79
C ILE A 60 -7.28 -6.77 -6.05
N HIS A 61 -7.96 -6.07 -6.99
CA HIS A 61 -7.34 -5.60 -8.26
C HIS A 61 -6.10 -4.72 -7.99
N ALA A 62 -6.23 -3.85 -6.98
CA ALA A 62 -5.10 -3.06 -6.47
C ALA A 62 -3.97 -3.99 -6.03
N ILE A 63 -4.28 -4.92 -5.13
CA ILE A 63 -3.32 -5.91 -4.61
C ILE A 63 -2.70 -6.78 -5.74
N GLU A 64 -3.45 -6.96 -6.84
CA GLU A 64 -2.97 -7.75 -7.99
C GLU A 64 -1.79 -7.05 -8.68
N SER A 65 -1.75 -5.70 -8.61
CA SER A 65 -0.56 -4.92 -9.01
C SER A 65 0.69 -5.34 -8.23
N ILE A 66 0.49 -5.60 -6.92
CA ILE A 66 1.61 -5.89 -6.02
C ILE A 66 2.20 -7.24 -6.39
N LYS A 67 1.30 -8.22 -6.61
CA LYS A 67 1.66 -9.62 -6.90
C LYS A 67 2.54 -9.79 -8.14
N ARG A 68 2.47 -8.82 -9.02
CA ARG A 68 3.16 -8.85 -10.32
C ARG A 68 4.70 -8.82 -10.15
N ASN A 69 5.22 -7.80 -9.44
CA ASN A 69 6.68 -7.50 -9.40
C ASN A 69 6.99 -6.33 -8.43
N SER A 70 6.07 -6.03 -7.51
CA SER A 70 6.22 -4.89 -6.57
C SER A 70 7.42 -5.08 -5.61
N ALA A 71 7.70 -6.34 -5.23
CA ALA A 71 8.91 -6.70 -4.47
C ALA A 71 10.21 -6.37 -5.27
N GLY A 72 10.10 -6.36 -6.61
CA GLY A 72 11.20 -5.94 -7.49
C GLY A 72 11.06 -4.51 -8.05
N ALA A 73 9.95 -3.81 -7.70
CA ALA A 73 9.71 -2.40 -8.12
C ALA A 73 10.73 -1.43 -7.51
N ASP A 74 10.74 -0.16 -7.97
CA ASP A 74 11.67 0.87 -7.45
C ASP A 74 10.97 1.74 -6.38
N THR A 75 11.76 2.42 -5.54
CA THR A 75 11.26 3.35 -4.53
C THR A 75 11.72 4.79 -4.87
N VAL A 76 10.80 5.56 -5.49
CA VAL A 76 11.07 6.93 -5.98
C VAL A 76 10.49 7.96 -4.98
N ASP A 77 11.31 8.98 -4.61
CA ASP A 77 10.86 10.09 -3.72
C ASP A 77 10.75 11.40 -4.54
N LEU A 78 9.51 11.87 -4.73
CA LEU A 78 9.17 13.07 -5.51
C LEU A 78 9.16 14.35 -4.65
N THR A 79 9.10 14.22 -3.31
CA THR A 79 8.88 15.38 -2.42
C THR A 79 10.19 15.92 -1.84
N THR A 80 11.31 15.24 -2.19
CA THR A 80 12.64 15.35 -1.57
C THR A 80 12.91 16.74 -0.92
N MET A 81 12.45 16.85 0.34
CA MET A 81 12.26 18.12 1.04
C MET A 81 13.59 18.62 1.63
N THR A 82 14.35 19.31 0.77
CA THR A 82 15.66 19.90 1.09
C THR A 82 15.84 21.23 0.31
N ALA A 83 15.07 21.40 -0.78
CA ALA A 83 15.21 22.55 -1.70
C ALA A 83 13.81 23.19 -1.95
N MET B 22 8.15 2.01 -15.48
CA MET B 22 7.85 0.82 -14.66
C MET B 22 6.98 1.24 -13.47
N TYR B 23 6.20 0.29 -12.93
CA TYR B 23 5.52 0.47 -11.63
C TYR B 23 6.55 0.57 -10.49
N LYS B 24 6.29 1.50 -9.57
CA LYS B 24 7.20 1.90 -8.51
C LYS B 24 6.41 2.65 -7.41
N PHE B 25 7.12 2.98 -6.33
CA PHE B 25 6.57 3.64 -5.15
C PHE B 25 6.90 5.13 -5.20
N GLU B 26 5.88 5.94 -5.47
CA GLU B 26 6.04 7.38 -5.57
C GLU B 26 5.74 8.01 -4.21
N ILE B 27 6.79 8.53 -3.55
CA ILE B 27 6.71 9.09 -2.20
C ILE B 27 6.67 10.61 -2.32
N TYR B 28 5.60 11.19 -1.86
CA TYR B 28 5.42 12.63 -1.88
C TYR B 28 4.81 13.10 -0.55
N GLN B 29 4.55 14.38 -0.45
CA GLN B 29 3.71 14.96 0.61
C GLN B 29 2.61 15.81 -0.02
N ASP B 30 1.53 15.97 0.72
CA ASP B 30 0.42 16.84 0.32
C ASP B 30 0.75 18.27 0.77
N LYS B 31 0.05 19.27 0.19
CA LYS B 31 0.17 20.71 0.52
C LYS B 31 0.06 20.95 2.05
N ALA B 32 -0.79 20.15 2.71
CA ALA B 32 -0.95 20.14 4.20
C ALA B 32 0.29 19.53 4.94
N GLY B 33 1.37 19.28 4.19
CA GLY B 33 2.61 18.68 4.68
C GLY B 33 2.49 17.19 4.95
N GLU B 34 1.43 16.57 4.38
CA GLU B 34 1.02 15.19 4.74
C GLU B 34 1.75 14.16 3.86
N TYR B 35 2.88 13.61 4.39
CA TYR B 35 3.62 12.53 3.71
C TYR B 35 2.72 11.32 3.39
N ARG B 36 2.53 11.12 2.08
CA ARG B 36 1.71 10.07 1.49
C ARG B 36 2.47 9.47 0.32
N PHE B 37 2.49 8.15 0.21
CA PHE B 37 3.05 7.48 -0.96
C PHE B 37 2.01 6.59 -1.61
N ARG B 38 2.37 6.11 -2.79
CA ARG B 38 1.52 5.25 -3.61
C ARG B 38 2.35 4.16 -4.30
N PHE B 39 1.64 3.23 -4.95
CA PHE B 39 2.24 2.26 -5.88
C PHE B 39 1.49 2.37 -7.19
N LYS B 40 2.23 2.28 -8.27
CA LYS B 40 1.73 2.43 -9.63
C LYS B 40 1.48 1.06 -10.28
N ALA B 41 1.06 1.12 -11.55
CA ALA B 41 0.89 -0.04 -12.42
C ALA B 41 1.67 0.23 -13.72
N SER B 42 2.00 -0.85 -14.46
CA SER B 42 2.70 -0.79 -15.77
C SER B 42 2.07 0.21 -16.78
N ASN B 43 0.74 0.44 -16.68
CA ASN B 43 -0.02 1.34 -17.57
C ASN B 43 -0.02 2.80 -17.03
N GLY B 44 0.74 3.05 -15.95
CA GLY B 44 0.81 4.37 -15.30
C GLY B 44 -0.40 4.65 -14.43
N GLU B 45 -0.94 3.59 -13.80
CA GLU B 45 -2.18 3.67 -13.01
C GLU B 45 -1.86 3.52 -11.52
N THR B 46 -2.28 4.48 -10.67
CA THR B 46 -2.18 4.32 -9.21
C THR B 46 -3.32 3.41 -8.72
N MET B 47 -2.96 2.47 -7.86
CA MET B 47 -3.87 1.42 -7.37
C MET B 47 -4.09 1.53 -5.84
N PHE B 48 -3.18 2.22 -5.14
CA PHE B 48 -3.45 2.71 -3.76
C PHE B 48 -2.46 3.80 -3.35
N SER B 49 -2.79 4.48 -2.23
CA SER B 49 -2.08 5.67 -1.76
C SER B 49 -2.61 6.14 -0.39
N SER B 50 -2.07 7.28 0.06
CA SER B 50 -2.71 8.20 1.05
C SER B 50 -2.31 7.90 2.50
N GLU B 51 -1.54 6.84 2.70
CA GLU B 51 -1.04 6.44 4.03
C GLU B 51 0.21 7.29 4.38
N GLY B 52 1.40 6.79 4.00
CA GLY B 52 2.67 7.46 4.31
C GLY B 52 3.30 6.93 5.62
N TYR B 53 2.44 6.23 6.42
CA TYR B 53 2.79 5.56 7.69
C TYR B 53 2.97 6.59 8.84
N LYS B 54 4.00 7.44 8.72
CA LYS B 54 4.36 8.44 9.75
C LYS B 54 5.01 9.67 9.09
N ALA B 55 6.12 9.43 8.38
CA ALA B 55 6.89 10.46 7.64
C ALA B 55 7.49 9.81 6.39
N LYS B 56 8.31 10.53 5.59
CA LYS B 56 8.86 9.99 4.33
C LYS B 56 9.91 8.88 4.62
N ALA B 57 10.79 9.10 5.61
CA ALA B 57 11.79 8.09 6.02
C ALA B 57 11.11 6.79 6.47
N SER B 58 10.07 6.95 7.32
CA SER B 58 9.22 5.83 7.78
C SER B 58 8.41 5.22 6.62
N ALA B 59 8.18 6.03 5.57
CA ALA B 59 7.49 5.59 4.34
C ALA B 59 8.37 4.61 3.56
N ILE B 60 9.70 4.89 3.43
CA ILE B 60 10.66 3.92 2.84
C ILE B 60 10.62 2.58 3.62
N HIS B 61 10.68 2.65 4.97
CA HIS B 61 10.67 1.44 5.84
C HIS B 61 9.41 0.57 5.58
N ALA B 62 8.27 1.25 5.41
CA ALA B 62 7.02 0.61 4.98
C ALA B 62 7.24 -0.11 3.64
N ILE B 63 7.70 0.63 2.64
CA ILE B 63 7.99 0.10 1.29
C ILE B 63 9.02 -1.05 1.32
N GLU B 64 9.91 -1.05 2.33
CA GLU B 64 10.94 -2.09 2.49
C GLU B 64 10.29 -3.45 2.82
N SER B 65 9.12 -3.41 3.50
CA SER B 65 8.28 -4.62 3.68
C SER B 65 7.87 -5.24 2.34
N ILE B 66 7.55 -4.36 1.37
CA ILE B 66 7.03 -4.79 0.07
C ILE B 66 8.14 -5.51 -0.70
N LYS B 67 9.34 -4.91 -0.66
CA LYS B 67 10.52 -5.38 -1.41
C LYS B 67 10.95 -6.80 -1.03
N ARG B 68 10.56 -7.22 0.17
CA ARG B 68 10.95 -8.52 0.75
C ARG B 68 10.37 -9.71 -0.07
N ASN B 69 9.03 -9.72 -0.23
CA ASN B 69 8.29 -10.91 -0.75
C ASN B 69 6.79 -10.61 -0.93
N SER B 70 6.41 -9.33 -0.99
CA SER B 70 4.99 -8.93 -1.08
C SER B 70 4.33 -9.39 -2.39
N ALA B 71 5.12 -9.44 -3.48
CA ALA B 71 4.68 -10.03 -4.76
C ALA B 71 4.37 -11.53 -4.62
N GLY B 72 4.99 -12.19 -3.61
CA GLY B 72 4.71 -13.59 -3.25
C GLY B 72 3.81 -13.76 -2.01
N ALA B 73 3.41 -12.63 -1.38
CA ALA B 73 2.51 -12.64 -0.18
C ALA B 73 1.09 -13.14 -0.54
N ASP B 74 0.25 -13.37 0.47
CA ASP B 74 -1.15 -13.84 0.26
C ASP B 74 -2.12 -12.66 0.31
N THR B 75 -3.32 -12.84 -0.25
CA THR B 75 -4.41 -11.84 -0.20
C THR B 75 -5.59 -12.39 0.61
N VAL B 76 -5.66 -11.96 1.89
CA VAL B 76 -6.67 -12.42 2.87
C VAL B 76 -7.80 -11.36 3.00
N ASP B 77 -9.07 -11.82 2.94
CA ASP B 77 -10.27 -10.95 3.12
C ASP B 77 -10.95 -11.27 4.47
N LEU B 78 -10.85 -10.33 5.42
CA LEU B 78 -11.39 -10.45 6.79
C LEU B 78 -12.84 -9.94 6.90
N THR B 79 -13.29 -9.14 5.91
CA THR B 79 -14.60 -8.46 5.98
C THR B 79 -15.77 -9.42 5.58
N THR B 80 -15.50 -10.74 5.59
CA THR B 80 -16.54 -11.78 5.50
C THR B 80 -17.26 -11.87 6.87
N MET B 81 -16.47 -11.68 7.96
CA MET B 81 -16.97 -11.66 9.33
C MET B 81 -17.20 -10.19 9.76
N THR B 82 -18.46 -9.73 9.62
CA THR B 82 -18.92 -8.38 10.03
C THR B 82 -20.28 -8.50 10.75
N ALA B 83 -20.30 -8.10 12.02
CA ALA B 83 -21.50 -8.19 12.88
C ALA B 83 -21.53 -6.96 13.81
N MET A 22 4.28 -16.23 7.72
CA MET A 22 4.67 -15.09 6.85
C MET A 22 3.61 -13.99 6.90
N TYR A 23 4.05 -12.74 6.64
CA TYR A 23 3.15 -11.58 6.51
C TYR A 23 2.26 -11.67 5.24
N LYS A 24 1.23 -10.80 5.22
CA LYS A 24 0.12 -10.88 4.24
C LYS A 24 -0.65 -9.54 4.18
N PHE A 25 -1.67 -9.51 3.32
CA PHE A 25 -2.56 -8.36 3.14
C PHE A 25 -3.86 -8.61 3.90
N GLU A 26 -4.22 -7.67 4.78
CA GLU A 26 -5.47 -7.76 5.55
C GLU A 26 -6.54 -6.85 4.95
N ILE A 27 -7.53 -7.45 4.25
CA ILE A 27 -8.58 -6.72 3.53
C ILE A 27 -9.80 -6.62 4.42
N TYR A 28 -10.29 -5.41 4.62
CA TYR A 28 -11.48 -5.18 5.43
C TYR A 28 -12.16 -3.90 5.00
N GLN A 29 -13.19 -3.53 5.74
CA GLN A 29 -13.77 -2.17 5.69
C GLN A 29 -13.81 -1.61 7.11
N ASP A 30 -13.99 -0.30 7.20
CA ASP A 30 -14.18 0.37 8.49
C ASP A 30 -15.61 0.92 8.56
N LYS A 31 -15.97 1.51 9.73
CA LYS A 31 -17.32 2.00 10.10
C LYS A 31 -18.09 2.69 8.95
N ALA A 32 -17.37 3.48 8.12
CA ALA A 32 -17.97 4.22 6.98
C ALA A 32 -18.28 3.31 5.76
N GLY A 33 -18.15 1.97 5.93
CA GLY A 33 -18.29 0.98 4.86
C GLY A 33 -17.20 1.12 3.82
N GLU A 34 -16.05 1.68 4.24
CA GLU A 34 -14.97 2.03 3.30
C GLU A 34 -13.92 0.92 3.32
N TYR A 35 -13.64 0.36 2.13
CA TYR A 35 -12.76 -0.81 2.03
C TYR A 35 -11.30 -0.33 2.02
N ARG A 36 -10.51 -0.93 2.91
CA ARG A 36 -9.08 -0.70 3.04
C ARG A 36 -8.40 -2.01 3.35
N PHE A 37 -7.26 -2.26 2.70
CA PHE A 37 -6.38 -3.37 3.05
C PHE A 37 -5.12 -2.83 3.74
N ARG A 38 -4.44 -3.74 4.45
CA ARG A 38 -3.14 -3.52 5.10
C ARG A 38 -2.10 -4.38 4.39
N PHE A 39 -0.84 -4.09 4.63
CA PHE A 39 0.25 -5.05 4.47
C PHE A 39 0.99 -5.10 5.80
N LYS A 40 1.13 -6.31 6.31
CA LYS A 40 1.64 -6.58 7.64
C LYS A 40 3.13 -6.95 7.60
N ALA A 41 3.68 -7.22 8.79
CA ALA A 41 5.06 -7.64 9.00
C ALA A 41 5.07 -8.90 9.88
N SER A 42 6.17 -9.66 9.81
CA SER A 42 6.39 -10.91 10.58
C SER A 42 6.04 -10.81 12.09
N ASN A 43 6.36 -9.65 12.73
CA ASN A 43 6.14 -9.44 14.18
C ASN A 43 4.72 -8.86 14.47
N GLY A 44 3.92 -8.67 13.40
CA GLY A 44 2.55 -8.16 13.50
C GLY A 44 2.44 -6.64 13.42
N GLU A 45 3.45 -6.01 12.80
CA GLU A 45 3.42 -4.56 12.50
C GLU A 45 2.66 -4.32 11.20
N THR A 46 2.09 -3.12 11.05
CA THR A 46 1.54 -2.65 9.77
C THR A 46 2.44 -1.52 9.26
N MET A 47 2.70 -1.54 7.95
CA MET A 47 3.62 -0.59 7.30
C MET A 47 2.88 0.31 6.30
N PHE A 48 1.81 -0.23 5.67
CA PHE A 48 0.84 0.60 4.94
C PHE A 48 -0.56 0.01 5.13
N SER A 49 -1.54 0.89 4.88
CA SER A 49 -2.96 0.57 4.91
C SER A 49 -3.76 1.75 4.36
N SER A 50 -5.08 1.60 4.37
CA SER A 50 -6.02 2.74 4.38
C SER A 50 -5.99 3.52 3.06
N GLU A 51 -5.88 2.78 1.95
CA GLU A 51 -5.89 3.37 0.61
C GLU A 51 -7.29 3.85 0.23
N GLY A 52 -8.34 3.13 0.72
CA GLY A 52 -9.72 3.53 0.51
C GLY A 52 -10.09 3.47 -0.96
N TYR A 53 -9.82 2.31 -1.60
CA TYR A 53 -9.76 2.21 -3.06
C TYR A 53 -11.17 2.34 -3.67
N LYS A 54 -12.06 1.37 -3.40
CA LYS A 54 -13.46 1.42 -3.86
C LYS A 54 -14.30 0.34 -3.15
N ALA A 55 -14.06 -0.92 -3.51
CA ALA A 55 -14.87 -2.08 -3.07
C ALA A 55 -13.94 -3.27 -2.77
N LYS A 56 -14.50 -4.43 -2.34
CA LYS A 56 -13.71 -5.63 -2.04
C LYS A 56 -13.04 -6.19 -3.31
N ALA A 57 -13.84 -6.38 -4.38
CA ALA A 57 -13.34 -6.88 -5.68
C ALA A 57 -12.25 -5.98 -6.24
N SER A 58 -12.45 -4.66 -6.09
CA SER A 58 -11.49 -3.63 -6.49
C SER A 58 -10.21 -3.71 -5.64
N ALA A 59 -10.37 -4.06 -4.34
CA ALA A 59 -9.28 -4.16 -3.37
C ALA A 59 -8.32 -5.30 -3.75
N ILE A 60 -8.88 -6.49 -4.07
CA ILE A 60 -8.10 -7.64 -4.58
C ILE A 60 -7.31 -7.26 -5.85
N HIS A 61 -7.97 -6.60 -6.83
CA HIS A 61 -7.32 -6.19 -8.11
C HIS A 61 -6.13 -5.26 -7.84
N ALA A 62 -6.30 -4.35 -6.85
CA ALA A 62 -5.23 -3.50 -6.37
C ALA A 62 -4.06 -4.36 -5.86
N ILE A 63 -4.35 -5.23 -4.89
CA ILE A 63 -3.32 -6.14 -4.30
C ILE A 63 -2.67 -7.04 -5.39
N GLU A 64 -3.41 -7.29 -6.48
CA GLU A 64 -2.90 -8.11 -7.59
C GLU A 64 -1.72 -7.41 -8.26
N SER A 65 -1.75 -6.05 -8.31
CA SER A 65 -0.60 -5.23 -8.75
C SER A 65 0.66 -5.56 -7.97
N ILE A 66 0.50 -5.79 -6.65
CA ILE A 66 1.62 -6.02 -5.77
C ILE A 66 2.27 -7.36 -6.13
N LYS A 67 1.40 -8.37 -6.33
CA LYS A 67 1.82 -9.75 -6.65
C LYS A 67 2.61 -9.83 -7.97
N ARG A 68 2.29 -8.90 -8.88
CA ARG A 68 2.87 -8.89 -10.25
C ARG A 68 4.40 -8.70 -10.25
N ASN A 69 4.88 -7.65 -9.54
CA ASN A 69 6.30 -7.21 -9.67
C ASN A 69 6.68 -6.12 -8.64
N SER A 70 5.86 -5.91 -7.59
CA SER A 70 6.05 -4.78 -6.65
C SER A 70 7.33 -4.92 -5.80
N ALA A 71 7.67 -6.16 -5.42
CA ALA A 71 8.94 -6.46 -4.73
C ALA A 71 10.16 -6.10 -5.62
N GLY A 72 9.96 -6.17 -6.95
CA GLY A 72 10.99 -5.77 -7.92
C GLY A 72 10.79 -4.37 -8.49
N ALA A 73 9.68 -3.70 -8.10
CA ALA A 73 9.36 -2.31 -8.54
C ALA A 73 10.36 -1.30 -7.97
N ASP A 74 10.38 -0.08 -8.53
CA ASP A 74 11.30 0.99 -8.08
C ASP A 74 10.64 1.83 -6.97
N THR A 75 11.47 2.49 -6.15
CA THR A 75 11.01 3.36 -5.07
C THR A 75 11.43 4.82 -5.37
N VAL A 76 10.48 5.61 -5.89
CA VAL A 76 10.68 7.00 -6.35
C VAL A 76 10.10 7.99 -5.33
N ASP A 77 10.89 9.00 -4.94
CA ASP A 77 10.43 10.10 -4.07
C ASP A 77 10.31 11.43 -4.85
N LEU A 78 9.11 12.00 -4.81
CA LEU A 78 8.74 13.26 -5.48
C LEU A 78 8.87 14.50 -4.55
N THR A 79 8.83 14.32 -3.20
CA THR A 79 8.66 15.48 -2.27
C THR A 79 10.00 16.10 -1.85
N THR A 80 11.13 15.41 -2.08
CA THR A 80 12.46 15.87 -1.59
C THR A 80 13.55 15.47 -2.62
N MET A 81 14.20 14.28 -2.44
CA MET A 81 15.32 13.78 -3.30
C MET A 81 16.40 14.85 -3.63
N THR A 82 16.14 15.64 -4.70
CA THR A 82 17.11 16.56 -5.28
C THR A 82 17.43 17.73 -4.33
N ALA A 83 18.72 17.87 -4.01
CA ALA A 83 19.24 18.95 -3.16
C ALA A 83 19.18 20.30 -3.92
N MET B 22 8.43 0.34 -15.77
CA MET B 22 7.06 -0.22 -15.81
C MET B 22 6.18 0.54 -14.80
N TYR B 23 6.41 0.29 -13.50
CA TYR B 23 5.75 1.01 -12.40
C TYR B 23 6.63 1.06 -11.16
N LYS B 24 6.18 1.85 -10.16
CA LYS B 24 7.01 2.24 -9.02
C LYS B 24 6.16 2.83 -7.88
N PHE B 25 6.85 3.19 -6.79
CA PHE B 25 6.26 3.82 -5.61
C PHE B 25 6.51 5.33 -5.66
N GLU B 26 5.44 6.12 -5.58
CA GLU B 26 5.53 7.59 -5.59
C GLU B 26 5.39 8.15 -4.18
N ILE B 27 6.52 8.58 -3.58
CA ILE B 27 6.57 9.04 -2.18
C ILE B 27 6.46 10.56 -2.17
N TYR B 28 5.52 11.08 -1.42
CA TYR B 28 5.31 12.52 -1.31
C TYR B 28 4.67 12.85 0.04
N GLN B 29 4.32 14.12 0.20
CA GLN B 29 3.41 14.57 1.25
C GLN B 29 2.28 15.38 0.60
N ASP B 30 1.21 15.59 1.33
CA ASP B 30 0.11 16.47 0.90
C ASP B 30 0.09 17.70 1.82
N LYS B 31 -0.85 18.64 1.52
CA LYS B 31 -1.02 19.98 2.15
C LYS B 31 -0.83 19.97 3.69
N ALA B 32 -1.31 18.92 4.36
CA ALA B 32 -1.24 18.78 5.83
C ALA B 32 0.17 18.36 6.32
N GLY B 33 1.16 18.34 5.40
CA GLY B 33 2.52 17.86 5.66
C GLY B 33 2.55 16.38 5.95
N GLU B 34 1.57 15.64 5.43
CA GLU B 34 1.36 14.22 5.78
C GLU B 34 1.92 13.33 4.67
N TYR B 35 2.99 12.60 4.99
CA TYR B 35 3.64 11.68 4.06
C TYR B 35 2.78 10.46 3.69
N ARG B 36 2.62 10.31 2.37
CA ARG B 36 1.91 9.20 1.73
C ARG B 36 2.69 8.80 0.48
N PHE B 37 2.83 7.49 0.26
CA PHE B 37 3.32 6.96 -1.00
C PHE B 37 2.17 6.30 -1.78
N ARG B 38 2.38 6.13 -3.08
CA ARG B 38 1.51 5.41 -4.01
C ARG B 38 2.23 4.15 -4.48
N PHE B 39 1.48 3.24 -5.08
CA PHE B 39 2.02 2.24 -6.00
C PHE B 39 1.21 2.37 -7.29
N LYS B 40 1.95 2.52 -8.38
CA LYS B 40 1.40 2.84 -9.70
C LYS B 40 1.27 1.58 -10.56
N ALA B 41 0.79 1.80 -11.79
CA ALA B 41 0.61 0.76 -12.80
C ALA B 41 1.25 1.24 -14.11
N SER B 42 1.57 0.28 -14.99
CA SER B 42 2.19 0.52 -16.32
C SER B 42 1.52 1.66 -17.14
N ASN B 43 0.17 1.76 -17.08
CA ASN B 43 -0.60 2.76 -17.88
C ASN B 43 -0.79 4.09 -17.10
N GLY B 44 -0.22 4.17 -15.89
CA GLY B 44 -0.29 5.37 -15.05
C GLY B 44 -1.47 5.40 -14.09
N GLU B 45 -2.02 4.22 -13.78
CA GLU B 45 -3.06 4.08 -12.75
C GLU B 45 -2.42 3.99 -11.36
N THR B 46 -3.18 4.38 -10.33
CA THR B 46 -2.81 4.13 -8.93
C THR B 46 -3.79 3.08 -8.37
N MET B 47 -3.26 2.14 -7.60
CA MET B 47 -4.04 1.02 -7.05
C MET B 47 -4.09 1.08 -5.51
N PHE B 48 -3.04 1.62 -4.88
CA PHE B 48 -3.08 2.03 -3.47
C PHE B 48 -2.25 3.28 -3.27
N SER B 49 -2.56 3.96 -2.16
CA SER B 49 -1.88 5.16 -1.70
C SER B 49 -2.35 5.51 -0.30
N SER B 50 -1.82 6.62 0.22
CA SER B 50 -2.49 7.40 1.29
C SER B 50 -2.54 6.65 2.62
N GLU B 51 -1.44 5.93 2.93
CA GLU B 51 -1.33 5.19 4.18
C GLU B 51 -1.11 6.16 5.36
N GLY B 52 -0.42 7.29 5.10
CA GLY B 52 -0.22 8.33 6.11
C GLY B 52 0.62 7.82 7.26
N TYR B 53 1.79 7.23 6.94
CA TYR B 53 2.53 6.37 7.88
C TYR B 53 3.13 7.21 9.03
N LYS B 54 4.09 8.09 8.69
CA LYS B 54 4.70 9.01 9.68
C LYS B 54 5.53 10.09 8.98
N ALA B 55 6.68 9.68 8.43
CA ALA B 55 7.68 10.61 7.85
C ALA B 55 8.24 10.00 6.57
N LYS B 56 9.18 10.71 5.88
CA LYS B 56 9.82 10.22 4.65
C LYS B 56 10.66 8.95 4.91
N ALA B 57 11.54 9.02 5.92
CA ALA B 57 12.41 7.88 6.30
C ALA B 57 11.57 6.65 6.69
N SER B 58 10.46 6.92 7.40
CA SER B 58 9.50 5.89 7.80
C SER B 58 8.78 5.31 6.57
N ALA B 59 8.53 6.17 5.57
CA ALA B 59 7.82 5.80 4.34
C ALA B 59 8.64 4.79 3.52
N ILE B 60 9.96 5.06 3.35
CA ILE B 60 10.90 4.12 2.70
C ILE B 60 10.94 2.77 3.41
N HIS B 61 11.05 2.78 4.77
CA HIS B 61 11.08 1.54 5.58
C HIS B 61 9.81 0.70 5.37
N ALA B 62 8.66 1.38 5.26
CA ALA B 62 7.41 0.75 4.89
C ALA B 62 7.53 0.07 3.53
N ILE B 63 7.88 0.85 2.50
CA ILE B 63 8.07 0.33 1.12
C ILE B 63 9.11 -0.82 1.07
N GLU B 64 10.06 -0.81 2.03
CA GLU B 64 11.09 -1.85 2.10
C GLU B 64 10.45 -3.21 2.41
N SER B 65 9.35 -3.20 3.22
CA SER B 65 8.51 -4.41 3.44
C SER B 65 8.03 -5.03 2.13
N ILE B 66 7.67 -4.16 1.17
CA ILE B 66 7.11 -4.60 -0.10
C ILE B 66 8.19 -5.34 -0.88
N LYS B 67 9.38 -4.74 -0.89
CA LYS B 67 10.56 -5.26 -1.64
C LYS B 67 11.00 -6.64 -1.13
N ARG B 68 10.73 -6.90 0.17
CA ARG B 68 11.18 -8.13 0.86
C ARG B 68 10.56 -9.39 0.23
N ASN B 69 9.21 -9.42 0.12
CA ASN B 69 8.45 -10.66 -0.22
C ASN B 69 6.95 -10.39 -0.50
N SER B 70 6.55 -9.13 -0.73
CA SER B 70 5.11 -8.77 -0.84
C SER B 70 4.44 -9.36 -2.10
N ALA B 71 5.21 -9.44 -3.21
CA ALA B 71 4.75 -10.10 -4.43
C ALA B 71 4.49 -11.62 -4.20
N GLY B 72 5.20 -12.19 -3.22
CA GLY B 72 5.00 -13.58 -2.80
C GLY B 72 4.15 -13.74 -1.53
N ALA B 73 3.77 -12.59 -0.91
CA ALA B 73 2.91 -12.57 0.30
C ALA B 73 1.50 -13.09 0.00
N ASP B 74 0.73 -13.40 1.05
CA ASP B 74 -0.65 -13.92 0.89
C ASP B 74 -1.66 -12.75 0.92
N THR B 75 -2.84 -12.99 0.34
CA THR B 75 -3.93 -12.00 0.29
C THR B 75 -5.13 -12.52 1.10
N VAL B 76 -5.25 -12.02 2.34
CA VAL B 76 -6.26 -12.43 3.33
C VAL B 76 -7.38 -11.39 3.44
N ASP B 77 -8.65 -11.83 3.37
CA ASP B 77 -9.83 -10.96 3.58
C ASP B 77 -10.54 -11.29 4.92
N LEU B 78 -10.64 -10.27 5.77
CA LEU B 78 -11.27 -10.35 7.10
C LEU B 78 -12.76 -9.92 7.08
N THR B 79 -13.19 -9.14 6.07
CA THR B 79 -14.53 -8.52 6.10
C THR B 79 -15.61 -9.48 5.54
N THR B 80 -15.17 -10.67 5.04
CA THR B 80 -15.99 -11.74 4.40
C THR B 80 -17.22 -11.23 3.59
N MET B 81 -18.31 -10.85 4.29
CA MET B 81 -19.51 -10.25 3.67
C MET B 81 -19.19 -8.85 3.09
N THR B 82 -20.08 -8.35 2.23
CA THR B 82 -19.96 -7.01 1.61
C THR B 82 -21.02 -6.06 2.19
N ALA B 83 -20.67 -4.76 2.34
CA ALA B 83 -21.59 -3.73 2.85
C ALA B 83 -21.19 -2.36 2.23
N MET A 22 4.07 -16.50 7.10
CA MET A 22 4.50 -15.30 6.34
C MET A 22 3.48 -14.17 6.52
N TYR A 23 3.91 -12.92 6.32
CA TYR A 23 3.01 -11.75 6.29
C TYR A 23 2.07 -11.80 5.06
N LYS A 24 1.06 -10.92 5.09
CA LYS A 24 -0.04 -10.94 4.14
C LYS A 24 -0.80 -9.60 4.13
N PHE A 25 -1.81 -9.53 3.26
CA PHE A 25 -2.69 -8.37 3.12
C PHE A 25 -3.97 -8.63 3.87
N GLU A 26 -4.29 -7.77 4.83
CA GLU A 26 -5.56 -7.81 5.56
C GLU A 26 -6.53 -6.83 4.89
N ILE A 27 -7.57 -7.39 4.25
CA ILE A 27 -8.59 -6.63 3.53
C ILE A 27 -9.82 -6.54 4.40
N TYR A 28 -10.24 -5.34 4.71
CA TYR A 28 -11.40 -5.10 5.54
C TYR A 28 -12.16 -3.88 5.03
N GLN A 29 -13.24 -3.55 5.73
CA GLN A 29 -13.92 -2.26 5.57
C GLN A 29 -13.93 -1.56 6.94
N ASP A 30 -13.91 -0.23 6.88
CA ASP A 30 -13.98 0.62 8.07
C ASP A 30 -15.45 0.80 8.46
N LYS A 31 -15.72 1.22 9.73
CA LYS A 31 -17.09 1.42 10.28
C LYS A 31 -17.94 2.35 9.38
N ALA A 32 -17.27 3.34 8.78
CA ALA A 32 -17.88 4.25 7.77
C ALA A 32 -18.25 3.51 6.43
N GLY A 33 -18.10 2.17 6.41
CA GLY A 33 -18.32 1.32 5.25
C GLY A 33 -17.23 1.46 4.20
N GLU A 34 -16.08 2.02 4.60
CA GLU A 34 -15.01 2.41 3.64
C GLU A 34 -13.96 1.29 3.57
N TYR A 35 -14.08 0.45 2.53
CA TYR A 35 -13.12 -0.64 2.25
C TYR A 35 -11.65 -0.14 2.24
N ARG A 36 -10.92 -0.67 3.23
CA ARG A 36 -9.50 -0.36 3.47
C ARG A 36 -8.74 -1.70 3.59
N PHE A 37 -7.58 -1.81 2.92
CA PHE A 37 -6.66 -2.94 3.13
C PHE A 37 -5.32 -2.43 3.64
N ARG A 38 -4.53 -3.37 4.16
CA ARG A 38 -3.18 -3.11 4.67
C ARG A 38 -2.25 -4.27 4.33
N PHE A 39 -0.95 -4.06 4.58
CA PHE A 39 0.07 -5.10 4.46
C PHE A 39 0.81 -5.18 5.79
N LYS A 40 1.02 -6.41 6.24
CA LYS A 40 1.57 -6.71 7.55
C LYS A 40 3.06 -7.09 7.46
N ALA A 41 3.61 -7.39 8.63
CA ALA A 41 5.00 -7.80 8.82
C ALA A 41 5.00 -9.07 9.69
N SER A 42 6.06 -9.89 9.56
CA SER A 42 6.21 -11.21 10.26
C SER A 42 5.90 -11.20 11.78
N ASN A 43 6.04 -10.04 12.45
CA ASN A 43 5.81 -9.90 13.92
C ASN A 43 4.41 -9.31 14.23
N GLY A 44 3.54 -9.23 13.21
CA GLY A 44 2.19 -8.67 13.36
C GLY A 44 2.12 -7.15 13.31
N GLU A 45 3.19 -6.52 12.80
CA GLU A 45 3.23 -5.05 12.60
C GLU A 45 2.60 -4.68 11.25
N THR A 46 2.04 -3.47 11.14
CA THR A 46 1.54 -2.91 9.86
C THR A 46 2.49 -1.78 9.39
N MET A 47 2.62 -1.65 8.07
CA MET A 47 3.53 -0.69 7.43
C MET A 47 2.78 0.29 6.49
N PHE A 48 1.69 -0.18 5.84
CA PHE A 48 0.75 0.73 5.13
C PHE A 48 -0.68 0.22 5.33
N SER A 49 -1.62 1.15 5.20
CA SER A 49 -3.06 0.89 5.28
C SER A 49 -3.84 1.97 4.49
N SER A 50 -5.17 1.79 4.44
CA SER A 50 -6.14 2.90 4.33
C SER A 50 -6.02 3.73 3.04
N GLU A 51 -5.95 3.03 1.91
CA GLU A 51 -6.02 3.64 0.58
C GLU A 51 -7.42 4.22 0.30
N GLY A 52 -8.49 3.48 0.68
CA GLY A 52 -9.86 3.89 0.41
C GLY A 52 -10.14 3.97 -1.08
N TYR A 53 -9.86 2.86 -1.79
CA TYR A 53 -9.79 2.85 -3.25
C TYR A 53 -11.21 2.92 -3.86
N LYS A 54 -12.05 1.91 -3.53
CA LYS A 54 -13.44 1.84 -4.03
C LYS A 54 -14.26 0.79 -3.25
N ALA A 55 -13.86 -0.48 -3.39
CA ALA A 55 -14.62 -1.64 -2.86
C ALA A 55 -13.66 -2.79 -2.57
N LYS A 56 -14.17 -3.93 -2.06
CA LYS A 56 -13.34 -5.12 -1.77
C LYS A 56 -12.83 -5.75 -3.07
N ALA A 57 -13.71 -5.88 -4.08
CA ALA A 57 -13.33 -6.40 -5.41
C ALA A 57 -12.19 -5.57 -6.02
N SER A 58 -12.31 -4.24 -5.86
CA SER A 58 -11.30 -3.26 -6.28
C SER A 58 -10.03 -3.35 -5.41
N ALA A 59 -10.22 -3.79 -4.13
CA ALA A 59 -9.13 -3.95 -3.16
C ALA A 59 -8.22 -5.12 -3.57
N ILE A 60 -8.82 -6.30 -3.90
CA ILE A 60 -8.08 -7.46 -4.44
C ILE A 60 -7.30 -7.07 -5.71
N HIS A 61 -7.98 -6.43 -6.68
CA HIS A 61 -7.36 -6.00 -7.96
C HIS A 61 -6.16 -5.08 -7.74
N ALA A 62 -6.30 -4.17 -6.76
CA ALA A 62 -5.21 -3.32 -6.31
C ALA A 62 -4.04 -4.19 -5.82
N ILE A 63 -4.31 -5.05 -4.84
CA ILE A 63 -3.32 -5.98 -4.26
C ILE A 63 -2.68 -6.90 -5.34
N GLU A 64 -3.41 -7.14 -6.44
CA GLU A 64 -2.93 -7.97 -7.54
C GLU A 64 -1.76 -7.28 -8.25
N SER A 65 -1.75 -5.92 -8.28
CA SER A 65 -0.57 -5.13 -8.71
C SER A 65 0.68 -5.52 -7.93
N ILE A 66 0.49 -5.75 -6.61
CA ILE A 66 1.60 -6.02 -5.71
C ILE A 66 2.18 -7.41 -6.02
N LYS A 67 1.27 -8.39 -6.18
CA LYS A 67 1.60 -9.81 -6.45
C LYS A 67 2.41 -9.98 -7.74
N ARG A 68 2.14 -9.07 -8.67
CA ARG A 68 2.76 -9.04 -10.00
C ARG A 68 4.31 -8.93 -9.93
N ASN A 69 4.83 -7.77 -9.49
CA ASN A 69 6.29 -7.46 -9.56
C ASN A 69 6.70 -6.37 -8.54
N SER A 70 5.86 -6.09 -7.54
CA SER A 70 6.08 -4.95 -6.62
C SER A 70 7.32 -5.13 -5.73
N ALA A 71 7.64 -6.38 -5.38
CA ALA A 71 8.89 -6.73 -4.68
C ALA A 71 10.13 -6.37 -5.53
N GLY A 72 9.98 -6.43 -6.86
CA GLY A 72 11.04 -6.04 -7.80
C GLY A 72 10.84 -4.64 -8.40
N ALA A 73 9.75 -3.95 -8.02
CA ALA A 73 9.45 -2.56 -8.46
C ALA A 73 10.51 -1.58 -7.94
N ASP A 74 10.52 -0.36 -8.50
CA ASP A 74 11.44 0.72 -8.04
C ASP A 74 10.77 1.53 -6.93
N THR A 75 11.57 2.25 -6.14
CA THR A 75 11.07 3.15 -5.10
C THR A 75 11.56 4.59 -5.35
N VAL A 76 10.65 5.39 -5.95
CA VAL A 76 10.90 6.77 -6.40
C VAL A 76 10.34 7.77 -5.37
N ASP A 77 11.20 8.70 -4.91
CA ASP A 77 10.80 9.77 -3.96
C ASP A 77 10.73 11.13 -4.67
N LEU A 78 9.56 11.77 -4.61
CA LEU A 78 9.28 13.10 -5.17
C LEU A 78 9.31 14.23 -4.09
N THR A 79 9.27 13.89 -2.79
CA THR A 79 9.08 14.89 -1.70
C THR A 79 10.40 15.46 -1.14
N THR A 80 11.56 14.89 -1.50
CA THR A 80 12.88 15.38 -1.00
C THR A 80 13.25 16.76 -1.61
N MET A 81 12.51 17.19 -2.66
CA MET A 81 12.66 18.53 -3.26
C MET A 81 12.01 19.62 -2.37
N THR A 82 10.94 19.23 -1.65
CA THR A 82 10.12 20.15 -0.83
C THR A 82 10.57 20.10 0.65
N ALA A 83 10.62 18.88 1.20
CA ALA A 83 11.02 18.63 2.59
C ALA A 83 11.52 17.16 2.71
N MET B 22 8.76 -0.08 -15.68
CA MET B 22 7.47 -0.82 -15.60
C MET B 22 6.50 -0.02 -14.70
N TYR B 23 6.72 -0.12 -13.39
CA TYR B 23 5.97 0.64 -12.36
C TYR B 23 6.80 0.73 -11.08
N LYS B 24 6.36 1.58 -10.16
CA LYS B 24 7.15 1.97 -8.99
C LYS B 24 6.30 2.64 -7.91
N PHE B 25 6.96 2.98 -6.81
CA PHE B 25 6.36 3.67 -5.66
C PHE B 25 6.67 5.15 -5.76
N GLU B 26 5.62 5.98 -5.82
CA GLU B 26 5.75 7.43 -5.79
C GLU B 26 5.57 7.90 -4.35
N ILE B 27 6.66 8.38 -3.73
CA ILE B 27 6.67 8.85 -2.34
C ILE B 27 6.61 10.37 -2.36
N TYR B 28 5.62 10.91 -1.72
CA TYR B 28 5.43 12.35 -1.66
C TYR B 28 4.90 12.75 -0.27
N GLN B 29 4.66 14.04 -0.10
CA GLN B 29 3.89 14.55 1.04
C GLN B 29 2.69 15.33 0.48
N ASP B 30 1.62 15.34 1.24
CA ASP B 30 0.39 16.06 0.93
C ASP B 30 0.54 17.51 1.40
N LYS B 31 -0.29 18.44 0.88
CA LYS B 31 -0.26 19.89 1.22
C LYS B 31 -0.36 20.14 2.74
N ALA B 32 -1.11 19.28 3.43
CA ALA B 32 -1.20 19.24 4.91
C ALA B 32 0.13 18.79 5.60
N GLY B 33 1.20 18.62 4.79
CA GLY B 33 2.51 18.12 5.23
C GLY B 33 2.51 16.65 5.55
N GLU B 34 1.48 15.92 5.07
CA GLU B 34 1.24 14.53 5.47
C GLU B 34 1.86 13.57 4.44
N TYR B 35 3.05 13.06 4.75
CA TYR B 35 3.76 12.09 3.92
C TYR B 35 2.89 10.87 3.54
N ARG B 36 2.63 10.78 2.23
CA ARG B 36 1.83 9.74 1.60
C ARG B 36 2.59 9.16 0.41
N PHE B 37 2.62 7.82 0.29
CA PHE B 37 3.16 7.15 -0.89
C PHE B 37 2.07 6.32 -1.55
N ARG B 38 2.34 5.93 -2.79
CA ARG B 38 1.46 5.10 -3.61
C ARG B 38 2.27 4.10 -4.43
N PHE B 39 1.55 3.17 -5.08
CA PHE B 39 2.13 2.21 -6.03
C PHE B 39 1.36 2.34 -7.34
N LYS B 40 2.11 2.37 -8.42
CA LYS B 40 1.59 2.63 -9.76
C LYS B 40 1.45 1.33 -10.57
N ALA B 41 1.00 1.51 -11.80
CA ALA B 41 0.79 0.45 -12.79
C ALA B 41 1.46 0.90 -14.10
N SER B 42 1.84 -0.07 -14.94
CA SER B 42 2.57 0.15 -16.22
C SER B 42 1.98 1.25 -17.16
N ASN B 43 0.67 1.54 -17.04
CA ASN B 43 -0.03 2.56 -17.88
C ASN B 43 -0.22 3.90 -17.14
N GLY B 44 0.48 4.07 -16.00
CA GLY B 44 0.40 5.29 -15.18
C GLY B 44 -0.82 5.36 -14.26
N GLU B 45 -1.47 4.21 -14.05
CA GLU B 45 -2.61 4.11 -13.09
C GLU B 45 -2.09 3.88 -11.67
N THR B 46 -2.87 4.32 -10.66
CA THR B 46 -2.60 4.04 -9.24
C THR B 46 -3.63 3.03 -8.71
N MET B 47 -3.19 2.20 -7.76
CA MET B 47 -4.01 1.11 -7.19
C MET B 47 -4.14 1.24 -5.66
N PHE B 48 -3.11 1.77 -4.97
CA PHE B 48 -3.22 2.19 -3.55
C PHE B 48 -2.43 3.47 -3.32
N SER B 49 -2.84 4.20 -2.30
CA SER B 49 -2.17 5.44 -1.84
C SER B 49 -2.47 5.69 -0.36
N SER B 50 -1.86 6.76 0.18
CA SER B 50 -2.40 7.54 1.30
C SER B 50 -2.56 6.74 2.62
N GLU B 51 -1.48 6.04 2.98
CA GLU B 51 -1.37 5.37 4.29
C GLU B 51 -1.27 6.41 5.43
N GLY B 52 -0.47 7.49 5.23
CA GLY B 52 -0.25 8.49 6.26
C GLY B 52 0.47 7.90 7.47
N TYR B 53 1.61 7.24 7.22
CA TYR B 53 2.26 6.37 8.22
C TYR B 53 2.94 7.21 9.32
N LYS B 54 3.90 8.07 8.90
CA LYS B 54 4.64 8.95 9.83
C LYS B 54 5.43 10.02 9.07
N ALA B 55 6.41 9.58 8.27
CA ALA B 55 7.40 10.47 7.60
C ALA B 55 7.90 9.80 6.33
N LYS B 56 8.79 10.49 5.56
CA LYS B 56 9.36 9.91 4.32
C LYS B 56 10.32 8.75 4.64
N ALA B 57 11.17 8.92 5.69
CA ALA B 57 12.07 7.84 6.16
C ALA B 57 11.26 6.58 6.52
N SER B 58 10.13 6.81 7.20
CA SER B 58 9.18 5.77 7.61
C SER B 58 8.46 5.19 6.37
N ALA B 59 8.30 6.04 5.33
CA ALA B 59 7.64 5.67 4.08
C ALA B 59 8.50 4.66 3.30
N ILE B 60 9.81 4.94 3.14
CA ILE B 60 10.78 3.99 2.54
C ILE B 60 10.77 2.64 3.29
N HIS B 61 10.90 2.69 4.65
CA HIS B 61 10.93 1.48 5.50
C HIS B 61 9.66 0.63 5.31
N ALA B 62 8.51 1.31 5.20
CA ALA B 62 7.24 0.69 4.86
C ALA B 62 7.36 -0.04 3.52
N ILE B 63 7.72 0.70 2.47
CA ILE B 63 7.91 0.17 1.11
C ILE B 63 8.94 -0.98 1.08
N GLU B 64 9.88 -0.99 2.03
CA GLU B 64 10.91 -2.03 2.12
C GLU B 64 10.27 -3.38 2.46
N SER B 65 9.16 -3.35 3.26
CA SER B 65 8.30 -4.55 3.47
C SER B 65 7.86 -5.17 2.14
N ILE B 66 7.53 -4.30 1.17
CA ILE B 66 6.98 -4.73 -0.10
C ILE B 66 8.08 -5.42 -0.92
N LYS B 67 9.26 -4.78 -0.93
CA LYS B 67 10.45 -5.24 -1.70
C LYS B 67 10.90 -6.63 -1.25
N ARG B 68 10.66 -6.90 0.03
CA ARG B 68 11.03 -8.17 0.70
C ARG B 68 10.40 -9.40 0.01
N ASN B 69 9.06 -9.57 0.12
CA ASN B 69 8.36 -10.81 -0.31
C ASN B 69 6.87 -10.55 -0.61
N SER B 70 6.46 -9.28 -0.78
CA SER B 70 5.02 -8.93 -0.87
C SER B 70 4.36 -9.47 -2.16
N ALA B 71 5.14 -9.57 -3.24
CA ALA B 71 4.70 -10.24 -4.48
C ALA B 71 4.36 -11.73 -4.24
N GLY B 72 5.06 -12.36 -3.28
CA GLY B 72 4.81 -13.74 -2.87
C GLY B 72 3.99 -13.87 -1.58
N ALA B 73 3.61 -12.72 -0.97
CA ALA B 73 2.76 -12.67 0.24
C ALA B 73 1.35 -13.23 -0.05
N ASP B 74 0.60 -13.53 1.02
CA ASP B 74 -0.79 -14.01 0.87
C ASP B 74 -1.75 -12.80 0.85
N THR B 75 -2.97 -13.01 0.34
CA THR B 75 -4.02 -11.98 0.34
C THR B 75 -5.26 -12.50 1.11
N VAL B 76 -5.36 -12.06 2.38
CA VAL B 76 -6.39 -12.48 3.35
C VAL B 76 -7.51 -11.41 3.43
N ASP B 77 -8.76 -11.83 3.25
CA ASP B 77 -9.94 -10.95 3.35
C ASP B 77 -10.73 -11.25 4.64
N LEU B 78 -10.90 -10.21 5.47
CA LEU B 78 -11.66 -10.27 6.74
C LEU B 78 -13.09 -9.66 6.60
N THR B 79 -13.35 -8.88 5.54
CA THR B 79 -14.61 -8.09 5.44
C THR B 79 -15.77 -8.91 4.87
N THR B 80 -15.48 -10.08 4.27
CA THR B 80 -16.50 -10.93 3.64
C THR B 80 -16.37 -12.39 4.15
N MET B 81 -15.17 -12.74 4.65
CA MET B 81 -14.89 -14.07 5.25
C MET B 81 -15.14 -14.01 6.76
N THR B 82 -16.25 -14.63 7.21
CA THR B 82 -16.71 -14.71 8.62
C THR B 82 -16.76 -13.33 9.33
N ALA B 83 -17.97 -12.77 9.43
CA ALA B 83 -18.23 -11.44 10.00
C ALA B 83 -19.66 -11.41 10.60
N MET A 22 4.32 -15.32 7.49
CA MET A 22 5.35 -14.28 7.26
C MET A 22 4.67 -12.90 7.30
N TYR A 23 3.91 -12.62 6.23
CA TYR A 23 3.08 -11.42 6.10
C TYR A 23 2.05 -11.62 5.00
N LYS A 24 1.02 -10.78 5.02
CA LYS A 24 -0.11 -10.87 4.08
C LYS A 24 -0.89 -9.55 4.06
N PHE A 25 -1.89 -9.51 3.16
CA PHE A 25 -2.76 -8.34 2.98
C PHE A 25 -4.08 -8.58 3.70
N GLU A 26 -4.38 -7.75 4.71
CA GLU A 26 -5.63 -7.85 5.47
C GLU A 26 -6.65 -6.87 4.88
N ILE A 27 -7.68 -7.41 4.20
CA ILE A 27 -8.71 -6.59 3.52
C ILE A 27 -9.94 -6.51 4.40
N TYR A 28 -10.34 -5.31 4.72
CA TYR A 28 -11.51 -5.07 5.58
C TYR A 28 -12.33 -3.89 5.02
N GLN A 29 -13.41 -3.55 5.72
CA GLN A 29 -14.14 -2.29 5.50
C GLN A 29 -14.27 -1.55 6.83
N ASP A 30 -14.38 -0.22 6.78
CA ASP A 30 -14.46 0.65 7.98
C ASP A 30 -15.94 1.03 8.23
N LYS A 31 -16.21 1.83 9.30
CA LYS A 31 -17.58 2.24 9.78
C LYS A 31 -18.48 2.76 8.64
N ALA A 32 -17.86 3.49 7.70
CA ALA A 32 -18.57 4.12 6.56
C ALA A 32 -18.67 3.13 5.37
N GLY A 33 -18.46 1.84 5.65
CA GLY A 33 -18.37 0.78 4.65
C GLY A 33 -17.12 0.88 3.80
N GLU A 34 -16.09 1.57 4.34
CA GLU A 34 -14.91 1.98 3.55
C GLU A 34 -13.95 0.78 3.34
N TYR A 35 -14.17 0.04 2.25
CA TYR A 35 -13.22 -1.01 1.79
C TYR A 35 -11.77 -0.48 1.69
N ARG A 36 -11.03 -0.90 2.70
CA ARG A 36 -9.63 -0.56 2.95
C ARG A 36 -8.87 -1.84 3.25
N PHE A 37 -7.70 -2.01 2.64
CA PHE A 37 -6.78 -3.10 2.96
C PHE A 37 -5.50 -2.53 3.57
N ARG A 38 -4.69 -3.45 4.10
CA ARG A 38 -3.37 -3.17 4.64
C ARG A 38 -2.41 -4.32 4.30
N PHE A 39 -1.12 -4.09 4.56
CA PHE A 39 -0.08 -5.12 4.42
C PHE A 39 0.70 -5.18 5.73
N LYS A 40 1.05 -6.40 6.11
CA LYS A 40 1.77 -6.69 7.33
C LYS A 40 3.28 -6.81 7.04
N ALA A 41 4.05 -7.09 8.09
CA ALA A 41 5.49 -7.29 8.03
C ALA A 41 5.84 -8.58 8.76
N SER A 42 7.04 -9.14 8.46
CA SER A 42 7.53 -10.41 9.04
C SER A 42 7.58 -10.43 10.60
N ASN A 43 7.69 -9.25 11.24
CA ASN A 43 7.68 -9.11 12.72
C ASN A 43 6.23 -9.15 13.29
N GLY A 44 5.24 -9.02 12.39
CA GLY A 44 3.83 -8.92 12.77
C GLY A 44 3.45 -7.50 13.16
N GLU A 45 3.52 -6.60 12.17
CA GLU A 45 3.08 -5.19 12.30
C GLU A 45 2.57 -4.70 10.94
N THR A 46 1.67 -3.71 10.96
CA THR A 46 1.15 -3.07 9.75
C THR A 46 2.04 -1.87 9.37
N MET A 47 2.34 -1.78 8.07
CA MET A 47 3.25 -0.79 7.49
C MET A 47 2.54 0.19 6.53
N PHE A 48 1.42 -0.25 5.93
CA PHE A 48 0.50 0.67 5.21
C PHE A 48 -0.94 0.16 5.33
N SER A 49 -1.87 1.08 5.09
CA SER A 49 -3.32 0.82 5.09
C SER A 49 -4.06 1.99 4.44
N SER A 50 -5.39 1.87 4.41
CA SER A 50 -6.33 3.03 4.36
C SER A 50 -6.17 3.87 3.08
N GLU A 51 -5.87 3.17 2.00
CA GLU A 51 -5.95 3.70 0.63
C GLU A 51 -7.38 4.17 0.32
N GLY A 52 -8.41 3.37 0.74
CA GLY A 52 -9.80 3.71 0.49
C GLY A 52 -10.09 3.73 -0.99
N TYR A 53 -9.75 2.63 -1.68
CA TYR A 53 -9.62 2.62 -3.14
C TYR A 53 -10.99 2.70 -3.84
N LYS A 54 -11.89 1.73 -3.54
CA LYS A 54 -13.24 1.70 -4.14
C LYS A 54 -14.15 0.67 -3.40
N ALA A 55 -13.92 -0.62 -3.67
CA ALA A 55 -14.74 -1.73 -3.14
C ALA A 55 -13.86 -2.98 -2.99
N LYS A 56 -14.42 -4.14 -2.56
CA LYS A 56 -13.61 -5.36 -2.31
C LYS A 56 -12.95 -5.87 -3.61
N ALA A 57 -13.73 -5.94 -4.70
CA ALA A 57 -13.23 -6.36 -6.04
C ALA A 57 -12.03 -5.51 -6.47
N SER A 58 -12.14 -4.19 -6.27
CA SER A 58 -11.08 -3.22 -6.58
C SER A 58 -9.91 -3.32 -5.57
N ALA A 59 -10.22 -3.80 -4.35
CA ALA A 59 -9.23 -3.97 -3.27
C ALA A 59 -8.25 -5.11 -3.65
N ILE A 60 -8.82 -6.31 -3.95
CA ILE A 60 -8.05 -7.46 -4.48
C ILE A 60 -7.24 -7.06 -5.73
N HIS A 61 -7.91 -6.38 -6.70
CA HIS A 61 -7.27 -5.94 -7.97
C HIS A 61 -6.07 -5.01 -7.73
N ALA A 62 -6.22 -4.08 -6.78
CA ALA A 62 -5.13 -3.20 -6.36
C ALA A 62 -3.97 -4.05 -5.83
N ILE A 63 -4.28 -4.93 -4.87
CA ILE A 63 -3.29 -5.87 -4.30
C ILE A 63 -2.64 -6.75 -5.39
N GLU A 64 -3.37 -7.00 -6.50
CA GLU A 64 -2.86 -7.80 -7.62
C GLU A 64 -1.67 -7.11 -8.30
N SER A 65 -1.67 -5.75 -8.31
CA SER A 65 -0.48 -4.95 -8.72
C SER A 65 0.75 -5.35 -7.92
N ILE A 66 0.55 -5.58 -6.62
CA ILE A 66 1.64 -5.89 -5.70
C ILE A 66 2.17 -7.29 -6.02
N LYS A 67 1.23 -8.24 -6.17
CA LYS A 67 1.52 -9.68 -6.43
C LYS A 67 2.31 -9.92 -7.71
N ARG A 68 2.23 -8.95 -8.61
CA ARG A 68 2.92 -9.02 -9.92
C ARG A 68 4.45 -9.13 -9.76
N ASN A 69 5.10 -8.04 -9.33
CA ASN A 69 6.57 -7.95 -9.24
C ASN A 69 6.97 -6.76 -8.33
N SER A 70 6.05 -6.32 -7.43
CA SER A 70 6.24 -5.12 -6.60
C SER A 70 7.46 -5.23 -5.64
N ALA A 71 7.80 -6.47 -5.25
CA ALA A 71 9.04 -6.76 -4.51
C ALA A 71 10.29 -6.39 -5.35
N GLY A 72 10.17 -6.52 -6.68
CA GLY A 72 11.22 -6.13 -7.63
C GLY A 72 10.97 -4.77 -8.28
N ALA A 73 9.88 -4.06 -7.88
CA ALA A 73 9.58 -2.68 -8.34
C ALA A 73 10.66 -1.67 -7.88
N ASP A 74 10.49 -0.40 -8.26
CA ASP A 74 11.43 0.68 -7.86
C ASP A 74 10.75 1.59 -6.82
N THR A 75 11.56 2.31 -6.02
CA THR A 75 11.06 3.25 -5.00
C THR A 75 11.58 4.68 -5.31
N VAL A 76 10.64 5.56 -5.71
CA VAL A 76 10.92 6.96 -6.11
C VAL A 76 10.35 7.93 -5.07
N ASP A 77 11.18 8.90 -4.63
CA ASP A 77 10.76 9.95 -3.66
C ASP A 77 10.62 11.32 -4.38
N LEU A 78 9.37 11.79 -4.47
CA LEU A 78 8.99 13.09 -5.07
C LEU A 78 9.10 14.26 -4.06
N THR A 79 9.06 13.96 -2.75
CA THR A 79 8.99 14.99 -1.69
C THR A 79 10.39 15.40 -1.17
N THR A 80 11.44 14.93 -1.85
CA THR A 80 12.83 15.39 -1.61
C THR A 80 13.05 16.75 -2.30
N MET A 81 12.22 17.03 -3.34
CA MET A 81 12.22 18.34 -4.02
C MET A 81 11.52 19.39 -3.13
N THR A 82 10.35 19.02 -2.58
CA THR A 82 9.56 19.89 -1.69
C THR A 82 10.16 19.89 -0.26
N ALA A 83 9.89 20.96 0.50
CA ALA A 83 10.37 21.13 1.87
C ALA A 83 9.33 21.97 2.65
N MET B 22 7.43 -0.19 -16.24
CA MET B 22 6.61 -1.11 -15.44
C MET B 22 5.78 -0.30 -14.41
N TYR B 23 6.34 -0.09 -13.20
CA TYR B 23 5.69 0.65 -12.10
C TYR B 23 6.71 0.94 -10.99
N LYS B 24 6.29 1.76 -10.00
CA LYS B 24 7.13 2.17 -8.87
C LYS B 24 6.30 2.84 -7.77
N PHE B 25 6.99 3.16 -6.65
CA PHE B 25 6.38 3.81 -5.48
C PHE B 25 6.68 5.31 -5.54
N GLU B 26 5.62 6.11 -5.62
CA GLU B 26 5.72 7.58 -5.63
C GLU B 26 5.51 8.11 -4.22
N ILE B 27 6.60 8.59 -3.58
CA ILE B 27 6.57 9.08 -2.18
C ILE B 27 6.48 10.60 -2.20
N TYR B 28 5.47 11.13 -1.55
CA TYR B 28 5.24 12.57 -1.49
C TYR B 28 4.78 12.97 -0.09
N GLN B 29 4.52 14.26 0.11
CA GLN B 29 3.82 14.78 1.30
C GLN B 29 2.63 15.63 0.84
N ASP B 30 1.58 15.70 1.67
CA ASP B 30 0.35 16.44 1.35
C ASP B 30 0.36 17.81 2.05
N LYS B 31 -0.72 18.63 1.88
CA LYS B 31 -0.85 20.03 2.38
C LYS B 31 -0.47 20.17 3.89
N ALA B 32 -0.82 19.15 4.67
CA ALA B 32 -0.61 19.12 6.13
C ALA B 32 0.79 18.53 6.46
N GLY B 33 1.67 18.50 5.44
CA GLY B 33 2.97 17.87 5.50
C GLY B 33 2.88 16.35 5.58
N GLU B 34 1.75 15.78 5.12
CA GLU B 34 1.40 14.36 5.38
C GLU B 34 2.17 13.44 4.44
N TYR B 35 3.33 12.97 4.92
CA TYR B 35 4.12 11.95 4.20
C TYR B 35 3.28 10.69 3.89
N ARG B 36 2.94 10.62 2.59
CA ARG B 36 2.10 9.61 1.98
C ARG B 36 2.79 9.13 0.71
N PHE B 37 2.84 7.81 0.52
CA PHE B 37 3.30 7.21 -0.73
C PHE B 37 2.16 6.48 -1.42
N ARG B 38 2.42 6.11 -2.67
CA ARG B 38 1.52 5.30 -3.49
C ARG B 38 2.32 4.30 -4.32
N PHE B 39 1.60 3.37 -4.96
CA PHE B 39 2.19 2.40 -5.91
C PHE B 39 1.40 2.48 -7.21
N LYS B 40 2.13 2.40 -8.30
CA LYS B 40 1.58 2.47 -9.65
C LYS B 40 1.33 1.05 -10.19
N ALA B 41 0.84 0.99 -11.43
CA ALA B 41 0.57 -0.27 -12.15
C ALA B 41 1.21 -0.17 -13.54
N SER B 42 1.44 -1.33 -14.18
CA SER B 42 2.07 -1.43 -15.52
C SER B 42 1.36 -0.62 -16.65
N ASN B 43 0.06 -0.34 -16.48
CA ASN B 43 -0.73 0.50 -17.44
C ASN B 43 -0.52 2.02 -17.18
N GLY B 44 0.10 2.34 -16.04
CA GLY B 44 0.28 3.73 -15.59
C GLY B 44 -0.95 4.26 -14.90
N GLU B 45 -1.28 3.66 -13.76
CA GLU B 45 -2.36 4.13 -12.87
C GLU B 45 -1.97 3.84 -11.41
N THR B 46 -2.52 4.60 -10.48
CA THR B 46 -2.33 4.36 -9.04
C THR B 46 -3.43 3.42 -8.51
N MET B 47 -3.02 2.47 -7.69
CA MET B 47 -3.87 1.40 -7.16
C MET B 47 -4.02 1.47 -5.62
N PHE B 48 -3.02 2.06 -4.93
CA PHE B 48 -3.16 2.44 -3.50
C PHE B 48 -2.34 3.70 -3.23
N SER B 49 -2.69 4.35 -2.11
CA SER B 49 -2.01 5.55 -1.60
C SER B 49 -2.45 5.82 -0.16
N SER B 50 -1.92 6.92 0.41
CA SER B 50 -2.57 7.67 1.51
C SER B 50 -2.73 6.85 2.79
N GLU B 51 -1.75 6.00 3.02
CA GLU B 51 -1.53 5.32 4.30
C GLU B 51 -1.33 6.34 5.43
N GLY B 52 -0.55 7.43 5.16
CA GLY B 52 -0.27 8.45 6.16
C GLY B 52 0.50 7.87 7.33
N TYR B 53 1.62 7.20 7.04
CA TYR B 53 2.26 6.27 7.98
C TYR B 53 2.95 7.03 9.15
N LYS B 54 3.89 7.93 8.81
CA LYS B 54 4.62 8.74 9.81
C LYS B 54 5.41 9.88 9.14
N ALA B 55 6.54 9.53 8.50
CA ALA B 55 7.48 10.50 7.88
C ALA B 55 8.18 9.82 6.70
N LYS B 56 9.13 10.51 6.00
CA LYS B 56 9.77 9.97 4.80
C LYS B 56 10.57 8.69 5.11
N ALA B 57 11.36 8.73 6.20
CA ALA B 57 12.18 7.56 6.65
C ALA B 57 11.28 6.33 6.87
N SER B 58 10.13 6.55 7.52
CA SER B 58 9.13 5.51 7.80
C SER B 58 8.39 5.10 6.51
N ALA B 59 8.32 6.03 5.53
CA ALA B 59 7.67 5.79 4.24
C ALA B 59 8.48 4.78 3.43
N ILE B 60 9.78 5.06 3.22
CA ILE B 60 10.74 4.11 2.60
C ILE B 60 10.72 2.75 3.33
N HIS B 61 10.81 2.78 4.67
CA HIS B 61 10.83 1.56 5.52
C HIS B 61 9.56 0.70 5.34
N ALA B 62 8.41 1.35 5.26
CA ALA B 62 7.14 0.69 4.96
C ALA B 62 7.24 0.00 3.60
N ILE B 63 7.61 0.77 2.58
CA ILE B 63 7.83 0.27 1.21
C ILE B 63 8.85 -0.90 1.18
N GLU B 64 9.80 -0.91 2.14
CA GLU B 64 10.83 -1.97 2.22
C GLU B 64 10.17 -3.32 2.55
N SER B 65 9.06 -3.31 3.32
CA SER B 65 8.21 -4.52 3.53
C SER B 65 7.78 -5.12 2.19
N ILE B 66 7.45 -4.22 1.24
CA ILE B 66 6.94 -4.63 -0.06
C ILE B 66 8.07 -5.26 -0.87
N LYS B 67 9.24 -4.57 -0.86
CA LYS B 67 10.44 -4.96 -1.62
C LYS B 67 11.00 -6.33 -1.22
N ARG B 68 10.63 -6.76 -0.01
CA ARG B 68 11.06 -8.05 0.56
C ARG B 68 10.59 -9.24 -0.32
N ASN B 69 9.28 -9.54 -0.31
CA ASN B 69 8.70 -10.72 -1.01
C ASN B 69 7.16 -10.52 -1.15
N SER B 70 6.69 -9.27 -1.11
CA SER B 70 5.24 -8.96 -1.11
C SER B 70 4.52 -9.43 -2.38
N ALA B 71 5.25 -9.51 -3.50
CA ALA B 71 4.77 -10.15 -4.73
C ALA B 71 4.45 -11.64 -4.51
N GLY B 72 5.21 -12.29 -3.61
CA GLY B 72 4.98 -13.67 -3.20
C GLY B 72 4.22 -13.81 -1.88
N ALA B 73 3.81 -12.67 -1.27
CA ALA B 73 2.96 -12.65 -0.05
C ALA B 73 1.57 -13.29 -0.30
N ASP B 74 0.74 -13.36 0.75
CA ASP B 74 -0.63 -13.90 0.66
C ASP B 74 -1.65 -12.74 0.74
N THR B 75 -2.87 -12.96 0.22
CA THR B 75 -3.96 -11.98 0.26
C THR B 75 -5.16 -12.56 1.04
N VAL B 76 -5.42 -11.99 2.23
CA VAL B 76 -6.49 -12.43 3.17
C VAL B 76 -7.61 -11.36 3.22
N ASP B 77 -8.87 -11.79 3.09
CA ASP B 77 -10.05 -10.89 3.20
C ASP B 77 -10.81 -11.15 4.52
N LEU B 78 -10.76 -10.16 5.42
CA LEU B 78 -11.45 -10.17 6.73
C LEU B 78 -12.92 -9.69 6.65
N THR B 79 -13.28 -8.89 5.63
CA THR B 79 -14.60 -8.20 5.60
C THR B 79 -15.72 -9.11 5.05
N THR B 80 -15.41 -10.40 4.83
CA THR B 80 -16.40 -11.42 4.43
C THR B 80 -17.50 -11.59 5.51
N MET B 81 -17.20 -11.17 6.75
CA MET B 81 -18.18 -11.06 7.85
C MET B 81 -18.67 -9.58 7.97
N THR B 82 -19.60 -9.19 7.07
CA THR B 82 -20.17 -7.82 7.05
C THR B 82 -21.26 -7.68 8.12
N ALA B 83 -22.29 -8.53 8.02
CA ALA B 83 -23.45 -8.51 8.92
C ALA B 83 -24.08 -9.93 8.92
N MET A 22 3.20 -16.24 7.29
CA MET A 22 3.80 -15.26 6.36
C MET A 22 2.97 -13.96 6.36
N TYR A 23 3.65 -12.83 6.15
CA TYR A 23 3.00 -11.52 6.03
C TYR A 23 2.15 -11.45 4.74
N LYS A 24 1.11 -10.62 4.79
CA LYS A 24 -0.03 -10.70 3.86
C LYS A 24 -0.86 -9.41 3.88
N PHE A 25 -1.86 -9.36 3.00
CA PHE A 25 -2.75 -8.22 2.83
C PHE A 25 -4.10 -8.51 3.51
N GLU A 26 -4.39 -7.75 4.56
CA GLU A 26 -5.62 -7.89 5.34
C GLU A 26 -6.65 -6.88 4.81
N ILE A 27 -7.70 -7.39 4.13
CA ILE A 27 -8.73 -6.58 3.48
C ILE A 27 -9.93 -6.52 4.40
N TYR A 28 -10.27 -5.34 4.84
CA TYR A 28 -11.42 -5.15 5.69
C TYR A 28 -12.20 -3.92 5.23
N GLN A 29 -13.29 -3.66 5.92
CA GLN A 29 -13.98 -2.37 5.82
C GLN A 29 -14.06 -1.79 7.23
N ASP A 30 -14.01 -0.47 7.30
CA ASP A 30 -14.03 0.29 8.55
C ASP A 30 -15.50 0.42 9.00
N LYS A 31 -15.71 0.75 10.30
CA LYS A 31 -17.06 0.89 10.91
C LYS A 31 -17.96 1.83 10.09
N ALA A 32 -17.33 2.87 9.50
CA ALA A 32 -17.97 3.83 8.57
C ALA A 32 -18.42 3.17 7.22
N GLY A 33 -18.29 1.83 7.11
CA GLY A 33 -18.60 1.07 5.90
C GLY A 33 -17.62 1.35 4.76
N GLU A 34 -16.38 1.71 5.12
CA GLU A 34 -15.37 2.21 4.15
C GLU A 34 -14.25 1.17 3.96
N TYR A 35 -14.21 0.53 2.77
CA TYR A 35 -13.19 -0.48 2.45
C TYR A 35 -11.75 0.07 2.53
N ARG A 36 -10.97 -0.55 3.43
CA ARG A 36 -9.54 -0.26 3.64
C ARG A 36 -8.82 -1.60 3.78
N PHE A 37 -7.67 -1.75 3.14
CA PHE A 37 -6.77 -2.88 3.40
C PHE A 37 -5.40 -2.38 3.84
N ARG A 38 -4.56 -3.34 4.23
CA ARG A 38 -3.21 -3.08 4.74
C ARG A 38 -2.25 -4.19 4.29
N PHE A 39 -0.94 -3.97 4.51
CA PHE A 39 0.10 -5.00 4.37
C PHE A 39 0.81 -5.13 5.71
N LYS A 40 1.01 -6.37 6.13
CA LYS A 40 1.53 -6.71 7.44
C LYS A 40 3.02 -7.06 7.40
N ALA A 41 3.55 -7.40 8.59
CA ALA A 41 4.92 -7.95 8.76
C ALA A 41 4.81 -9.25 9.55
N SER A 42 5.93 -9.95 9.80
CA SER A 42 5.88 -11.38 10.17
C SER A 42 5.34 -11.58 11.61
N ASN A 43 5.52 -10.54 12.48
CA ASN A 43 5.11 -10.62 13.91
C ASN A 43 3.79 -9.86 14.16
N GLY A 44 3.13 -9.39 13.09
CA GLY A 44 1.83 -8.71 13.20
C GLY A 44 1.88 -7.19 13.12
N GLU A 45 2.98 -6.64 12.60
CA GLU A 45 3.14 -5.18 12.39
C GLU A 45 2.40 -4.77 11.12
N THR A 46 2.00 -3.49 11.02
CA THR A 46 1.45 -2.90 9.79
C THR A 46 2.32 -1.72 9.37
N MET A 47 2.62 -1.67 8.07
CA MET A 47 3.54 -0.66 7.49
C MET A 47 2.79 0.31 6.55
N PHE A 48 1.58 -0.06 6.08
CA PHE A 48 0.61 0.90 5.51
C PHE A 48 -0.80 0.33 5.40
N SER A 49 -1.75 1.24 5.13
CA SER A 49 -3.20 0.96 5.22
C SER A 49 -4.03 2.16 4.72
N SER A 50 -5.36 2.04 4.85
CA SER A 50 -6.30 3.20 4.93
C SER A 50 -6.82 3.68 3.56
N GLU A 51 -6.47 2.96 2.48
CA GLU A 51 -6.98 3.27 1.14
C GLU A 51 -8.20 2.37 0.82
N GLY A 52 -7.94 1.13 0.33
CA GLY A 52 -9.01 0.20 -0.10
C GLY A 52 -9.32 0.33 -1.59
N TYR A 53 -8.78 1.41 -2.19
CA TYR A 53 -8.85 1.72 -3.63
C TYR A 53 -10.25 2.24 -4.03
N LYS A 54 -11.28 1.39 -3.95
CA LYS A 54 -12.65 1.75 -4.36
C LYS A 54 -13.68 0.90 -3.58
N ALA A 55 -13.59 -0.42 -3.78
CA ALA A 55 -14.47 -1.44 -3.16
C ALA A 55 -13.63 -2.65 -2.75
N LYS A 56 -14.25 -3.74 -2.25
CA LYS A 56 -13.53 -4.96 -1.87
C LYS A 56 -12.96 -5.65 -3.12
N ALA A 57 -13.80 -5.85 -4.15
CA ALA A 57 -13.38 -6.45 -5.44
C ALA A 57 -12.20 -5.70 -6.04
N SER A 58 -12.32 -4.37 -6.05
CA SER A 58 -11.29 -3.45 -6.52
C SER A 58 -10.02 -3.50 -5.64
N ALA A 59 -10.22 -3.82 -4.34
CA ALA A 59 -9.12 -3.94 -3.36
C ALA A 59 -8.22 -5.14 -3.69
N ILE A 60 -8.83 -6.33 -3.98
CA ILE A 60 -8.09 -7.51 -4.48
C ILE A 60 -7.28 -7.16 -5.74
N HIS A 61 -7.93 -6.51 -6.73
CA HIS A 61 -7.29 -6.10 -8.02
C HIS A 61 -6.06 -5.21 -7.77
N ALA A 62 -6.19 -4.31 -6.79
CA ALA A 62 -5.08 -3.49 -6.33
C ALA A 62 -3.93 -4.38 -5.82
N ILE A 63 -4.24 -5.30 -4.90
CA ILE A 63 -3.26 -6.25 -4.36
C ILE A 63 -2.64 -7.14 -5.46
N GLU A 64 -3.38 -7.36 -6.56
CA GLU A 64 -2.90 -8.17 -7.69
C GLU A 64 -1.73 -7.46 -8.38
N SER A 65 -1.74 -6.11 -8.37
CA SER A 65 -0.61 -5.27 -8.84
C SER A 65 0.68 -5.63 -8.08
N ILE A 66 0.53 -5.92 -6.78
CA ILE A 66 1.67 -6.17 -5.91
C ILE A 66 2.31 -7.52 -6.29
N LYS A 67 1.44 -8.52 -6.53
CA LYS A 67 1.83 -9.89 -6.93
C LYS A 67 2.64 -9.93 -8.25
N ARG A 68 2.45 -8.90 -9.09
CA ARG A 68 3.05 -8.84 -10.45
C ARG A 68 4.61 -8.75 -10.38
N ASN A 69 5.12 -7.77 -9.62
CA ASN A 69 6.56 -7.41 -9.60
C ASN A 69 6.88 -6.29 -8.56
N SER A 70 5.95 -6.04 -7.62
CA SER A 70 6.09 -4.92 -6.66
C SER A 70 7.28 -5.09 -5.72
N ALA A 71 7.62 -6.35 -5.37
CA ALA A 71 8.86 -6.65 -4.63
C ALA A 71 10.11 -6.19 -5.41
N GLY A 72 10.04 -6.26 -6.75
CA GLY A 72 11.13 -5.80 -7.62
C GLY A 72 10.93 -4.37 -8.17
N ALA A 73 9.85 -3.69 -7.72
CA ALA A 73 9.54 -2.29 -8.14
C ALA A 73 10.59 -1.30 -7.63
N ASP A 74 10.61 -0.09 -8.19
CA ASP A 74 11.53 0.97 -7.73
C ASP A 74 10.87 1.79 -6.60
N THR A 75 11.70 2.43 -5.76
CA THR A 75 11.24 3.33 -4.72
C THR A 75 11.64 4.78 -5.11
N VAL A 76 10.68 5.52 -5.69
CA VAL A 76 10.88 6.91 -6.15
C VAL A 76 10.40 7.89 -5.08
N ASP A 77 11.25 8.84 -4.67
CA ASP A 77 10.90 9.87 -3.68
C ASP A 77 10.77 11.25 -4.38
N LEU A 78 9.53 11.75 -4.43
CA LEU A 78 9.17 13.05 -5.00
C LEU A 78 9.13 14.17 -3.93
N THR A 79 9.10 13.81 -2.62
CA THR A 79 8.97 14.80 -1.52
C THR A 79 10.33 15.37 -1.07
N THR A 80 11.39 15.05 -1.82
CA THR A 80 12.68 15.74 -1.70
C THR A 80 12.59 17.16 -2.32
N MET A 81 11.54 17.37 -3.16
CA MET A 81 11.22 18.69 -3.72
C MET A 81 10.27 19.43 -2.76
N THR A 82 9.12 18.80 -2.45
CA THR A 82 8.04 19.42 -1.66
C THR A 82 8.47 19.63 -0.19
N ALA A 83 7.97 20.69 0.43
CA ALA A 83 8.33 21.08 1.81
C ALA A 83 7.09 21.72 2.49
N MET B 22 8.75 0.53 -15.85
CA MET B 22 8.22 -0.32 -14.76
C MET B 22 7.46 0.57 -13.74
N TYR B 23 6.44 -0.03 -13.10
CA TYR B 23 5.73 0.56 -11.96
C TYR B 23 6.64 0.62 -10.71
N LYS B 24 6.25 1.50 -9.77
CA LYS B 24 7.10 1.91 -8.65
C LYS B 24 6.28 2.64 -7.58
N PHE B 25 6.97 2.99 -6.48
CA PHE B 25 6.38 3.65 -5.32
C PHE B 25 6.75 5.14 -5.34
N GLU B 26 5.73 5.98 -5.52
CA GLU B 26 5.89 7.44 -5.58
C GLU B 26 5.62 8.02 -4.20
N ILE B 27 6.69 8.50 -3.53
CA ILE B 27 6.64 9.01 -2.16
C ILE B 27 6.56 10.52 -2.23
N TYR B 28 5.50 11.08 -1.73
CA TYR B 28 5.33 12.52 -1.69
C TYR B 28 4.78 12.93 -0.33
N GLN B 29 4.58 14.22 -0.18
CA GLN B 29 3.79 14.78 0.91
C GLN B 29 2.69 15.62 0.28
N ASP B 30 1.55 15.66 0.94
CA ASP B 30 0.36 16.39 0.50
C ASP B 30 0.52 17.85 0.91
N LYS B 31 -0.25 18.76 0.28
CA LYS B 31 -0.22 20.24 0.55
C LYS B 31 -0.35 20.54 2.05
N ALA B 32 -1.15 19.71 2.74
CA ALA B 32 -1.33 19.75 4.22
C ALA B 32 -0.03 19.36 5.00
N GLY B 33 1.09 19.16 4.28
CA GLY B 33 2.37 18.73 4.84
C GLY B 33 2.35 17.29 5.35
N GLU B 34 1.48 16.47 4.73
CA GLU B 34 1.18 15.11 5.23
C GLU B 34 1.78 14.05 4.29
N TYR B 35 2.70 13.23 4.80
CA TYR B 35 3.47 12.29 3.96
C TYR B 35 2.55 11.14 3.55
N ARG B 36 2.40 10.98 2.23
CA ARG B 36 1.58 9.92 1.60
C ARG B 36 2.39 9.36 0.43
N PHE B 37 2.44 8.03 0.28
CA PHE B 37 2.98 7.42 -0.94
C PHE B 37 1.92 6.54 -1.58
N ARG B 38 2.28 6.04 -2.77
CA ARG B 38 1.41 5.19 -3.59
C ARG B 38 2.21 4.13 -4.34
N PHE B 39 1.51 3.17 -4.96
CA PHE B 39 2.09 2.21 -5.90
C PHE B 39 1.35 2.34 -7.23
N LYS B 40 2.14 2.39 -8.30
CA LYS B 40 1.67 2.68 -9.64
C LYS B 40 1.48 1.41 -10.49
N ALA B 41 1.08 1.63 -11.74
CA ALA B 41 0.99 0.59 -12.79
C ALA B 41 1.76 1.10 -14.02
N SER B 42 2.06 0.20 -14.96
CA SER B 42 2.93 0.47 -16.14
C SER B 42 2.59 1.72 -16.98
N ASN B 43 1.28 2.07 -17.10
CA ASN B 43 0.83 3.21 -17.94
C ASN B 43 0.51 4.46 -17.11
N GLY B 44 0.81 4.42 -15.79
CA GLY B 44 0.62 5.58 -14.91
C GLY B 44 -0.62 5.52 -14.03
N GLU B 45 -1.20 4.33 -13.87
CA GLU B 45 -2.37 4.12 -12.98
C GLU B 45 -1.90 4.04 -11.52
N THR B 46 -2.79 4.35 -10.57
CA THR B 46 -2.54 4.13 -9.13
C THR B 46 -3.61 3.20 -8.58
N MET B 47 -3.18 2.23 -7.77
CA MET B 47 -4.03 1.17 -7.22
C MET B 47 -4.18 1.29 -5.69
N PHE B 48 -3.26 2.02 -5.01
CA PHE B 48 -3.49 2.53 -3.64
C PHE B 48 -2.50 3.64 -3.26
N SER B 49 -2.85 4.30 -2.14
CA SER B 49 -2.20 5.55 -1.71
C SER B 49 -2.70 5.98 -0.31
N SER B 50 -2.22 7.15 0.15
CA SER B 50 -2.93 8.00 1.16
C SER B 50 -2.54 7.69 2.61
N GLU B 51 -1.55 6.82 2.80
CA GLU B 51 -1.02 6.47 4.12
C GLU B 51 0.26 7.30 4.41
N GLY B 52 1.41 6.80 3.95
CA GLY B 52 2.72 7.40 4.22
C GLY B 52 3.39 6.84 5.47
N TYR B 53 2.59 6.06 6.25
CA TYR B 53 3.01 5.33 7.47
C TYR B 53 3.20 6.29 8.67
N LYS B 54 4.21 7.17 8.60
CA LYS B 54 4.53 8.11 9.69
C LYS B 54 5.22 9.37 9.13
N ALA B 55 6.38 9.16 8.51
CA ALA B 55 7.24 10.22 7.92
C ALA B 55 7.78 9.72 6.58
N LYS B 56 8.67 10.49 5.92
CA LYS B 56 9.28 10.07 4.65
C LYS B 56 10.22 8.88 4.86
N ALA B 57 11.13 9.01 5.86
CA ALA B 57 12.09 7.94 6.23
C ALA B 57 11.35 6.63 6.52
N SER B 58 10.28 6.76 7.33
CA SER B 58 9.40 5.66 7.71
C SER B 58 8.63 5.10 6.48
N ALA B 59 8.38 5.98 5.49
CA ALA B 59 7.68 5.61 4.24
C ALA B 59 8.54 4.65 3.40
N ILE B 60 9.84 4.97 3.23
CA ILE B 60 10.81 4.05 2.58
C ILE B 60 10.83 2.69 3.30
N HIS B 61 10.96 2.69 4.65
CA HIS B 61 11.00 1.45 5.47
C HIS B 61 9.74 0.59 5.24
N ALA B 62 8.59 1.26 5.12
CA ALA B 62 7.34 0.61 4.75
C ALA B 62 7.48 -0.09 3.39
N ILE B 63 7.93 0.67 2.37
CA ILE B 63 8.15 0.13 1.01
C ILE B 63 9.20 -1.01 1.01
N GLU B 64 10.12 -1.01 2.00
CA GLU B 64 11.15 -2.06 2.11
C GLU B 64 10.49 -3.41 2.46
N SER B 65 9.36 -3.35 3.23
CA SER B 65 8.52 -4.55 3.49
C SER B 65 8.06 -5.20 2.19
N ILE B 66 7.75 -4.36 1.18
CA ILE B 66 7.20 -4.83 -0.08
C ILE B 66 8.29 -5.61 -0.85
N LYS B 67 9.51 -5.04 -0.85
CA LYS B 67 10.71 -5.62 -1.51
C LYS B 67 11.06 -7.02 -0.98
N ARG B 68 10.66 -7.30 0.28
CA ARG B 68 11.01 -8.56 0.98
C ARG B 68 10.43 -9.80 0.29
N ASN B 69 9.09 -9.78 0.08
CA ASN B 69 8.33 -10.98 -0.42
C ASN B 69 6.84 -10.63 -0.65
N SER B 70 6.49 -9.33 -0.76
CA SER B 70 5.08 -8.90 -0.85
C SER B 70 4.41 -9.37 -2.14
N ALA B 71 5.18 -9.49 -3.23
CA ALA B 71 4.71 -10.11 -4.48
C ALA B 71 4.27 -11.58 -4.26
N GLY B 72 4.96 -12.27 -3.33
CA GLY B 72 4.61 -13.65 -2.96
C GLY B 72 3.73 -13.75 -1.71
N ALA B 73 3.32 -12.59 -1.13
CA ALA B 73 2.44 -12.53 0.07
C ALA B 73 1.05 -13.10 -0.21
N ASP B 74 0.29 -13.40 0.85
CA ASP B 74 -1.09 -13.90 0.69
C ASP B 74 -2.07 -12.70 0.65
N THR B 75 -3.24 -12.92 0.06
CA THR B 75 -4.33 -11.94 0.03
C THR B 75 -5.47 -12.45 0.92
N VAL B 76 -5.52 -11.96 2.18
CA VAL B 76 -6.53 -12.36 3.18
C VAL B 76 -7.67 -11.33 3.19
N ASP B 77 -8.92 -11.81 3.05
CA ASP B 77 -10.12 -10.95 3.09
C ASP B 77 -10.91 -11.19 4.40
N LEU B 78 -10.90 -10.17 5.27
CA LEU B 78 -11.61 -10.16 6.56
C LEU B 78 -13.00 -9.51 6.45
N THR B 79 -13.31 -8.80 5.34
CA THR B 79 -14.59 -8.06 5.19
C THR B 79 -15.69 -8.95 4.57
N THR B 80 -15.36 -10.25 4.38
CA THR B 80 -16.36 -11.29 4.07
C THR B 80 -17.13 -11.65 5.37
N MET B 81 -16.43 -11.50 6.51
CA MET B 81 -17.02 -11.65 7.84
C MET B 81 -16.08 -10.93 8.83
N THR B 82 -16.44 -9.67 9.18
CA THR B 82 -15.57 -8.74 9.93
C THR B 82 -15.07 -9.34 11.27
N ALA B 83 -13.83 -9.02 11.62
CA ALA B 83 -13.10 -9.62 12.74
C ALA B 83 -12.33 -8.52 13.51
N MET A 22 3.24 -15.57 8.18
CA MET A 22 3.88 -14.74 7.12
C MET A 22 3.07 -13.45 6.92
N TYR A 23 3.76 -12.38 6.46
CA TYR A 23 3.09 -11.13 6.07
C TYR A 23 2.18 -11.36 4.86
N LYS A 24 1.12 -10.56 4.82
CA LYS A 24 0.01 -10.70 3.87
C LYS A 24 -0.83 -9.42 3.86
N PHE A 25 -1.79 -9.38 2.94
CA PHE A 25 -2.67 -8.23 2.71
C PHE A 25 -4.00 -8.46 3.42
N GLU A 26 -4.24 -7.69 4.47
CA GLU A 26 -5.46 -7.79 5.27
C GLU A 26 -6.48 -6.77 4.75
N ILE A 27 -7.54 -7.29 4.11
CA ILE A 27 -8.59 -6.47 3.46
C ILE A 27 -9.75 -6.34 4.42
N TYR A 28 -9.97 -5.13 4.88
CA TYR A 28 -11.06 -4.82 5.78
C TYR A 28 -11.79 -3.58 5.25
N GLN A 29 -12.84 -3.16 5.95
CA GLN A 29 -13.41 -1.82 5.81
C GLN A 29 -13.30 -1.13 7.17
N ASP A 30 -13.02 0.16 7.13
CA ASP A 30 -12.82 1.00 8.30
C ASP A 30 -14.18 1.39 8.87
N LYS A 31 -14.19 1.84 10.14
CA LYS A 31 -15.37 2.32 10.88
C LYS A 31 -16.19 3.37 10.09
N ALA A 32 -15.46 4.22 9.33
CA ALA A 32 -16.05 5.22 8.41
C ALA A 32 -16.69 4.58 7.15
N GLY A 33 -16.73 3.24 7.11
CA GLY A 33 -17.23 2.46 5.97
C GLY A 33 -16.33 2.54 4.75
N GLU A 34 -15.01 2.57 5.00
CA GLU A 34 -14.01 2.79 3.93
C GLU A 34 -13.22 1.51 3.64
N TYR A 35 -13.21 1.06 2.37
CA TYR A 35 -12.63 -0.26 2.01
C TYR A 35 -11.11 -0.09 1.84
N ARG A 36 -10.36 -0.66 2.79
CA ARG A 36 -8.92 -0.47 2.95
C ARG A 36 -8.22 -1.81 3.14
N PHE A 37 -7.10 -2.00 2.45
CA PHE A 37 -6.21 -3.14 2.69
C PHE A 37 -4.91 -2.61 3.27
N ARG A 38 -4.33 -3.40 4.17
CA ARG A 38 -3.04 -3.10 4.79
C ARG A 38 -2.08 -4.24 4.48
N PHE A 39 -0.79 -4.00 4.72
CA PHE A 39 0.25 -5.03 4.57
C PHE A 39 0.99 -5.14 5.89
N LYS A 40 1.23 -6.39 6.28
CA LYS A 40 1.81 -6.74 7.58
C LYS A 40 3.32 -6.97 7.47
N ALA A 41 3.92 -7.34 8.62
CA ALA A 41 5.34 -7.71 8.73
C ALA A 41 5.43 -9.14 9.32
N SER A 42 6.50 -9.49 10.04
CA SER A 42 6.82 -10.89 10.41
C SER A 42 6.22 -11.23 11.80
N ASN A 43 6.08 -10.20 12.65
CA ASN A 43 5.57 -10.33 14.05
C ASN A 43 4.10 -9.85 14.15
N GLY A 44 3.43 -9.71 13.00
CA GLY A 44 2.08 -9.13 12.95
C GLY A 44 2.08 -7.61 13.08
N GLU A 45 3.23 -6.97 12.77
CA GLU A 45 3.34 -5.50 12.69
C GLU A 45 2.69 -5.00 11.39
N THR A 46 2.13 -3.78 11.38
CA THR A 46 1.58 -3.17 10.13
C THR A 46 2.47 -1.99 9.70
N MET A 47 2.74 -1.94 8.39
CA MET A 47 3.68 -0.97 7.78
C MET A 47 2.96 0.04 6.87
N PHE A 48 1.81 -0.34 6.26
CA PHE A 48 0.89 0.62 5.63
C PHE A 48 -0.55 0.14 5.74
N SER A 49 -1.43 1.08 5.48
CA SER A 49 -2.85 0.91 5.28
C SER A 49 -3.25 1.88 4.18
N SER A 50 -4.20 1.49 3.33
CA SER A 50 -4.65 2.32 2.21
C SER A 50 -5.60 3.42 2.72
N GLU A 51 -5.70 4.52 1.96
CA GLU A 51 -6.70 5.57 2.20
C GLU A 51 -8.13 5.06 1.86
N GLY A 52 -8.18 4.02 1.02
CA GLY A 52 -9.41 3.29 0.72
C GLY A 52 -9.87 3.41 -0.73
N TYR A 53 -8.89 3.30 -1.65
CA TYR A 53 -9.01 3.23 -3.14
C TYR A 53 -10.45 3.39 -3.73
N LYS A 54 -11.35 2.42 -3.48
CA LYS A 54 -12.72 2.42 -4.04
C LYS A 54 -13.63 1.39 -3.32
N ALA A 55 -13.37 0.08 -3.54
CA ALA A 55 -14.29 -1.00 -3.12
C ALA A 55 -13.51 -2.29 -2.85
N LYS A 56 -14.21 -3.37 -2.40
CA LYS A 56 -13.58 -4.67 -2.07
C LYS A 56 -12.99 -5.34 -3.33
N ALA A 57 -13.79 -5.41 -4.39
CA ALA A 57 -13.33 -5.92 -5.70
C ALA A 57 -12.10 -5.16 -6.21
N SER A 58 -12.16 -3.82 -6.07
CA SER A 58 -11.07 -2.90 -6.45
C SER A 58 -9.83 -3.11 -5.55
N ALA A 59 -10.05 -3.62 -4.32
CA ALA A 59 -8.97 -3.90 -3.37
C ALA A 59 -8.11 -5.06 -3.87
N ILE A 60 -8.75 -6.20 -4.23
CA ILE A 60 -8.03 -7.37 -4.81
C ILE A 60 -7.24 -6.97 -6.06
N HIS A 61 -7.91 -6.28 -7.02
CA HIS A 61 -7.28 -5.85 -8.30
C HIS A 61 -6.05 -4.96 -8.04
N ALA A 62 -6.15 -4.10 -7.02
CA ALA A 62 -5.03 -3.31 -6.52
C ALA A 62 -3.91 -4.23 -6.03
N ILE A 63 -4.23 -5.12 -5.09
CA ILE A 63 -3.26 -6.08 -4.52
C ILE A 63 -2.63 -6.97 -5.61
N GLU A 64 -3.36 -7.18 -6.72
CA GLU A 64 -2.87 -7.98 -7.85
C GLU A 64 -1.67 -7.30 -8.52
N SER A 65 -1.69 -5.94 -8.54
CA SER A 65 -0.50 -5.14 -8.94
C SER A 65 0.74 -5.50 -8.12
N ILE A 66 0.53 -5.73 -6.80
CA ILE A 66 1.64 -5.99 -5.89
C ILE A 66 2.25 -7.37 -6.23
N LYS A 67 1.38 -8.35 -6.51
CA LYS A 67 1.76 -9.75 -6.81
C LYS A 67 2.62 -9.87 -8.08
N ARG A 68 2.44 -8.90 -8.99
CA ARG A 68 3.07 -8.91 -10.33
C ARG A 68 4.62 -8.84 -10.25
N ASN A 69 5.15 -7.80 -9.56
CA ASN A 69 6.63 -7.52 -9.55
C ASN A 69 6.96 -6.35 -8.57
N SER A 70 6.05 -6.05 -7.63
CA SER A 70 6.20 -4.91 -6.70
C SER A 70 7.44 -5.04 -5.79
N ALA A 71 7.79 -6.28 -5.44
CA ALA A 71 9.03 -6.57 -4.70
C ALA A 71 10.32 -6.23 -5.51
N GLY A 72 10.17 -6.12 -6.84
CA GLY A 72 11.24 -5.62 -7.73
C GLY A 72 11.02 -4.19 -8.22
N ALA A 73 9.87 -3.59 -7.87
CA ALA A 73 9.50 -2.21 -8.29
C ALA A 73 10.34 -1.15 -7.57
N ASP A 74 10.81 -0.13 -8.31
CA ASP A 74 11.68 0.94 -7.75
C ASP A 74 10.93 1.79 -6.69
N THR A 75 11.68 2.46 -5.81
CA THR A 75 11.12 3.35 -4.79
C THR A 75 11.49 4.82 -5.12
N VAL A 76 10.54 5.52 -5.75
CA VAL A 76 10.70 6.91 -6.24
C VAL A 76 10.16 7.92 -5.20
N ASP A 77 10.96 8.94 -4.89
CA ASP A 77 10.55 10.06 -4.00
C ASP A 77 10.31 11.35 -4.81
N LEU A 78 9.13 11.96 -4.58
CA LEU A 78 8.80 13.31 -5.08
C LEU A 78 8.94 14.40 -3.98
N THR A 79 8.64 14.06 -2.70
CA THR A 79 8.32 15.09 -1.67
C THR A 79 9.56 15.81 -1.10
N THR A 80 10.76 15.19 -1.22
CA THR A 80 12.00 15.77 -0.65
C THR A 80 13.12 15.84 -1.71
N MET A 81 12.90 15.14 -2.84
CA MET A 81 13.85 15.10 -3.98
C MET A 81 13.77 16.42 -4.77
N THR A 82 12.53 16.81 -5.09
CA THR A 82 12.24 18.00 -5.91
C THR A 82 11.21 18.88 -5.19
N ALA A 83 9.96 18.40 -5.14
CA ALA A 83 8.81 19.15 -4.57
C ALA A 83 7.59 18.20 -4.48
N MET B 22 8.19 0.86 -15.97
CA MET B 22 7.71 -0.07 -14.93
C MET B 22 7.04 0.71 -13.79
N TYR B 23 6.08 0.06 -13.12
CA TYR B 23 5.47 0.56 -11.86
C TYR B 23 6.51 0.68 -10.73
N LYS B 24 6.18 1.54 -9.76
CA LYS B 24 7.07 1.94 -8.68
C LYS B 24 6.27 2.66 -7.57
N PHE B 25 6.96 2.94 -6.46
CA PHE B 25 6.39 3.57 -5.27
C PHE B 25 6.70 5.06 -5.29
N GLU B 26 5.65 5.86 -5.49
CA GLU B 26 5.75 7.32 -5.55
C GLU B 26 5.48 7.90 -4.15
N ILE B 27 6.54 8.43 -3.51
CA ILE B 27 6.48 8.94 -2.14
C ILE B 27 6.30 10.45 -2.21
N TYR B 28 5.17 10.90 -1.75
CA TYR B 28 4.84 12.31 -1.70
C TYR B 28 4.29 12.64 -0.31
N GLN B 29 3.96 13.91 -0.10
CA GLN B 29 3.09 14.32 1.00
C GLN B 29 1.86 15.00 0.38
N ASP B 30 0.71 14.77 1.00
CA ASP B 30 -0.58 15.26 0.56
C ASP B 30 -0.72 16.72 1.00
N LYS B 31 -1.67 17.44 0.35
CA LYS B 31 -2.02 18.85 0.64
C LYS B 31 -2.27 19.10 2.16
N ALA B 32 -2.88 18.10 2.81
CA ALA B 32 -3.12 18.08 4.28
C ALA B 32 -1.80 17.89 5.10
N GLY B 33 -0.65 17.90 4.41
CA GLY B 33 0.67 17.68 4.99
C GLY B 33 0.87 16.24 5.47
N GLU B 34 0.32 15.29 4.72
CA GLU B 34 0.29 13.86 5.15
C GLU B 34 1.23 13.01 4.27
N TYR B 35 2.18 12.31 4.89
CA TYR B 35 3.24 11.60 4.15
C TYR B 35 2.69 10.25 3.69
N ARG B 36 2.52 10.14 2.36
CA ARG B 36 1.81 9.03 1.70
C ARG B 36 2.62 8.54 0.50
N PHE B 37 2.75 7.21 0.38
CA PHE B 37 3.31 6.58 -0.82
C PHE B 37 2.19 5.84 -1.54
N ARG B 38 2.24 5.85 -2.85
CA ARG B 38 1.31 5.13 -3.70
C ARG B 38 2.09 4.13 -4.56
N PHE B 39 1.37 3.20 -5.18
CA PHE B 39 1.96 2.24 -6.12
C PHE B 39 1.22 2.34 -7.45
N LYS B 40 2.00 2.33 -8.52
CA LYS B 40 1.52 2.57 -9.88
C LYS B 40 1.27 1.25 -10.63
N ALA B 41 0.88 1.39 -11.90
CA ALA B 41 0.68 0.27 -12.84
C ALA B 41 1.58 0.49 -14.07
N SER B 42 1.19 -0.02 -15.25
CA SER B 42 2.10 -0.08 -16.42
C SER B 42 1.93 1.18 -17.31
N ASN B 43 0.73 1.78 -17.27
CA ASN B 43 0.38 2.98 -18.08
C ASN B 43 0.39 4.26 -17.23
N GLY B 44 1.01 4.18 -16.03
CA GLY B 44 0.98 5.29 -15.07
C GLY B 44 -0.34 5.39 -14.31
N GLU B 45 -1.09 4.27 -14.26
CA GLU B 45 -2.33 4.16 -13.45
C GLU B 45 -1.95 3.99 -11.97
N THR B 46 -2.78 4.46 -11.03
CA THR B 46 -2.54 4.24 -9.57
C THR B 46 -3.60 3.28 -9.02
N MET B 47 -3.14 2.33 -8.20
CA MET B 47 -3.97 1.23 -7.67
C MET B 47 -4.16 1.33 -6.13
N PHE B 48 -3.20 1.95 -5.42
CA PHE B 48 -3.43 2.38 -4.02
C PHE B 48 -2.63 3.63 -3.71
N SER B 49 -3.03 4.24 -2.61
CA SER B 49 -2.31 5.31 -1.92
C SER B 49 -2.49 5.04 -0.43
N SER B 50 -1.49 5.36 0.38
CA SER B 50 -1.54 5.12 1.82
C SER B 50 -2.39 6.20 2.50
N GLU B 51 -2.89 5.88 3.70
CA GLU B 51 -3.58 6.86 4.57
C GLU B 51 -2.55 7.86 5.16
N GLY B 52 -1.28 7.41 5.20
CA GLY B 52 -0.14 8.26 5.58
C GLY B 52 0.56 7.85 6.86
N TYR B 53 0.74 6.51 7.01
CA TYR B 53 1.56 5.79 8.05
C TYR B 53 2.13 6.66 9.22
N LYS B 54 3.10 7.56 8.90
CA LYS B 54 3.81 8.37 9.92
C LYS B 54 4.63 9.50 9.27
N ALA B 55 5.73 9.14 8.56
CA ALA B 55 6.74 10.12 8.08
C ALA B 55 7.45 9.61 6.82
N LYS B 56 8.36 10.41 6.23
CA LYS B 56 9.09 10.06 5.00
C LYS B 56 10.03 8.85 5.23
N ALA B 57 10.83 8.92 6.30
CA ALA B 57 11.70 7.80 6.72
C ALA B 57 10.89 6.51 6.95
N SER B 58 9.73 6.68 7.60
CA SER B 58 8.79 5.58 7.89
C SER B 58 8.16 5.03 6.58
N ALA B 59 8.12 5.88 5.54
CA ALA B 59 7.59 5.51 4.21
C ALA B 59 8.48 4.48 3.56
N ILE B 60 9.80 4.79 3.46
CA ILE B 60 10.80 3.87 2.88
C ILE B 60 10.79 2.52 3.62
N HIS B 61 10.86 2.56 4.97
CA HIS B 61 10.88 1.34 5.81
C HIS B 61 9.63 0.47 5.56
N ALA B 62 8.48 1.13 5.38
CA ALA B 62 7.24 0.49 4.96
C ALA B 62 7.43 -0.19 3.59
N ILE B 63 7.85 0.59 2.60
CA ILE B 63 8.08 0.10 1.22
C ILE B 63 9.12 -1.06 1.21
N GLU B 64 10.03 -1.07 2.20
CA GLU B 64 11.06 -2.12 2.32
C GLU B 64 10.40 -3.47 2.62
N SER B 65 9.28 -3.45 3.39
CA SER B 65 8.42 -4.65 3.58
C SER B 65 7.96 -5.24 2.24
N ILE B 66 7.63 -4.34 1.29
CA ILE B 66 7.08 -4.76 0.01
C ILE B 66 8.17 -5.47 -0.79
N LYS B 67 9.40 -4.91 -0.74
CA LYS B 67 10.56 -5.42 -1.49
C LYS B 67 10.97 -6.84 -1.06
N ARG B 68 10.62 -7.18 0.19
CA ARG B 68 11.03 -8.45 0.84
C ARG B 68 10.46 -9.69 0.11
N ASN B 69 9.10 -9.74 -0.03
CA ASN B 69 8.39 -10.94 -0.57
C ASN B 69 6.88 -10.66 -0.74
N SER B 70 6.50 -9.39 -0.82
CA SER B 70 5.07 -8.97 -0.90
C SER B 70 4.36 -9.51 -2.17
N ALA B 71 5.13 -9.62 -3.27
CA ALA B 71 4.65 -10.24 -4.52
C ALA B 71 4.32 -11.74 -4.34
N GLY B 72 4.87 -12.37 -3.27
CA GLY B 72 4.52 -13.74 -2.88
C GLY B 72 3.63 -13.82 -1.63
N ALA B 73 3.34 -12.66 -1.02
CA ALA B 73 2.50 -12.56 0.21
C ALA B 73 1.01 -12.84 -0.09
N ASP B 74 0.34 -13.61 0.77
CA ASP B 74 -1.06 -14.01 0.57
C ASP B 74 -2.02 -12.80 0.65
N THR B 75 -3.20 -12.92 0.07
CA THR B 75 -4.24 -11.86 0.11
C THR B 75 -5.43 -12.33 0.98
N VAL B 76 -5.42 -11.89 2.24
CA VAL B 76 -6.41 -12.27 3.29
C VAL B 76 -7.55 -11.23 3.36
N ASP B 77 -8.80 -11.70 3.33
CA ASP B 77 -10.01 -10.85 3.53
C ASP B 77 -10.63 -11.08 4.92
N LEU B 78 -10.86 -9.96 5.64
CA LEU B 78 -11.65 -9.93 6.89
C LEU B 78 -13.10 -9.42 6.65
N THR B 79 -13.29 -8.45 5.72
CA THR B 79 -14.50 -7.60 5.73
C THR B 79 -15.77 -8.31 5.20
N THR B 80 -15.60 -9.46 4.53
CA THR B 80 -16.73 -10.25 4.00
C THR B 80 -16.53 -11.74 4.39
N MET B 81 -15.70 -11.98 5.44
CA MET B 81 -15.39 -13.33 5.94
C MET B 81 -15.45 -13.34 7.48
N THR B 82 -14.39 -12.80 8.13
CA THR B 82 -14.29 -12.75 9.59
C THR B 82 -13.67 -11.41 10.02
N ALA B 83 -14.52 -10.49 10.46
CA ALA B 83 -14.15 -9.11 10.80
C ALA B 83 -14.12 -8.97 12.34
#